data_2DMZ
#
_entry.id   2DMZ
#
_entity_poly.entity_id   1
_entity_poly.type   'polypeptide(L)'
_entity_poly.pdbx_seq_one_letter_code
;GSSGSSGGSDSSLFETYNVELVRKDGQSLGIRIVGYVGTSHTGEASGIYVKSVIPGSAAYHNGHIQVNDKIVAVDGVNIQ
GFANHDVVEVLRNAGQVVHLTLVRRKTSSSTSPLEPPSDRGTVSGPSSG
;
_entity_poly.pdbx_strand_id   A
#
# COMPACT_ATOMS: atom_id res chain seq x y z
N GLY A 1 -27.93 3.09 21.74
CA GLY A 1 -26.61 2.51 21.80
C GLY A 1 -25.51 3.56 21.90
N SER A 2 -24.26 3.10 21.87
CA SER A 2 -23.12 4.01 21.95
C SER A 2 -22.09 3.69 20.88
N SER A 3 -21.04 4.50 20.80
CA SER A 3 -19.99 4.31 19.82
C SER A 3 -18.71 3.79 20.47
N GLY A 4 -17.94 3.03 19.71
CA GLY A 4 -16.70 2.47 20.23
C GLY A 4 -15.59 2.46 19.22
N SER A 5 -14.85 1.37 19.15
CA SER A 5 -13.75 1.24 18.20
C SER A 5 -13.05 2.58 18.00
N SER A 6 -12.76 3.26 19.11
CA SER A 6 -12.10 4.56 19.07
C SER A 6 -10.86 4.57 19.96
N GLY A 7 -9.69 4.72 19.34
CA GLY A 7 -8.45 4.74 20.10
C GLY A 7 -7.85 3.37 20.26
N GLY A 8 -6.56 3.32 20.59
CA GLY A 8 -5.88 2.05 20.77
C GLY A 8 -4.38 2.16 20.56
N SER A 9 -3.64 1.23 21.15
CA SER A 9 -2.18 1.24 21.03
C SER A 9 -1.75 1.71 19.64
N ASP A 10 -0.77 2.60 19.61
CA ASP A 10 -0.26 3.14 18.36
C ASP A 10 0.77 2.19 17.73
N SER A 11 0.45 0.90 17.75
CA SER A 11 1.34 -0.11 17.20
C SER A 11 1.19 -0.20 15.68
N SER A 12 -0.01 -0.55 15.24
CA SER A 12 -0.29 -0.67 13.81
C SER A 12 -1.12 0.51 13.31
N LEU A 13 -0.45 1.65 13.15
CA LEU A 13 -1.13 2.86 12.68
C LEU A 13 -1.76 2.63 11.31
N PHE A 14 -1.07 1.87 10.46
CA PHE A 14 -1.58 1.58 9.13
C PHE A 14 -2.20 0.19 9.08
N GLU A 15 -2.83 -0.12 7.95
CA GLU A 15 -3.48 -1.42 7.77
C GLU A 15 -3.06 -2.05 6.45
N THR A 16 -2.62 -3.31 6.50
CA THR A 16 -2.20 -4.03 5.31
C THR A 16 -3.35 -4.85 4.73
N TYR A 17 -3.38 -4.95 3.41
CA TYR A 17 -4.42 -5.70 2.72
C TYR A 17 -3.89 -6.32 1.42
N ASN A 18 -4.42 -7.48 1.06
CA ASN A 18 -4.00 -8.17 -0.15
C ASN A 18 -4.98 -7.91 -1.29
N VAL A 19 -4.44 -7.69 -2.48
CA VAL A 19 -5.27 -7.43 -3.66
C VAL A 19 -4.97 -8.43 -4.77
N GLU A 20 -5.95 -9.26 -5.09
CA GLU A 20 -5.79 -10.26 -6.14
C GLU A 20 -6.19 -9.69 -7.51
N LEU A 21 -5.19 -9.24 -8.26
CA LEU A 21 -5.44 -8.67 -9.59
C LEU A 21 -5.51 -9.77 -10.64
N VAL A 22 -6.32 -9.54 -11.67
CA VAL A 22 -6.48 -10.50 -12.75
C VAL A 22 -5.88 -9.98 -14.05
N ARG A 23 -5.13 -10.82 -14.74
CA ARG A 23 -4.49 -10.44 -16.00
C ARG A 23 -5.23 -11.07 -17.19
N LYS A 24 -6.00 -10.25 -17.90
CA LYS A 24 -6.75 -10.73 -19.06
C LYS A 24 -5.84 -11.50 -20.02
N ASP A 25 -6.44 -12.05 -21.06
CA ASP A 25 -5.68 -12.81 -22.06
C ASP A 25 -4.74 -11.90 -22.84
N GLY A 26 -3.57 -11.64 -22.26
CA GLY A 26 -2.59 -10.78 -22.91
C GLY A 26 -2.56 -9.39 -22.33
N GLN A 27 -2.67 -9.30 -21.01
CA GLN A 27 -2.66 -8.00 -20.32
C GLN A 27 -1.51 -7.92 -19.34
N SER A 28 -1.14 -6.69 -18.96
CA SER A 28 -0.05 -6.47 -18.03
C SER A 28 -0.57 -5.93 -16.70
N LEU A 29 0.34 -5.71 -15.76
CA LEU A 29 -0.03 -5.20 -14.44
C LEU A 29 -0.50 -3.75 -14.54
N GLY A 30 0.33 -2.91 -15.17
CA GLY A 30 -0.02 -1.51 -15.31
C GLY A 30 0.12 -0.73 -14.02
N ILE A 31 1.22 -0.97 -13.30
CA ILE A 31 1.47 -0.29 -12.04
C ILE A 31 2.88 0.27 -11.99
N ARG A 32 2.99 1.59 -11.85
CA ARG A 32 4.28 2.25 -11.78
C ARG A 32 4.78 2.34 -10.33
N ILE A 33 6.05 2.03 -10.14
CA ILE A 33 6.65 2.08 -8.80
C ILE A 33 7.72 3.16 -8.72
N VAL A 34 8.03 3.58 -7.49
CA VAL A 34 9.04 4.62 -7.28
C VAL A 34 10.00 4.21 -6.16
N GLY A 35 11.27 4.54 -6.35
CA GLY A 35 12.28 4.21 -5.35
C GLY A 35 12.70 5.41 -4.53
N TYR A 36 12.30 5.43 -3.26
CA TYR A 36 12.64 6.52 -2.37
C TYR A 36 13.82 6.16 -1.47
N VAL A 37 14.63 7.16 -1.14
CA VAL A 37 15.80 6.94 -0.29
C VAL A 37 15.70 7.77 1.00
N GLY A 38 14.98 8.89 0.92
CA GLY A 38 14.83 9.75 2.07
C GLY A 38 16.15 10.30 2.58
N THR A 39 16.69 11.27 1.85
CA THR A 39 17.97 11.89 2.22
C THR A 39 17.88 12.51 3.61
N SER A 40 19.01 13.05 4.08
CA SER A 40 19.07 13.68 5.39
C SER A 40 18.66 15.14 5.31
N HIS A 41 18.22 15.69 6.44
CA HIS A 41 17.80 17.08 6.50
C HIS A 41 16.60 17.33 5.59
N THR A 42 15.73 16.34 5.48
CA THR A 42 14.54 16.44 4.65
C THR A 42 13.39 15.61 5.21
N GLY A 43 12.17 15.99 4.87
CA GLY A 43 11.01 15.27 5.34
C GLY A 43 10.47 14.29 4.32
N GLU A 44 11.37 13.66 3.58
CA GLU A 44 10.98 12.69 2.55
C GLU A 44 10.74 11.32 3.17
N ALA A 45 10.34 10.36 2.33
CA ALA A 45 10.08 9.00 2.79
C ALA A 45 11.09 8.02 2.21
N SER A 46 10.89 6.74 2.49
CA SER A 46 11.78 5.70 2.00
C SER A 46 11.02 4.40 1.75
N GLY A 47 11.09 3.89 0.53
CA GLY A 47 10.41 2.67 0.19
C GLY A 47 9.78 2.71 -1.19
N ILE A 48 9.11 1.63 -1.57
CA ILE A 48 8.45 1.54 -2.87
C ILE A 48 7.02 2.06 -2.81
N TYR A 49 6.72 3.05 -3.63
CA TYR A 49 5.38 3.64 -3.66
C TYR A 49 4.83 3.65 -5.08
N VAL A 50 3.50 3.58 -5.20
CA VAL A 50 2.85 3.59 -6.50
C VAL A 50 2.91 4.96 -7.14
N LYS A 51 3.90 5.17 -8.01
CA LYS A 51 4.06 6.45 -8.69
C LYS A 51 2.81 6.80 -9.50
N SER A 52 2.30 5.82 -10.23
CA SER A 52 1.11 6.03 -11.05
C SER A 52 0.45 4.70 -11.39
N VAL A 53 -0.66 4.77 -12.12
CA VAL A 53 -1.40 3.56 -12.49
C VAL A 53 -1.85 3.63 -13.96
N ILE A 54 -1.24 2.80 -14.79
CA ILE A 54 -1.56 2.77 -16.21
C ILE A 54 -3.04 2.41 -16.42
N PRO A 55 -3.74 3.23 -17.20
CA PRO A 55 -5.16 3.02 -17.51
C PRO A 55 -5.38 1.81 -18.41
N GLY A 56 -6.52 1.16 -18.23
CA GLY A 56 -6.84 -0.01 -19.04
C GLY A 56 -5.99 -1.21 -18.68
N SER A 57 -5.57 -1.28 -17.43
CA SER A 57 -4.74 -2.38 -16.96
C SER A 57 -5.40 -3.10 -15.79
N ALA A 58 -4.79 -4.19 -15.35
CA ALA A 58 -5.32 -4.97 -14.24
C ALA A 58 -5.58 -4.08 -13.02
N ALA A 59 -4.55 -3.38 -12.58
CA ALA A 59 -4.66 -2.50 -11.42
C ALA A 59 -5.83 -1.53 -11.59
N TYR A 60 -5.82 -0.78 -12.68
CA TYR A 60 -6.88 0.18 -12.95
C TYR A 60 -8.26 -0.49 -12.91
N HIS A 61 -8.39 -1.58 -13.64
CA HIS A 61 -9.65 -2.32 -13.68
C HIS A 61 -10.10 -2.71 -12.28
N ASN A 62 -9.22 -3.40 -11.56
CA ASN A 62 -9.53 -3.83 -10.19
C ASN A 62 -10.07 -2.66 -9.36
N GLY A 63 -9.31 -1.57 -9.33
CA GLY A 63 -9.72 -0.41 -8.56
C GLY A 63 -9.38 -0.52 -7.09
N HIS A 64 -8.31 -1.25 -6.80
CA HIS A 64 -7.88 -1.44 -5.41
C HIS A 64 -6.50 -0.81 -5.18
N ILE A 65 -5.61 -0.95 -6.16
CA ILE A 65 -4.27 -0.39 -6.06
C ILE A 65 -4.18 0.94 -6.79
N GLN A 66 -3.79 1.98 -6.06
CA GLN A 66 -3.66 3.32 -6.65
C GLN A 66 -2.48 4.06 -6.04
N VAL A 67 -2.12 5.19 -6.64
CA VAL A 67 -1.01 6.00 -6.15
C VAL A 67 -1.14 6.27 -4.66
N ASN A 68 -0.09 6.83 -4.08
CA ASN A 68 -0.08 7.14 -2.65
C ASN A 68 -0.21 5.87 -1.82
N ASP A 69 0.49 4.82 -2.23
CA ASP A 69 0.44 3.55 -1.53
C ASP A 69 1.85 2.98 -1.35
N LYS A 70 2.05 2.27 -0.24
CA LYS A 70 3.35 1.67 0.05
C LYS A 70 3.30 0.15 -0.10
N ILE A 71 3.98 -0.37 -1.11
CA ILE A 71 4.00 -1.81 -1.36
C ILE A 71 5.05 -2.50 -0.48
N VAL A 72 4.60 -3.44 0.33
CA VAL A 72 5.50 -4.17 1.23
C VAL A 72 5.80 -5.56 0.67
N ALA A 73 4.90 -6.06 -0.17
CA ALA A 73 5.07 -7.38 -0.77
C ALA A 73 4.22 -7.52 -2.03
N VAL A 74 4.75 -8.24 -3.01
CA VAL A 74 4.04 -8.45 -4.28
C VAL A 74 3.71 -9.93 -4.47
N ASP A 75 2.42 -10.24 -4.49
CA ASP A 75 1.97 -11.62 -4.67
C ASP A 75 2.67 -12.56 -3.70
N GLY A 76 2.96 -12.05 -2.51
CA GLY A 76 3.63 -12.85 -1.50
C GLY A 76 5.11 -12.54 -1.40
N VAL A 77 5.67 -11.99 -2.46
CA VAL A 77 7.09 -11.64 -2.50
C VAL A 77 7.38 -10.47 -1.58
N ASN A 78 8.08 -10.75 -0.48
CA ASN A 78 8.43 -9.71 0.49
C ASN A 78 9.45 -8.75 -0.09
N ILE A 79 8.97 -7.72 -0.79
CA ILE A 79 9.86 -6.73 -1.41
C ILE A 79 10.18 -5.62 -0.41
N GLN A 80 9.90 -5.86 0.86
CA GLN A 80 10.17 -4.87 1.90
C GLN A 80 11.47 -4.13 1.61
N GLY A 81 12.58 -4.87 1.59
CA GLY A 81 13.87 -4.26 1.33
C GLY A 81 14.40 -4.59 -0.05
N PHE A 82 13.56 -4.43 -1.06
CA PHE A 82 13.95 -4.72 -2.43
C PHE A 82 14.26 -3.43 -3.19
N ALA A 83 14.85 -3.57 -4.37
CA ALA A 83 15.21 -2.43 -5.20
C ALA A 83 14.26 -2.29 -6.38
N ASN A 84 14.10 -1.07 -6.86
CA ASN A 84 13.22 -0.81 -8.00
C ASN A 84 13.31 -1.92 -9.03
N HIS A 85 14.54 -2.21 -9.47
CA HIS A 85 14.76 -3.27 -10.46
C HIS A 85 14.35 -4.63 -9.91
N ASP A 86 14.72 -4.88 -8.65
CA ASP A 86 14.38 -6.16 -8.00
C ASP A 86 12.87 -6.35 -7.94
N VAL A 87 12.14 -5.24 -7.83
CA VAL A 87 10.68 -5.30 -7.76
C VAL A 87 10.07 -5.51 -9.14
N VAL A 88 10.69 -4.91 -10.15
CA VAL A 88 10.21 -5.03 -11.52
C VAL A 88 10.16 -6.49 -11.96
N GLU A 89 11.28 -7.18 -11.81
CA GLU A 89 11.36 -8.59 -12.19
C GLU A 89 10.29 -9.41 -11.48
N VAL A 90 10.03 -9.08 -10.23
CA VAL A 90 9.03 -9.78 -9.43
C VAL A 90 7.65 -9.70 -10.10
N LEU A 91 7.28 -8.50 -10.52
CA LEU A 91 6.00 -8.28 -11.17
C LEU A 91 5.86 -9.15 -12.42
N ARG A 92 6.90 -9.13 -13.25
CA ARG A 92 6.90 -9.91 -14.49
C ARG A 92 6.80 -11.41 -14.18
N ASN A 93 7.51 -11.85 -13.15
CA ASN A 93 7.49 -13.25 -12.75
C ASN A 93 6.10 -13.67 -12.29
N ALA A 94 5.42 -12.78 -11.58
CA ALA A 94 4.08 -13.05 -11.08
C ALA A 94 3.15 -13.49 -12.20
N GLY A 95 2.23 -14.40 -11.88
CA GLY A 95 1.31 -14.89 -12.89
C GLY A 95 -0.01 -14.14 -12.86
N GLN A 96 -1.07 -14.78 -13.38
CA GLN A 96 -2.38 -14.16 -13.42
C GLN A 96 -2.78 -13.64 -12.04
N VAL A 97 -2.88 -14.55 -11.07
CA VAL A 97 -3.26 -14.18 -9.71
C VAL A 97 -2.13 -13.42 -9.02
N VAL A 98 -2.25 -12.10 -8.97
CA VAL A 98 -1.25 -11.25 -8.34
C VAL A 98 -1.77 -10.64 -7.05
N HIS A 99 -1.32 -11.16 -5.92
CA HIS A 99 -1.75 -10.66 -4.62
C HIS A 99 -0.81 -9.55 -4.13
N LEU A 100 -1.19 -8.31 -4.42
CA LEU A 100 -0.39 -7.16 -4.02
C LEU A 100 -0.61 -6.84 -2.55
N THR A 101 0.49 -6.57 -1.83
CA THR A 101 0.41 -6.25 -0.41
C THR A 101 0.71 -4.77 -0.17
N LEU A 102 -0.33 -4.01 0.14
CA LEU A 102 -0.19 -2.58 0.40
C LEU A 102 -0.58 -2.24 1.83
N VAL A 103 -0.09 -1.10 2.32
CA VAL A 103 -0.39 -0.67 3.68
C VAL A 103 -0.61 0.85 3.73
N ARG A 104 -1.84 1.25 4.00
CA ARG A 104 -2.18 2.67 4.08
C ARG A 104 -2.56 3.06 5.50
N ARG A 105 -2.38 4.33 5.83
CA ARG A 105 -2.71 4.82 7.16
C ARG A 105 -4.19 4.66 7.46
N LYS A 106 -4.50 4.01 8.58
CA LYS A 106 -5.88 3.78 8.98
C LYS A 106 -6.60 5.10 9.24
N THR A 107 -7.93 5.02 9.40
CA THR A 107 -8.74 6.22 9.65
C THR A 107 -8.72 7.14 8.43
N SER A 108 -8.92 6.56 7.26
CA SER A 108 -8.93 7.34 6.03
C SER A 108 -10.19 7.05 5.21
N SER A 109 -10.35 7.76 4.09
CA SER A 109 -11.51 7.58 3.24
C SER A 109 -11.95 6.12 3.20
N SER A 110 -10.98 5.22 3.13
CA SER A 110 -11.26 3.78 3.09
C SER A 110 -12.31 3.41 4.13
N THR A 111 -12.84 2.20 4.03
CA THR A 111 -13.84 1.72 4.95
C THR A 111 -13.24 0.77 5.99
N SER A 112 -13.82 0.75 7.18
CA SER A 112 -13.33 -0.11 8.25
C SER A 112 -12.94 -1.49 7.71
N PRO A 113 -11.98 -2.14 8.38
CA PRO A 113 -11.50 -3.47 7.98
C PRO A 113 -12.54 -4.56 8.23
N LEU A 114 -12.11 -5.81 8.14
CA LEU A 114 -13.01 -6.94 8.35
C LEU A 114 -12.92 -7.45 9.79
N GLU A 115 -11.71 -7.82 10.20
CA GLU A 115 -11.49 -8.32 11.55
C GLU A 115 -10.29 -7.65 12.20
N PRO A 116 -10.46 -6.37 12.57
CA PRO A 116 -9.39 -5.58 13.20
C PRO A 116 -9.08 -6.06 14.62
N PRO A 117 -7.81 -5.92 15.02
CA PRO A 117 -7.34 -6.33 16.35
C PRO A 117 -7.90 -5.43 17.46
N SER A 118 -7.79 -5.90 18.70
CA SER A 118 -8.27 -5.14 19.84
C SER A 118 -7.19 -5.01 20.92
N ASP A 119 -7.11 -3.84 21.54
CA ASP A 119 -6.13 -3.60 22.58
C ASP A 119 -6.65 -4.04 23.94
N ARG A 120 -6.56 -5.35 24.20
CA ARG A 120 -7.02 -5.90 25.46
C ARG A 120 -6.04 -5.58 26.60
N GLY A 121 -6.58 -5.35 27.79
CA GLY A 121 -5.74 -5.04 28.93
C GLY A 121 -5.37 -6.27 29.73
N THR A 122 -4.92 -7.31 29.05
CA THR A 122 -4.53 -8.54 29.69
C THR A 122 -5.40 -8.83 30.92
N VAL A 123 -6.69 -8.54 30.79
CA VAL A 123 -7.63 -8.76 31.88
C VAL A 123 -8.19 -10.18 31.85
N SER A 124 -8.42 -10.75 33.03
CA SER A 124 -8.96 -12.11 33.12
C SER A 124 -10.47 -12.07 33.27
N GLY A 125 -11.11 -11.22 32.47
CA GLY A 125 -12.57 -11.11 32.53
C GLY A 125 -13.02 -10.06 33.52
N PRO A 126 -14.33 -10.09 33.84
CA PRO A 126 -14.93 -9.14 34.79
C PRO A 126 -14.46 -9.37 36.22
N SER A 127 -13.58 -10.35 36.40
CA SER A 127 -13.06 -10.68 37.72
C SER A 127 -12.52 -9.43 38.41
N SER A 128 -12.19 -8.42 37.62
CA SER A 128 -11.67 -7.16 38.16
C SER A 128 -12.20 -5.98 37.38
N GLY A 129 -12.07 -4.78 37.96
CA GLY A 129 -12.54 -3.58 37.30
C GLY A 129 -13.79 -3.81 36.49
N GLY A 1 -20.83 -6.84 17.92
CA GLY A 1 -20.26 -5.67 18.54
C GLY A 1 -18.76 -5.76 18.70
N SER A 2 -18.10 -4.62 18.86
CA SER A 2 -16.65 -4.59 19.03
C SER A 2 -16.21 -5.49 20.17
N SER A 3 -16.78 -5.27 21.34
CA SER A 3 -16.44 -6.07 22.52
C SER A 3 -14.94 -6.05 22.78
N GLY A 4 -14.34 -4.87 22.65
CA GLY A 4 -12.91 -4.74 22.87
C GLY A 4 -12.48 -3.29 23.04
N SER A 5 -11.83 -3.00 24.17
CA SER A 5 -11.37 -1.65 24.46
C SER A 5 -10.19 -1.27 23.58
N SER A 6 -10.18 -0.04 23.09
CA SER A 6 -9.11 0.44 22.23
C SER A 6 -7.79 0.47 22.98
N GLY A 7 -7.81 1.01 24.19
CA GLY A 7 -6.61 1.09 25.00
C GLY A 7 -5.69 2.22 24.56
N GLY A 8 -4.68 2.51 25.38
CA GLY A 8 -3.74 3.57 25.05
C GLY A 8 -2.43 3.03 24.50
N SER A 9 -2.39 2.82 23.19
CA SER A 9 -1.18 2.31 22.55
C SER A 9 -1.11 2.77 21.10
N ASP A 10 0.06 2.58 20.48
CA ASP A 10 0.26 2.98 19.09
C ASP A 10 0.48 1.76 18.20
N SER A 11 -0.42 0.79 18.31
CA SER A 11 -0.32 -0.44 17.52
C SER A 11 -0.22 -0.11 16.03
N SER A 12 -0.15 -1.16 15.22
CA SER A 12 -0.04 -1.00 13.77
C SER A 12 -0.86 0.21 13.29
N LEU A 13 -0.20 1.36 13.21
CA LEU A 13 -0.87 2.59 12.78
C LEU A 13 -1.49 2.41 11.40
N PHE A 14 -0.86 1.58 10.57
CA PHE A 14 -1.35 1.32 9.22
C PHE A 14 -2.02 -0.06 9.15
N GLU A 15 -2.67 -0.32 8.03
CA GLU A 15 -3.35 -1.61 7.82
C GLU A 15 -2.90 -2.26 6.52
N THR A 16 -2.54 -3.54 6.61
CA THR A 16 -2.09 -4.29 5.44
C THR A 16 -3.22 -5.09 4.83
N TYR A 17 -3.33 -5.05 3.51
CA TYR A 17 -4.37 -5.77 2.79
C TYR A 17 -3.84 -6.35 1.49
N ASN A 18 -4.43 -7.47 1.06
CA ASN A 18 -4.02 -8.12 -0.18
C ASN A 18 -5.03 -7.86 -1.29
N VAL A 19 -4.52 -7.51 -2.47
CA VAL A 19 -5.38 -7.24 -3.62
C VAL A 19 -5.09 -8.21 -4.76
N GLU A 20 -6.06 -9.05 -5.08
CA GLU A 20 -5.91 -10.03 -6.15
C GLU A 20 -6.28 -9.41 -7.50
N LEU A 21 -5.25 -9.08 -8.28
CA LEU A 21 -5.46 -8.48 -9.59
C LEU A 21 -5.46 -9.55 -10.68
N VAL A 22 -6.33 -9.37 -11.68
CA VAL A 22 -6.43 -10.31 -12.79
C VAL A 22 -5.79 -9.74 -14.06
N ARG A 23 -5.04 -10.58 -14.76
CA ARG A 23 -4.38 -10.15 -15.99
C ARG A 23 -4.91 -10.93 -17.19
N LYS A 24 -5.66 -10.25 -18.04
CA LYS A 24 -6.24 -10.88 -19.23
C LYS A 24 -5.18 -11.66 -20.00
N ASP A 25 -5.58 -12.26 -21.11
CA ASP A 25 -4.67 -13.04 -21.94
C ASP A 25 -3.71 -12.12 -22.69
N GLY A 26 -2.64 -11.71 -22.02
CA GLY A 26 -1.66 -10.83 -22.64
C GLY A 26 -1.75 -9.41 -22.13
N GLN A 27 -2.05 -9.26 -20.85
CA GLN A 27 -2.18 -7.95 -20.23
C GLN A 27 -1.18 -7.78 -19.10
N SER A 28 -0.54 -6.62 -19.04
CA SER A 28 0.44 -6.35 -18.00
C SER A 28 -0.24 -5.84 -16.73
N LEU A 29 0.45 -6.01 -15.59
CA LEU A 29 -0.09 -5.58 -14.31
C LEU A 29 -0.63 -4.15 -14.39
N GLY A 30 0.22 -3.24 -14.88
CA GLY A 30 -0.19 -1.85 -15.00
C GLY A 30 -0.04 -1.08 -13.69
N ILE A 31 1.14 -1.17 -13.10
CA ILE A 31 1.40 -0.47 -11.83
C ILE A 31 2.82 0.07 -11.80
N ARG A 32 2.94 1.39 -11.77
CA ARG A 32 4.25 2.04 -11.74
C ARG A 32 4.76 2.14 -10.31
N ILE A 33 6.08 2.02 -10.14
CA ILE A 33 6.69 2.09 -8.82
C ILE A 33 7.72 3.21 -8.77
N VAL A 34 8.21 3.49 -7.57
CA VAL A 34 9.21 4.54 -7.38
C VAL A 34 10.04 4.29 -6.12
N GLY A 35 11.34 4.59 -6.21
CA GLY A 35 12.21 4.39 -5.06
C GLY A 35 12.44 5.66 -4.28
N TYR A 36 12.29 5.58 -2.96
CA TYR A 36 12.47 6.74 -2.09
C TYR A 36 13.48 6.44 -0.99
N VAL A 37 14.19 7.47 -0.56
CA VAL A 37 15.20 7.32 0.50
C VAL A 37 14.94 8.29 1.64
N GLY A 38 14.25 9.38 1.34
CA GLY A 38 13.95 10.37 2.36
C GLY A 38 15.20 10.98 2.97
N THR A 39 16.01 11.61 2.14
CA THR A 39 17.26 12.23 2.60
C THR A 39 17.12 13.75 2.64
N SER A 40 16.42 14.30 1.66
CA SER A 40 16.22 15.75 1.58
C SER A 40 14.74 16.10 1.67
N HIS A 41 14.13 15.80 2.82
CA HIS A 41 12.72 16.08 3.03
C HIS A 41 12.31 15.78 4.47
N THR A 42 11.11 16.21 4.84
CA THR A 42 10.60 15.98 6.19
C THR A 42 10.09 14.56 6.35
N GLY A 43 9.89 14.14 7.61
CA GLY A 43 9.41 12.80 7.87
C GLY A 43 10.00 11.77 6.94
N GLU A 44 11.17 11.25 7.29
CA GLU A 44 11.84 10.25 6.47
C GLU A 44 10.83 9.32 5.81
N ALA A 45 10.78 9.34 4.49
CA ALA A 45 9.87 8.50 3.74
C ALA A 45 10.61 7.64 2.72
N SER A 46 10.95 6.42 3.12
CA SER A 46 11.67 5.50 2.25
C SER A 46 10.84 4.25 1.98
N GLY A 47 10.87 3.78 0.74
CA GLY A 47 10.12 2.59 0.37
C GLY A 47 9.54 2.68 -1.03
N ILE A 48 8.94 1.58 -1.47
CA ILE A 48 8.34 1.53 -2.80
C ILE A 48 6.91 2.07 -2.80
N TYR A 49 6.63 3.02 -3.69
CA TYR A 49 5.31 3.62 -3.78
C TYR A 49 4.79 3.58 -5.21
N VAL A 50 3.47 3.71 -5.36
CA VAL A 50 2.85 3.69 -6.68
C VAL A 50 2.93 5.06 -7.34
N LYS A 51 3.87 5.20 -8.28
CA LYS A 51 4.05 6.47 -9.00
C LYS A 51 2.86 6.76 -9.89
N SER A 52 2.27 5.71 -10.46
CA SER A 52 1.12 5.85 -11.34
C SER A 52 0.43 4.52 -11.56
N VAL A 53 -0.71 4.55 -12.25
CA VAL A 53 -1.47 3.33 -12.53
C VAL A 53 -1.90 3.28 -13.99
N ILE A 54 -1.11 2.59 -14.81
CA ILE A 54 -1.41 2.46 -16.24
C ILE A 54 -2.90 2.24 -16.46
N PRO A 55 -3.47 3.00 -17.40
CA PRO A 55 -4.89 2.91 -17.75
C PRO A 55 -5.24 1.60 -18.45
N GLY A 56 -6.51 1.25 -18.45
CA GLY A 56 -6.95 0.02 -19.09
C GLY A 56 -6.09 -1.17 -18.71
N SER A 57 -5.64 -1.19 -17.46
CA SER A 57 -4.80 -2.28 -16.97
C SER A 57 -5.48 -3.03 -15.83
N ALA A 58 -4.85 -4.10 -15.37
CA ALA A 58 -5.40 -4.89 -14.27
C ALA A 58 -5.65 -4.04 -13.04
N ALA A 59 -4.60 -3.37 -12.57
CA ALA A 59 -4.71 -2.51 -11.39
C ALA A 59 -5.87 -1.53 -11.54
N TYR A 60 -5.99 -0.93 -12.72
CA TYR A 60 -7.04 0.04 -12.99
C TYR A 60 -8.41 -0.64 -12.96
N HIS A 61 -8.52 -1.77 -13.64
CA HIS A 61 -9.78 -2.51 -13.70
C HIS A 61 -10.26 -2.86 -12.29
N ASN A 62 -9.36 -3.41 -11.48
CA ASN A 62 -9.69 -3.79 -10.11
C ASN A 62 -10.19 -2.58 -9.31
N GLY A 63 -9.46 -1.47 -9.41
CA GLY A 63 -9.83 -0.27 -8.70
C GLY A 63 -9.54 -0.36 -7.22
N HIS A 64 -8.46 -1.04 -6.87
CA HIS A 64 -8.08 -1.21 -5.47
C HIS A 64 -6.72 -0.56 -5.20
N ILE A 65 -5.80 -0.71 -6.15
CA ILE A 65 -4.47 -0.14 -6.01
C ILE A 65 -4.37 1.21 -6.71
N GLN A 66 -3.89 2.21 -6.00
CA GLN A 66 -3.75 3.56 -6.55
C GLN A 66 -2.49 4.24 -6.01
N VAL A 67 -2.18 5.41 -6.56
CA VAL A 67 -1.00 6.16 -6.14
C VAL A 67 -1.07 6.50 -4.65
N ASN A 68 0.01 7.06 -4.13
CA ASN A 68 0.07 7.44 -2.72
C ASN A 68 -0.07 6.22 -1.82
N ASP A 69 0.49 5.10 -2.27
CA ASP A 69 0.44 3.86 -1.51
C ASP A 69 1.81 3.22 -1.41
N LYS A 70 2.03 2.45 -0.34
CA LYS A 70 3.31 1.78 -0.12
C LYS A 70 3.15 0.27 -0.21
N ILE A 71 3.97 -0.37 -1.04
CA ILE A 71 3.92 -1.81 -1.20
C ILE A 71 4.96 -2.50 -0.33
N VAL A 72 4.51 -3.49 0.44
CA VAL A 72 5.39 -4.24 1.33
C VAL A 72 5.65 -5.65 0.80
N ALA A 73 4.73 -6.13 -0.04
CA ALA A 73 4.85 -7.46 -0.62
C ALA A 73 4.05 -7.57 -1.91
N VAL A 74 4.56 -8.35 -2.86
CA VAL A 74 3.89 -8.54 -4.14
C VAL A 74 3.59 -10.02 -4.38
N ASP A 75 2.31 -10.38 -4.28
CA ASP A 75 1.88 -11.76 -4.50
C ASP A 75 2.48 -12.68 -3.43
N GLY A 76 2.70 -12.14 -2.24
CA GLY A 76 3.26 -12.92 -1.16
C GLY A 76 4.76 -12.74 -1.02
N VAL A 77 5.38 -12.16 -2.06
CA VAL A 77 6.82 -11.92 -2.05
C VAL A 77 7.15 -10.63 -1.30
N ASN A 78 7.85 -10.77 -0.18
CA ASN A 78 8.23 -9.62 0.63
C ASN A 78 9.28 -8.77 -0.10
N ILE A 79 8.81 -7.78 -0.86
CA ILE A 79 9.71 -6.91 -1.61
C ILE A 79 10.19 -5.76 -0.73
N GLN A 80 10.04 -5.91 0.58
CA GLN A 80 10.46 -4.88 1.52
C GLN A 80 11.96 -4.58 1.37
N GLY A 81 12.28 -3.54 0.60
CA GLY A 81 13.66 -3.18 0.40
C GLY A 81 14.13 -3.47 -1.01
N PHE A 82 13.38 -4.30 -1.72
CA PHE A 82 13.72 -4.66 -3.10
C PHE A 82 13.98 -3.41 -3.94
N ALA A 83 15.11 -3.41 -4.64
CA ALA A 83 15.48 -2.29 -5.49
C ALA A 83 14.48 -2.10 -6.61
N ASN A 84 14.43 -0.88 -7.16
CA ASN A 84 13.51 -0.57 -8.25
C ASN A 84 13.41 -1.73 -9.23
N HIS A 85 14.56 -2.20 -9.71
CA HIS A 85 14.60 -3.30 -10.65
C HIS A 85 14.17 -4.61 -9.98
N ASP A 86 14.76 -4.89 -8.83
CA ASP A 86 14.44 -6.11 -8.08
C ASP A 86 12.93 -6.32 -8.01
N VAL A 87 12.18 -5.22 -7.89
CA VAL A 87 10.73 -5.30 -7.81
C VAL A 87 10.12 -5.55 -9.18
N VAL A 88 10.72 -4.95 -10.21
CA VAL A 88 10.23 -5.11 -11.57
C VAL A 88 10.16 -6.59 -11.96
N GLU A 89 11.29 -7.28 -11.86
CA GLU A 89 11.36 -8.69 -12.19
C GLU A 89 10.29 -9.48 -11.45
N VAL A 90 10.03 -9.08 -10.20
CA VAL A 90 9.04 -9.76 -9.38
C VAL A 90 7.67 -9.73 -10.05
N LEU A 91 7.28 -8.56 -10.55
CA LEU A 91 5.99 -8.40 -11.21
C LEU A 91 5.90 -9.31 -12.43
N ARG A 92 6.95 -9.31 -13.24
CA ARG A 92 6.99 -10.13 -14.45
C ARG A 92 6.84 -11.61 -14.10
N ASN A 93 7.49 -12.03 -13.01
CA ASN A 93 7.43 -13.42 -12.58
C ASN A 93 6.00 -13.81 -12.19
N ALA A 94 5.30 -12.87 -11.55
CA ALA A 94 3.93 -13.12 -11.11
C ALA A 94 3.05 -13.53 -12.30
N GLY A 95 1.91 -14.14 -12.00
CA GLY A 95 1.00 -14.56 -13.04
C GLY A 95 -0.32 -13.82 -13.01
N GLN A 96 -1.39 -14.49 -13.43
CA GLN A 96 -2.71 -13.88 -13.44
C GLN A 96 -3.11 -13.41 -12.05
N VAL A 97 -3.14 -14.34 -11.10
CA VAL A 97 -3.51 -14.01 -9.73
C VAL A 97 -2.37 -13.29 -9.01
N VAL A 98 -2.44 -11.96 -8.98
CA VAL A 98 -1.42 -11.15 -8.33
C VAL A 98 -1.97 -10.49 -7.07
N HIS A 99 -1.56 -11.01 -5.92
CA HIS A 99 -2.00 -10.47 -4.63
C HIS A 99 -1.06 -9.37 -4.15
N LEU A 100 -1.39 -8.14 -4.50
CA LEU A 100 -0.58 -6.99 -4.10
C LEU A 100 -0.80 -6.65 -2.63
N THR A 101 0.29 -6.55 -1.88
CA THR A 101 0.22 -6.23 -0.47
C THR A 101 0.55 -4.77 -0.22
N LEU A 102 -0.45 -4.00 0.21
CA LEU A 102 -0.27 -2.58 0.49
C LEU A 102 -0.60 -2.26 1.94
N VAL A 103 -0.01 -1.18 2.45
CA VAL A 103 -0.23 -0.77 3.83
C VAL A 103 -0.52 0.73 3.91
N ARG A 104 -1.78 1.07 4.18
CA ARG A 104 -2.17 2.47 4.28
C ARG A 104 -2.46 2.85 5.73
N ARG A 105 -2.32 4.13 6.04
CA ARG A 105 -2.56 4.61 7.40
C ARG A 105 -4.03 4.50 7.77
N LYS A 106 -4.31 3.96 8.95
CA LYS A 106 -5.67 3.79 9.42
C LYS A 106 -6.29 5.13 9.81
N THR A 107 -5.54 5.92 10.58
CA THR A 107 -6.00 7.23 11.01
C THR A 107 -6.88 7.88 9.95
N SER A 108 -7.94 8.55 10.40
CA SER A 108 -8.86 9.21 9.48
C SER A 108 -8.11 9.88 8.33
N SER A 109 -8.35 9.40 7.11
CA SER A 109 -7.69 9.94 5.94
C SER A 109 -8.39 9.46 4.66
N SER A 110 -7.90 9.94 3.52
CA SER A 110 -8.47 9.57 2.23
C SER A 110 -8.04 8.17 1.82
N THR A 111 -8.24 7.21 2.73
CA THR A 111 -7.87 5.82 2.47
C THR A 111 -8.91 4.86 3.03
N SER A 112 -8.91 3.63 2.53
CA SER A 112 -9.85 2.61 2.98
C SER A 112 -10.12 2.75 4.47
N PRO A 113 -11.32 2.32 4.89
CA PRO A 113 -11.73 2.38 6.30
C PRO A 113 -10.96 1.41 7.17
N LEU A 114 -11.45 1.18 8.39
CA LEU A 114 -10.80 0.27 9.33
C LEU A 114 -11.09 -1.18 8.95
N GLU A 115 -12.30 -1.43 8.45
CA GLU A 115 -12.70 -2.77 8.06
C GLU A 115 -13.37 -2.76 6.69
N PRO A 116 -12.57 -2.58 5.63
CA PRO A 116 -13.05 -2.55 4.25
C PRO A 116 -13.54 -3.91 3.78
N PRO A 117 -14.40 -3.90 2.74
CA PRO A 117 -14.95 -5.14 2.17
C PRO A 117 -13.90 -5.96 1.42
N SER A 118 -13.16 -6.77 2.18
CA SER A 118 -12.12 -7.61 1.58
C SER A 118 -11.64 -8.65 2.59
N ASP A 119 -10.68 -9.47 2.17
CA ASP A 119 -10.12 -10.50 3.03
C ASP A 119 -9.30 -9.89 4.15
N ARG A 120 -8.72 -10.75 4.99
CA ARG A 120 -7.90 -10.29 6.11
C ARG A 120 -6.42 -10.33 5.75
N GLY A 121 -5.59 -9.78 6.64
CA GLY A 121 -4.15 -9.77 6.41
C GLY A 121 -3.37 -10.29 7.59
N THR A 122 -2.15 -10.75 7.34
CA THR A 122 -1.29 -11.29 8.40
C THR A 122 -0.52 -10.16 9.08
N VAL A 123 -0.79 -9.96 10.36
CA VAL A 123 -0.11 -8.92 11.14
C VAL A 123 0.86 -9.54 12.14
N SER A 124 1.96 -8.83 12.40
CA SER A 124 2.97 -9.31 13.33
C SER A 124 2.95 -8.48 14.62
N GLY A 125 2.88 -7.16 14.46
CA GLY A 125 2.85 -6.28 15.61
C GLY A 125 4.12 -5.45 15.73
N PRO A 126 5.07 -5.92 16.54
CA PRO A 126 6.35 -5.23 16.77
C PRO A 126 7.24 -5.26 15.53
N SER A 127 8.33 -4.50 15.58
CA SER A 127 9.27 -4.46 14.46
C SER A 127 10.65 -4.96 14.89
N SER A 128 10.95 -6.20 14.53
CA SER A 128 12.24 -6.81 14.88
C SER A 128 12.97 -7.27 13.63
N GLY A 129 12.25 -8.00 12.77
CA GLY A 129 12.85 -8.50 11.55
C GLY A 129 12.72 -7.53 10.39
N GLY A 1 -19.16 -8.26 25.32
CA GLY A 1 -19.92 -7.24 24.62
C GLY A 1 -19.89 -5.90 25.33
N SER A 2 -18.85 -5.11 25.07
CA SER A 2 -18.70 -3.81 25.71
C SER A 2 -19.68 -2.80 25.10
N SER A 3 -19.61 -2.64 23.78
CA SER A 3 -20.48 -1.71 23.08
C SER A 3 -20.24 -0.28 23.56
N GLY A 4 -18.97 0.07 23.75
CA GLY A 4 -18.64 1.42 24.21
C GLY A 4 -17.39 1.95 23.55
N SER A 5 -16.36 2.18 24.35
CA SER A 5 -15.09 2.71 23.84
C SER A 5 -13.93 2.31 24.74
N SER A 6 -12.72 2.58 24.28
CA SER A 6 -11.52 2.25 25.05
C SER A 6 -10.29 2.92 24.46
N GLY A 7 -9.17 2.85 25.17
CA GLY A 7 -7.94 3.46 24.70
C GLY A 7 -7.67 3.17 23.24
N GLY A 8 -6.79 3.95 22.64
CA GLY A 8 -6.46 3.77 21.23
C GLY A 8 -4.97 3.67 21.00
N SER A 9 -4.44 2.45 21.06
CA SER A 9 -3.01 2.23 20.86
C SER A 9 -2.55 2.82 19.53
N ASP A 10 -1.26 3.08 19.42
CA ASP A 10 -0.69 3.65 18.21
C ASP A 10 0.40 2.75 17.64
N SER A 11 0.15 1.44 17.66
CA SER A 11 1.11 0.47 17.16
C SER A 11 0.95 0.28 15.65
N SER A 12 -0.25 -0.10 15.23
CA SER A 12 -0.54 -0.32 13.82
C SER A 12 -1.31 0.86 13.23
N LEU A 13 -0.61 1.94 12.93
CA LEU A 13 -1.23 3.12 12.36
C LEU A 13 -1.80 2.84 10.97
N PHE A 14 -1.08 2.01 10.21
CA PHE A 14 -1.50 1.67 8.86
C PHE A 14 -2.16 0.29 8.84
N GLU A 15 -2.71 -0.10 7.69
CA GLU A 15 -3.35 -1.39 7.55
C GLU A 15 -2.94 -2.06 6.23
N THR A 16 -2.52 -3.32 6.32
CA THR A 16 -2.11 -4.07 5.14
C THR A 16 -3.26 -4.90 4.58
N TYR A 17 -3.35 -4.93 3.26
CA TYR A 17 -4.42 -5.68 2.59
C TYR A 17 -3.91 -6.31 1.29
N ASN A 18 -4.41 -7.50 0.98
CA ASN A 18 -4.01 -8.21 -0.22
C ASN A 18 -4.98 -7.93 -1.37
N VAL A 19 -4.44 -7.68 -2.55
CA VAL A 19 -5.26 -7.40 -3.73
C VAL A 19 -4.97 -8.40 -4.85
N GLU A 20 -5.98 -9.20 -5.19
CA GLU A 20 -5.83 -10.20 -6.24
C GLU A 20 -6.22 -9.62 -7.60
N LEU A 21 -5.22 -9.27 -8.40
CA LEU A 21 -5.45 -8.70 -9.72
C LEU A 21 -5.48 -9.79 -10.79
N VAL A 22 -6.44 -9.69 -11.71
CA VAL A 22 -6.57 -10.66 -12.79
C VAL A 22 -5.81 -10.22 -14.03
N ARG A 23 -5.02 -11.12 -14.60
CA ARG A 23 -4.25 -10.82 -15.80
C ARG A 23 -4.94 -11.35 -17.05
N LYS A 24 -5.51 -10.44 -17.83
CA LYS A 24 -6.21 -10.81 -19.06
C LYS A 24 -5.28 -11.57 -20.00
N ASP A 25 -5.85 -12.15 -21.05
CA ASP A 25 -5.09 -12.90 -22.02
C ASP A 25 -4.03 -12.03 -22.68
N GLY A 26 -2.87 -11.92 -22.04
CA GLY A 26 -1.79 -11.11 -22.57
C GLY A 26 -1.87 -9.66 -22.11
N GLN A 27 -2.13 -9.48 -20.82
CA GLN A 27 -2.24 -8.14 -20.24
C GLN A 27 -1.16 -7.92 -19.18
N SER A 28 -0.77 -6.67 -18.99
CA SER A 28 0.25 -6.33 -18.00
C SER A 28 -0.39 -5.74 -16.75
N LEU A 29 0.28 -5.92 -15.61
CA LEU A 29 -0.22 -5.40 -14.35
C LEU A 29 -0.69 -3.96 -14.48
N GLY A 30 0.23 -3.07 -14.85
CA GLY A 30 -0.11 -1.68 -15.01
C GLY A 30 0.06 -0.88 -13.74
N ILE A 31 1.20 -1.07 -13.07
CA ILE A 31 1.48 -0.36 -11.83
C ILE A 31 2.90 0.16 -11.81
N ARG A 32 3.05 1.48 -11.67
CA ARG A 32 4.36 2.12 -11.63
C ARG A 32 4.84 2.30 -10.19
N ILE A 33 6.04 1.84 -9.90
CA ILE A 33 6.61 1.96 -8.57
C ILE A 33 7.69 3.03 -8.52
N VAL A 34 8.19 3.32 -7.33
CA VAL A 34 9.23 4.33 -7.15
C VAL A 34 10.09 4.02 -5.92
N GLY A 35 11.37 4.37 -5.99
CA GLY A 35 12.27 4.13 -4.89
C GLY A 35 12.42 5.34 -3.98
N TYR A 36 11.82 5.25 -2.79
CA TYR A 36 11.88 6.35 -1.83
C TYR A 36 13.13 6.23 -0.95
N VAL A 37 13.70 7.38 -0.60
CA VAL A 37 14.88 7.41 0.24
C VAL A 37 14.61 8.10 1.57
N GLY A 38 13.61 8.97 1.58
CA GLY A 38 13.25 9.68 2.80
C GLY A 38 14.31 10.68 3.22
N THR A 39 14.22 11.89 2.70
CA THR A 39 15.19 12.94 3.01
C THR A 39 14.52 14.10 3.74
N SER A 40 13.60 13.77 4.66
CA SER A 40 12.89 14.79 5.41
C SER A 40 12.63 14.32 6.85
N HIS A 41 11.96 15.16 7.63
CA HIS A 41 11.66 14.84 9.01
C HIS A 41 11.10 13.41 9.13
N THR A 42 10.59 12.89 8.01
CA THR A 42 10.02 11.55 7.99
C THR A 42 11.11 10.51 7.83
N GLY A 43 11.45 9.83 8.92
CA GLY A 43 12.47 8.80 8.88
C GLY A 43 12.01 7.56 8.14
N GLU A 44 10.84 7.06 8.51
CA GLU A 44 10.30 5.87 7.87
C GLU A 44 9.69 6.20 6.51
N ALA A 45 10.44 6.95 5.71
CA ALA A 45 9.99 7.34 4.38
C ALA A 45 10.80 6.66 3.29
N SER A 46 11.36 5.49 3.62
CA SER A 46 12.18 4.75 2.68
C SER A 46 11.49 3.45 2.26
N GLY A 47 11.26 3.29 0.96
CA GLY A 47 10.60 2.10 0.47
C GLY A 47 10.02 2.29 -0.91
N ILE A 48 9.14 1.39 -1.31
CA ILE A 48 8.50 1.45 -2.63
C ILE A 48 7.09 2.02 -2.52
N TYR A 49 6.74 2.90 -3.45
CA TYR A 49 5.42 3.52 -3.47
C TYR A 49 4.86 3.58 -4.88
N VAL A 50 3.55 3.46 -5.01
CA VAL A 50 2.89 3.50 -6.30
C VAL A 50 2.95 4.90 -6.91
N LYS A 51 3.86 5.09 -7.85
CA LYS A 51 4.03 6.38 -8.52
C LYS A 51 2.82 6.70 -9.39
N SER A 52 2.33 5.71 -10.11
CA SER A 52 1.17 5.89 -10.98
C SER A 52 0.53 4.55 -11.32
N VAL A 53 -0.65 4.60 -11.94
CA VAL A 53 -1.37 3.39 -12.32
C VAL A 53 -1.85 3.47 -13.76
N ILE A 54 -1.18 2.74 -14.65
CA ILE A 54 -1.54 2.72 -16.06
C ILE A 54 -3.03 2.44 -16.25
N PRO A 55 -3.70 3.27 -17.05
CA PRO A 55 -5.13 3.12 -17.33
C PRO A 55 -5.43 1.89 -18.18
N GLY A 56 -6.66 1.38 -18.09
CA GLY A 56 -7.04 0.22 -18.86
C GLY A 56 -6.17 -0.98 -18.56
N SER A 57 -5.64 -1.04 -17.35
CA SER A 57 -4.78 -2.15 -16.95
C SER A 57 -5.41 -2.96 -15.83
N ALA A 58 -4.82 -4.11 -15.52
CA ALA A 58 -5.33 -4.97 -14.47
C ALA A 58 -5.59 -4.19 -13.17
N ALA A 59 -4.58 -3.44 -12.73
CA ALA A 59 -4.70 -2.64 -11.52
C ALA A 59 -5.86 -1.65 -11.63
N TYR A 60 -5.84 -0.85 -12.70
CA TYR A 60 -6.89 0.14 -12.92
C TYR A 60 -8.28 -0.49 -12.86
N HIS A 61 -8.45 -1.57 -13.63
CA HIS A 61 -9.73 -2.26 -13.67
C HIS A 61 -10.17 -2.67 -12.26
N ASN A 62 -9.29 -3.36 -11.55
CA ASN A 62 -9.59 -3.80 -10.19
C ASN A 62 -10.13 -2.65 -9.35
N GLY A 63 -9.38 -1.56 -9.29
CA GLY A 63 -9.80 -0.41 -8.52
C GLY A 63 -9.47 -0.54 -7.05
N HIS A 64 -8.35 -1.20 -6.75
CA HIS A 64 -7.92 -1.40 -5.36
C HIS A 64 -6.56 -0.75 -5.12
N ILE A 65 -5.67 -0.86 -6.11
CA ILE A 65 -4.34 -0.27 -5.99
C ILE A 65 -4.30 1.13 -6.60
N GLN A 66 -3.84 2.10 -5.82
CA GLN A 66 -3.75 3.47 -6.28
C GLN A 66 -2.51 4.15 -5.72
N VAL A 67 -2.17 5.32 -6.27
CA VAL A 67 -1.01 6.07 -5.83
C VAL A 67 -1.09 6.38 -4.33
N ASN A 68 0.00 6.90 -3.79
CA ASN A 68 0.05 7.25 -2.36
C ASN A 68 -0.06 5.99 -1.50
N ASP A 69 0.60 4.92 -1.93
CA ASP A 69 0.59 3.66 -1.20
C ASP A 69 2.00 3.09 -1.06
N LYS A 70 2.19 2.24 -0.06
CA LYS A 70 3.48 1.63 0.18
C LYS A 70 3.41 0.11 0.01
N ILE A 71 4.09 -0.39 -1.01
CA ILE A 71 4.10 -1.83 -1.28
C ILE A 71 5.15 -2.54 -0.44
N VAL A 72 4.70 -3.50 0.37
CA VAL A 72 5.60 -4.26 1.23
C VAL A 72 5.82 -5.66 0.69
N ALA A 73 4.81 -6.18 -0.02
CA ALA A 73 4.90 -7.52 -0.59
C ALA A 73 4.15 -7.60 -1.92
N VAL A 74 4.70 -8.35 -2.87
CA VAL A 74 4.08 -8.50 -4.17
C VAL A 74 3.96 -9.98 -4.56
N ASP A 75 2.73 -10.43 -4.75
CA ASP A 75 2.47 -11.82 -5.12
C ASP A 75 2.92 -12.77 -4.02
N GLY A 76 2.74 -12.33 -2.77
CA GLY A 76 3.13 -13.16 -1.64
C GLY A 76 4.64 -13.18 -1.43
N VAL A 77 5.31 -12.13 -1.89
CA VAL A 77 6.76 -12.04 -1.75
C VAL A 77 7.17 -10.76 -1.05
N ASN A 78 7.77 -10.89 0.12
CA ASN A 78 8.21 -9.74 0.90
C ASN A 78 9.27 -8.93 0.13
N ILE A 79 8.82 -7.89 -0.55
CA ILE A 79 9.73 -7.04 -1.32
C ILE A 79 10.32 -5.94 -0.45
N GLN A 80 10.21 -6.10 0.86
CA GLN A 80 10.74 -5.12 1.80
C GLN A 80 12.23 -4.90 1.58
N GLY A 81 12.56 -3.91 0.76
CA GLY A 81 13.95 -3.61 0.47
C GLY A 81 14.29 -3.75 -1.00
N PHE A 82 13.52 -4.59 -1.70
CA PHE A 82 13.74 -4.82 -3.12
C PHE A 82 13.92 -3.49 -3.86
N ALA A 83 14.97 -3.41 -4.68
CA ALA A 83 15.24 -2.20 -5.44
C ALA A 83 14.18 -1.98 -6.52
N ASN A 84 14.17 -0.78 -7.08
CA ASN A 84 13.20 -0.44 -8.13
C ASN A 84 13.05 -1.58 -9.12
N HIS A 85 14.14 -1.94 -9.78
CA HIS A 85 14.13 -3.04 -10.75
C HIS A 85 13.77 -4.35 -10.09
N ASP A 86 14.38 -4.63 -8.94
CA ASP A 86 14.12 -5.86 -8.21
C ASP A 86 12.62 -6.10 -8.06
N VAL A 87 11.86 -5.01 -7.96
CA VAL A 87 10.42 -5.10 -7.80
C VAL A 87 9.74 -5.28 -9.15
N VAL A 88 10.25 -4.60 -10.17
CA VAL A 88 9.68 -4.69 -11.51
C VAL A 88 9.68 -6.13 -12.01
N GLU A 89 10.82 -6.79 -11.89
CA GLU A 89 10.96 -8.18 -12.33
C GLU A 89 9.97 -9.07 -11.59
N VAL A 90 9.78 -8.81 -10.30
CA VAL A 90 8.87 -9.59 -9.48
C VAL A 90 7.46 -9.59 -10.08
N LEU A 91 7.02 -8.43 -10.54
CA LEU A 91 5.70 -8.30 -11.14
C LEU A 91 5.59 -9.13 -12.40
N ARG A 92 6.58 -9.03 -13.27
CA ARG A 92 6.60 -9.77 -14.52
C ARG A 92 6.55 -11.27 -14.26
N ASN A 93 7.33 -11.72 -13.28
CA ASN A 93 7.40 -13.13 -12.93
C ASN A 93 6.03 -13.63 -12.47
N ALA A 94 5.33 -12.81 -11.70
CA ALA A 94 4.01 -13.15 -11.20
C ALA A 94 3.11 -13.66 -12.32
N GLY A 95 2.08 -14.43 -11.96
CA GLY A 95 1.16 -14.96 -12.95
C GLY A 95 -0.18 -14.26 -12.90
N GLN A 96 -1.21 -14.96 -13.38
CA GLN A 96 -2.57 -14.40 -13.40
C GLN A 96 -2.94 -13.84 -12.04
N VAL A 97 -2.96 -14.70 -11.03
CA VAL A 97 -3.30 -14.28 -9.67
C VAL A 97 -2.16 -13.49 -9.03
N VAL A 98 -2.26 -12.17 -9.13
CA VAL A 98 -1.25 -11.29 -8.56
C VAL A 98 -1.73 -10.64 -7.27
N HIS A 99 -1.31 -11.19 -6.14
CA HIS A 99 -1.71 -10.66 -4.84
C HIS A 99 -0.76 -9.54 -4.40
N LEU A 100 -1.20 -8.30 -4.59
CA LEU A 100 -0.39 -7.14 -4.21
C LEU A 100 -0.61 -6.79 -2.73
N THR A 101 0.49 -6.57 -2.02
CA THR A 101 0.42 -6.23 -0.61
C THR A 101 0.74 -4.75 -0.38
N LEU A 102 -0.28 -3.98 -0.02
CA LEU A 102 -0.12 -2.56 0.22
C LEU A 102 -0.51 -2.20 1.65
N VAL A 103 -0.01 -1.07 2.13
CA VAL A 103 -0.31 -0.61 3.49
C VAL A 103 -0.48 0.90 3.52
N ARG A 104 -1.70 1.35 3.79
CA ARG A 104 -2.00 2.77 3.85
C ARG A 104 -2.35 3.19 5.28
N ARG A 105 -2.15 4.47 5.58
CA ARG A 105 -2.44 4.99 6.92
C ARG A 105 -3.94 5.00 7.18
N LYS A 106 -4.35 4.31 8.24
CA LYS A 106 -5.76 4.24 8.61
C LYS A 106 -6.32 5.63 8.88
N THR A 107 -5.56 6.43 9.63
CA THR A 107 -5.99 7.79 9.97
C THR A 107 -6.71 8.45 8.79
N SER A 108 -7.77 9.19 9.09
CA SER A 108 -8.55 9.86 8.06
C SER A 108 -7.66 10.79 7.23
N SER A 109 -8.23 11.35 6.17
CA SER A 109 -7.49 12.25 5.30
C SER A 109 -7.76 13.71 5.67
N SER A 110 -7.05 14.62 5.01
CA SER A 110 -7.20 16.05 5.27
C SER A 110 -8.65 16.48 5.06
N THR A 111 -8.98 17.68 5.54
CA THR A 111 -10.33 18.21 5.40
C THR A 111 -10.73 18.34 3.94
N SER A 112 -11.99 18.05 3.64
CA SER A 112 -12.50 18.13 2.28
C SER A 112 -11.72 17.19 1.35
N PRO A 113 -11.67 15.91 1.72
CA PRO A 113 -10.97 14.89 0.94
C PRO A 113 -11.66 14.58 -0.38
N LEU A 114 -11.20 13.54 -1.06
CA LEU A 114 -11.77 13.15 -2.34
C LEU A 114 -12.63 11.90 -2.19
N GLU A 115 -12.03 10.84 -1.67
CA GLU A 115 -12.73 9.57 -1.47
C GLU A 115 -12.70 9.15 0.00
N PRO A 116 -13.34 9.96 0.86
CA PRO A 116 -13.39 9.70 2.30
C PRO A 116 -14.26 8.49 2.64
N PRO A 117 -13.84 7.72 3.65
CA PRO A 117 -14.56 6.52 4.09
C PRO A 117 -15.89 6.87 4.77
N SER A 118 -16.96 6.30 4.25
CA SER A 118 -18.29 6.54 4.81
C SER A 118 -18.75 5.37 5.67
N ASP A 119 -17.82 4.82 6.46
CA ASP A 119 -18.12 3.69 7.33
C ASP A 119 -17.26 3.75 8.59
N ARG A 120 -17.88 3.50 9.74
CA ARG A 120 -17.17 3.51 11.01
C ARG A 120 -16.35 2.25 11.19
N GLY A 121 -15.03 2.38 11.05
CA GLY A 121 -14.15 1.24 11.20
C GLY A 121 -13.86 0.91 12.65
N THR A 122 -13.30 -0.27 12.89
CA THR A 122 -12.98 -0.70 14.25
C THR A 122 -11.95 0.21 14.89
N VAL A 123 -12.20 0.60 16.13
CA VAL A 123 -11.28 1.49 16.85
C VAL A 123 -10.25 0.68 17.63
N SER A 124 -8.98 1.04 17.47
CA SER A 124 -7.90 0.36 18.15
C SER A 124 -8.30 -0.03 19.57
N GLY A 125 -7.98 -1.26 19.96
CA GLY A 125 -8.32 -1.75 21.29
C GLY A 125 -7.23 -1.47 22.30
N PRO A 126 -7.41 -1.98 23.53
CA PRO A 126 -6.44 -1.80 24.61
C PRO A 126 -5.16 -2.58 24.37
N SER A 127 -4.04 -1.88 24.38
CA SER A 127 -2.74 -2.50 24.16
C SER A 127 -1.84 -2.32 25.37
N SER A 128 -1.80 -3.34 26.23
CA SER A 128 -0.98 -3.30 27.44
C SER A 128 0.47 -3.68 27.13
N GLY A 129 1.40 -3.12 27.89
CA GLY A 129 2.80 -3.43 27.69
C GLY A 129 3.19 -3.43 26.22
N GLY A 1 -10.37 -10.66 33.73
CA GLY A 1 -11.19 -9.48 33.62
C GLY A 1 -11.39 -9.04 32.18
N SER A 2 -12.07 -7.92 32.00
CA SER A 2 -12.34 -7.40 30.66
C SER A 2 -11.75 -5.99 30.50
N SER A 3 -10.46 -5.93 30.17
CA SER A 3 -9.78 -4.66 29.98
C SER A 3 -10.55 -3.76 29.02
N GLY A 4 -10.68 -2.49 29.37
CA GLY A 4 -11.40 -1.56 28.52
C GLY A 4 -10.50 -0.94 27.46
N SER A 5 -9.88 0.18 27.80
CA SER A 5 -8.99 0.88 26.87
C SER A 5 -7.61 1.08 27.48
N SER A 6 -6.59 0.56 26.81
CA SER A 6 -5.22 0.67 27.28
C SER A 6 -4.82 2.13 27.42
N GLY A 7 -5.11 2.93 26.40
CA GLY A 7 -4.77 4.34 26.44
C GLY A 7 -4.03 4.79 25.19
N GLY A 8 -4.61 4.49 24.02
CA GLY A 8 -3.99 4.87 22.77
C GLY A 8 -2.74 4.07 22.47
N SER A 9 -2.73 3.40 21.33
CA SER A 9 -1.58 2.59 20.94
C SER A 9 -1.09 2.98 19.55
N ASP A 10 0.23 3.04 19.39
CA ASP A 10 0.83 3.41 18.11
C ASP A 10 1.60 2.23 17.52
N SER A 11 0.94 1.08 17.44
CA SER A 11 1.57 -0.12 16.91
C SER A 11 1.15 -0.35 15.46
N SER A 12 -0.15 -0.53 15.25
CA SER A 12 -0.68 -0.76 13.91
C SER A 12 -1.34 0.50 13.36
N LEU A 13 -0.52 1.51 13.09
CA LEU A 13 -1.01 2.77 12.56
C LEU A 13 -1.57 2.60 11.15
N PHE A 14 -0.99 1.66 10.41
CA PHE A 14 -1.45 1.38 9.04
C PHE A 14 -2.06 -0.01 8.95
N GLU A 15 -2.86 -0.22 7.90
CA GLU A 15 -3.52 -1.50 7.70
C GLU A 15 -3.09 -2.13 6.36
N THR A 16 -2.75 -3.42 6.41
CA THR A 16 -2.32 -4.13 5.22
C THR A 16 -3.47 -4.93 4.61
N TYR A 17 -3.52 -4.99 3.28
CA TYR A 17 -4.56 -5.72 2.58
C TYR A 17 -4.02 -6.38 1.32
N ASN A 18 -4.53 -7.57 1.00
CA ASN A 18 -4.09 -8.29 -0.19
C ASN A 18 -5.04 -8.04 -1.36
N VAL A 19 -4.47 -7.74 -2.51
CA VAL A 19 -5.26 -7.49 -3.72
C VAL A 19 -4.94 -8.48 -4.82
N GLU A 20 -5.92 -9.33 -5.14
CA GLU A 20 -5.73 -10.34 -6.19
C GLU A 20 -6.09 -9.78 -7.55
N LEU A 21 -5.08 -9.28 -8.27
CA LEU A 21 -5.29 -8.71 -9.59
C LEU A 21 -5.32 -9.81 -10.66
N VAL A 22 -6.18 -9.64 -11.66
CA VAL A 22 -6.29 -10.61 -12.74
C VAL A 22 -5.72 -10.05 -14.04
N ARG A 23 -5.03 -10.90 -14.78
CA ARG A 23 -4.43 -10.49 -16.05
C ARG A 23 -5.19 -11.10 -17.23
N LYS A 24 -5.95 -10.27 -17.92
CA LYS A 24 -6.73 -10.71 -19.07
C LYS A 24 -5.85 -11.42 -20.09
N ASP A 25 -6.46 -12.00 -21.11
CA ASP A 25 -5.73 -12.71 -22.15
C ASP A 25 -4.77 -11.77 -22.87
N GLY A 26 -3.55 -11.66 -22.35
CA GLY A 26 -2.56 -10.79 -22.95
C GLY A 26 -2.56 -9.40 -22.35
N GLN A 27 -2.68 -9.33 -21.03
CA GLN A 27 -2.70 -8.05 -20.34
C GLN A 27 -1.53 -7.94 -19.35
N SER A 28 -1.20 -6.72 -18.98
CA SER A 28 -0.11 -6.47 -18.05
C SER A 28 -0.63 -5.91 -16.73
N LEU A 29 0.29 -5.66 -15.80
CA LEU A 29 -0.08 -5.12 -14.49
C LEU A 29 -0.43 -3.64 -14.60
N GLY A 30 0.46 -2.86 -15.21
CA GLY A 30 0.23 -1.44 -15.37
C GLY A 30 0.31 -0.70 -14.06
N ILE A 31 1.33 -1.01 -13.27
CA ILE A 31 1.52 -0.35 -11.98
C ILE A 31 2.95 0.18 -11.84
N ARG A 32 3.11 1.48 -12.07
CA ARG A 32 4.42 2.12 -11.97
C ARG A 32 4.85 2.24 -10.52
N ILE A 33 6.09 1.88 -10.25
CA ILE A 33 6.64 1.95 -8.89
C ILE A 33 7.68 3.05 -8.77
N VAL A 34 7.98 3.45 -7.54
CA VAL A 34 8.96 4.50 -7.29
C VAL A 34 9.90 4.11 -6.15
N GLY A 35 11.17 4.49 -6.28
CA GLY A 35 12.14 4.16 -5.25
C GLY A 35 12.49 5.37 -4.39
N TYR A 36 12.04 5.36 -3.14
CA TYR A 36 12.30 6.46 -2.23
C TYR A 36 13.41 6.09 -1.25
N VAL A 37 14.22 7.07 -0.88
CA VAL A 37 15.32 6.86 0.05
C VAL A 37 15.10 7.64 1.35
N GLY A 38 14.49 8.82 1.22
CA GLY A 38 14.23 9.64 2.39
C GLY A 38 15.46 10.42 2.83
N THR A 39 15.39 11.74 2.72
CA THR A 39 16.51 12.60 3.10
C THR A 39 16.50 12.86 4.61
N SER A 40 16.13 11.86 5.38
CA SER A 40 16.07 11.98 6.83
C SER A 40 16.06 10.61 7.49
N HIS A 41 16.72 10.50 8.64
CA HIS A 41 16.78 9.24 9.37
C HIS A 41 15.39 8.78 9.79
N THR A 42 14.55 9.74 10.19
CA THR A 42 13.20 9.45 10.62
C THR A 42 12.24 10.58 10.27
N GLY A 43 11.27 10.29 9.42
CA GLY A 43 10.31 11.32 9.02
C GLY A 43 9.96 11.23 7.55
N GLU A 44 10.97 11.13 6.70
CA GLU A 44 10.76 11.05 5.26
C GLU A 44 10.34 9.64 4.85
N ALA A 45 9.37 9.57 3.94
CA ALA A 45 8.88 8.28 3.47
C ALA A 45 9.97 7.51 2.72
N SER A 46 10.27 6.32 3.18
CA SER A 46 11.29 5.48 2.56
C SER A 46 10.73 4.13 2.16
N GLY A 47 10.96 3.75 0.90
CA GLY A 47 10.45 2.48 0.40
C GLY A 47 9.89 2.58 -1.00
N ILE A 48 9.09 1.60 -1.39
CA ILE A 48 8.48 1.58 -2.71
C ILE A 48 7.04 2.09 -2.66
N TYR A 49 6.67 2.87 -3.67
CA TYR A 49 5.31 3.42 -3.74
C TYR A 49 4.81 3.44 -5.19
N VAL A 50 3.50 3.52 -5.34
CA VAL A 50 2.88 3.54 -6.67
C VAL A 50 3.00 4.93 -7.29
N LYS A 51 3.90 5.05 -8.28
CA LYS A 51 4.11 6.32 -8.96
C LYS A 51 2.90 6.67 -9.83
N SER A 52 2.45 5.71 -10.62
CA SER A 52 1.30 5.92 -11.49
C SER A 52 0.50 4.64 -11.66
N VAL A 53 -0.70 4.77 -12.23
CA VAL A 53 -1.57 3.62 -12.44
C VAL A 53 -2.14 3.62 -13.85
N ILE A 54 -1.39 3.05 -14.80
CA ILE A 54 -1.81 2.99 -16.18
C ILE A 54 -3.25 2.49 -16.29
N PRO A 55 -4.07 3.20 -17.08
CA PRO A 55 -5.48 2.84 -17.29
C PRO A 55 -5.63 1.57 -18.11
N GLY A 56 -6.83 0.99 -18.07
CA GLY A 56 -7.09 -0.23 -18.82
C GLY A 56 -6.20 -1.36 -18.38
N SER A 57 -5.60 -1.24 -17.21
CA SER A 57 -4.72 -2.27 -16.68
C SER A 57 -5.34 -2.98 -15.48
N ALA A 58 -4.83 -4.16 -15.16
CA ALA A 58 -5.34 -4.93 -14.03
C ALA A 58 -5.54 -4.05 -12.81
N ALA A 59 -4.53 -3.23 -12.50
CA ALA A 59 -4.60 -2.34 -11.35
C ALA A 59 -5.79 -1.41 -11.45
N TYR A 60 -5.83 -0.62 -12.52
CA TYR A 60 -6.92 0.32 -12.75
C TYR A 60 -8.27 -0.38 -12.68
N HIS A 61 -8.43 -1.41 -13.51
CA HIS A 61 -9.68 -2.17 -13.55
C HIS A 61 -10.11 -2.60 -12.16
N ASN A 62 -9.21 -3.26 -11.45
CA ASN A 62 -9.49 -3.73 -10.09
C ASN A 62 -10.00 -2.59 -9.22
N GLY A 63 -9.31 -1.45 -9.30
CA GLY A 63 -9.70 -0.29 -8.51
C GLY A 63 -9.35 -0.44 -7.04
N HIS A 64 -8.22 -1.08 -6.77
CA HIS A 64 -7.77 -1.30 -5.40
C HIS A 64 -6.41 -0.67 -5.18
N ILE A 65 -5.53 -0.77 -6.18
CA ILE A 65 -4.20 -0.20 -6.09
C ILE A 65 -4.12 1.17 -6.77
N GLN A 66 -3.73 2.18 -6.00
CA GLN A 66 -3.61 3.53 -6.53
C GLN A 66 -2.38 4.23 -5.98
N VAL A 67 -2.01 5.36 -6.59
CA VAL A 67 -0.85 6.13 -6.16
C VAL A 67 -0.92 6.43 -4.67
N ASN A 68 0.17 6.99 -4.14
CA ASN A 68 0.24 7.34 -2.73
C ASN A 68 0.05 6.09 -1.86
N ASP A 69 0.54 4.96 -2.35
CA ASP A 69 0.43 3.71 -1.62
C ASP A 69 1.81 3.08 -1.40
N LYS A 70 1.97 2.39 -0.28
CA LYS A 70 3.24 1.75 0.05
C LYS A 70 3.12 0.23 -0.07
N ILE A 71 3.94 -0.36 -0.94
CA ILE A 71 3.92 -1.80 -1.15
C ILE A 71 4.95 -2.49 -0.26
N VAL A 72 4.48 -3.45 0.54
CA VAL A 72 5.35 -4.18 1.44
C VAL A 72 5.62 -5.59 0.92
N ALA A 73 4.73 -6.07 0.07
CA ALA A 73 4.87 -7.41 -0.51
C ALA A 73 4.11 -7.52 -1.83
N VAL A 74 4.71 -8.22 -2.79
CA VAL A 74 4.09 -8.40 -4.09
C VAL A 74 3.96 -9.88 -4.44
N ASP A 75 2.73 -10.31 -4.73
CA ASP A 75 2.47 -11.70 -5.07
C ASP A 75 2.81 -12.62 -3.92
N GLY A 76 2.67 -12.12 -2.70
CA GLY A 76 2.98 -12.91 -1.52
C GLY A 76 4.46 -12.96 -1.22
N VAL A 77 5.20 -11.99 -1.75
CA VAL A 77 6.64 -11.93 -1.53
C VAL A 77 7.04 -10.63 -0.85
N ASN A 78 7.68 -10.75 0.31
CA ASN A 78 8.12 -9.58 1.07
C ASN A 78 9.20 -8.82 0.31
N ILE A 79 8.78 -7.82 -0.45
CA ILE A 79 9.72 -7.00 -1.22
C ILE A 79 10.21 -5.81 -0.41
N GLN A 80 10.03 -5.87 0.90
CA GLN A 80 10.46 -4.80 1.79
C GLN A 80 11.96 -4.57 1.67
N GLY A 81 12.35 -3.67 0.78
CA GLY A 81 13.75 -3.36 0.58
C GLY A 81 14.22 -3.65 -0.84
N PHE A 82 13.43 -4.40 -1.58
CA PHE A 82 13.75 -4.75 -2.96
C PHE A 82 14.04 -3.49 -3.78
N ALA A 83 15.13 -3.52 -4.54
CA ALA A 83 15.52 -2.39 -5.37
C ALA A 83 14.50 -2.16 -6.49
N ASN A 84 14.50 -0.96 -7.05
CA ASN A 84 13.59 -0.62 -8.13
C ASN A 84 13.44 -1.78 -9.11
N HIS A 85 14.57 -2.25 -9.62
CA HIS A 85 14.57 -3.36 -10.57
C HIS A 85 14.14 -4.66 -9.89
N ASP A 86 14.70 -4.91 -8.70
CA ASP A 86 14.37 -6.11 -7.95
C ASP A 86 12.85 -6.31 -7.85
N VAL A 87 12.13 -5.19 -7.79
CA VAL A 87 10.68 -5.24 -7.70
C VAL A 87 10.05 -5.46 -9.06
N VAL A 88 10.61 -4.81 -10.08
CA VAL A 88 10.10 -4.94 -11.44
C VAL A 88 10.07 -6.41 -11.88
N GLU A 89 11.18 -7.09 -11.69
CA GLU A 89 11.29 -8.50 -12.07
C GLU A 89 10.25 -9.34 -11.32
N VAL A 90 10.02 -8.99 -10.06
CA VAL A 90 9.04 -9.71 -9.24
C VAL A 90 7.66 -9.70 -9.88
N LEU A 91 7.25 -8.53 -10.35
CA LEU A 91 5.95 -8.37 -10.98
C LEU A 91 5.86 -9.20 -12.26
N ARG A 92 6.89 -9.11 -13.09
CA ARG A 92 6.93 -9.86 -14.34
C ARG A 92 6.89 -11.36 -14.09
N ASN A 93 7.62 -11.80 -13.06
CA ASN A 93 7.66 -13.21 -12.71
C ASN A 93 6.28 -13.72 -12.30
N ALA A 94 5.53 -12.88 -11.59
CA ALA A 94 4.19 -13.24 -11.15
C ALA A 94 3.30 -13.63 -12.33
N GLY A 95 2.31 -14.48 -12.07
CA GLY A 95 1.42 -14.92 -13.12
C GLY A 95 0.08 -14.19 -13.08
N GLN A 96 -0.97 -14.87 -13.54
CA GLN A 96 -2.30 -14.29 -13.55
C GLN A 96 -2.69 -13.78 -12.17
N VAL A 97 -2.71 -14.68 -11.19
CA VAL A 97 -3.07 -14.32 -9.83
C VAL A 97 -1.93 -13.54 -9.16
N VAL A 98 -2.04 -12.21 -9.17
CA VAL A 98 -1.04 -11.36 -8.57
C VAL A 98 -1.57 -10.69 -7.29
N HIS A 99 -1.21 -11.25 -6.14
CA HIS A 99 -1.65 -10.70 -4.86
C HIS A 99 -0.74 -9.58 -4.41
N LEU A 100 -1.21 -8.34 -4.55
CA LEU A 100 -0.43 -7.18 -4.15
C LEU A 100 -0.68 -6.83 -2.69
N THR A 101 0.41 -6.62 -1.95
CA THR A 101 0.31 -6.28 -0.53
C THR A 101 0.64 -4.81 -0.29
N LEU A 102 -0.36 -4.03 0.09
CA LEU A 102 -0.18 -2.60 0.35
C LEU A 102 -0.54 -2.27 1.79
N VAL A 103 -0.03 -1.14 2.27
CA VAL A 103 -0.29 -0.70 3.63
C VAL A 103 -0.50 0.81 3.69
N ARG A 104 -1.72 1.23 3.98
CA ARG A 104 -2.05 2.64 4.07
C ARG A 104 -2.41 3.04 5.50
N ARG A 105 -2.33 4.33 5.80
CA ARG A 105 -2.65 4.83 7.13
C ARG A 105 -4.12 4.64 7.45
N LYS A 106 -4.40 4.10 8.63
CA LYS A 106 -5.77 3.86 9.06
C LYS A 106 -6.46 5.17 9.46
N THR A 107 -7.78 5.15 9.50
CA THR A 107 -8.55 6.33 9.87
C THR A 107 -8.23 6.77 11.29
N SER A 108 -7.46 7.85 11.41
CA SER A 108 -7.08 8.37 12.72
C SER A 108 -6.56 9.80 12.60
N SER A 109 -7.17 10.70 13.38
CA SER A 109 -6.78 12.11 13.36
C SER A 109 -5.82 12.42 14.50
N SER A 110 -5.28 13.63 14.50
CA SER A 110 -4.35 14.05 15.53
C SER A 110 -4.94 15.19 16.36
N THR A 111 -4.48 15.30 17.61
CA THR A 111 -4.97 16.33 18.51
C THR A 111 -4.75 17.72 17.92
N SER A 112 -5.76 18.57 18.02
CA SER A 112 -5.68 19.93 17.49
C SER A 112 -6.36 20.92 18.43
N PRO A 113 -5.77 22.12 18.57
CA PRO A 113 -6.30 23.18 19.43
C PRO A 113 -7.59 23.78 18.89
N LEU A 114 -8.02 24.88 19.47
CA LEU A 114 -9.24 25.55 19.06
C LEU A 114 -8.95 26.63 18.01
N GLU A 115 -7.78 27.26 18.14
CA GLU A 115 -7.38 28.30 17.21
C GLU A 115 -5.93 28.12 16.78
N PRO A 116 -5.68 27.10 15.95
CA PRO A 116 -4.35 26.79 15.44
C PRO A 116 -3.85 27.82 14.45
N PRO A 117 -2.53 28.07 14.47
CA PRO A 117 -1.89 29.05 13.57
C PRO A 117 -1.89 28.58 12.12
N SER A 118 -2.87 29.05 11.35
CA SER A 118 -2.98 28.68 9.95
C SER A 118 -2.50 29.81 9.04
N ASP A 119 -3.07 31.00 9.24
CA ASP A 119 -2.68 32.17 8.45
C ASP A 119 -2.11 33.26 9.33
N ARG A 120 -0.80 33.46 9.25
CA ARG A 120 -0.12 34.48 10.05
C ARG A 120 -0.75 35.84 9.82
N GLY A 121 -0.94 36.21 8.55
CA GLY A 121 -1.53 37.49 8.22
C GLY A 121 -2.76 37.36 7.36
N THR A 122 -2.83 38.16 6.30
CA THR A 122 -3.97 38.13 5.39
C THR A 122 -3.57 38.59 3.99
N VAL A 123 -4.27 38.09 2.98
CA VAL A 123 -3.99 38.45 1.60
C VAL A 123 -2.49 38.49 1.33
N SER A 124 -1.75 37.57 1.95
CA SER A 124 -0.31 37.51 1.79
C SER A 124 0.09 36.31 0.94
N GLY A 125 0.85 36.59 -0.13
CA GLY A 125 1.28 35.53 -1.02
C GLY A 125 0.54 35.52 -2.33
N PRO A 126 1.18 36.08 -3.38
CA PRO A 126 0.59 36.17 -4.72
C PRO A 126 0.49 34.80 -5.38
N SER A 127 -0.39 34.71 -6.37
CA SER A 127 -0.59 33.45 -7.09
C SER A 127 0.67 33.08 -7.88
N SER A 128 0.97 31.78 -7.91
CA SER A 128 2.15 31.29 -8.62
C SER A 128 1.83 31.02 -10.09
N GLY A 129 2.76 31.35 -10.96
CA GLY A 129 2.56 31.14 -12.38
C GLY A 129 3.86 30.92 -13.13
N GLY A 1 -27.07 -6.84 14.75
CA GLY A 1 -26.25 -6.76 15.96
C GLY A 1 -25.35 -5.55 15.97
N SER A 2 -24.62 -5.36 17.06
CA SER A 2 -23.72 -4.23 17.20
C SER A 2 -22.60 -4.53 18.19
N SER A 3 -21.51 -3.78 18.09
CA SER A 3 -20.37 -3.97 18.99
C SER A 3 -20.09 -2.71 19.80
N GLY A 4 -19.15 -2.81 20.72
CA GLY A 4 -18.81 -1.67 21.56
C GLY A 4 -17.43 -1.79 22.17
N SER A 5 -16.43 -1.26 21.48
CA SER A 5 -15.05 -1.30 21.96
C SER A 5 -14.32 -0.01 21.64
N SER A 6 -13.46 0.43 22.55
CA SER A 6 -12.70 1.66 22.38
C SER A 6 -11.31 1.53 22.99
N GLY A 7 -10.38 2.34 22.50
CA GLY A 7 -9.02 2.29 23.01
C GLY A 7 -8.00 2.71 21.97
N GLY A 8 -7.11 1.78 21.61
CA GLY A 8 -6.09 2.08 20.62
C GLY A 8 -4.94 2.88 21.20
N SER A 9 -3.76 2.28 21.21
CA SER A 9 -2.57 2.93 21.75
C SER A 9 -1.58 3.26 20.64
N ASP A 10 -2.10 3.75 19.51
CA ASP A 10 -1.26 4.11 18.38
C ASP A 10 -0.37 2.94 17.97
N SER A 11 -0.94 1.75 17.95
CA SER A 11 -0.20 0.55 17.59
C SER A 11 -0.41 0.19 16.12
N SER A 12 -1.67 0.03 15.74
CA SER A 12 -2.02 -0.31 14.36
C SER A 12 -2.57 0.90 13.63
N LEU A 13 -1.69 1.85 13.31
CA LEU A 13 -2.10 3.06 12.61
C LEU A 13 -2.38 2.76 11.14
N PHE A 14 -1.69 1.75 10.60
CA PHE A 14 -1.87 1.38 9.21
C PHE A 14 -2.40 -0.05 9.09
N GLU A 15 -3.14 -0.33 8.02
CA GLU A 15 -3.70 -1.65 7.80
C GLU A 15 -3.13 -2.28 6.53
N THR A 16 -2.88 -3.58 6.58
CA THR A 16 -2.33 -4.31 5.44
C THR A 16 -3.37 -5.23 4.83
N TYR A 17 -3.33 -5.37 3.50
CA TYR A 17 -4.28 -6.23 2.80
C TYR A 17 -3.69 -6.69 1.47
N ASN A 18 -4.12 -7.87 1.02
CA ASN A 18 -3.65 -8.43 -0.24
C ASN A 18 -4.66 -8.22 -1.35
N VAL A 19 -4.19 -7.80 -2.51
CA VAL A 19 -5.06 -7.55 -3.66
C VAL A 19 -4.76 -8.55 -4.78
N GLU A 20 -5.76 -9.35 -5.13
CA GLU A 20 -5.61 -10.34 -6.19
C GLU A 20 -6.07 -9.77 -7.53
N LEU A 21 -5.14 -9.15 -8.26
CA LEU A 21 -5.44 -8.57 -9.56
C LEU A 21 -5.53 -9.65 -10.64
N VAL A 22 -6.39 -9.43 -11.62
CA VAL A 22 -6.56 -10.37 -12.72
C VAL A 22 -6.04 -9.79 -14.03
N ARG A 23 -5.24 -10.59 -14.74
CA ARG A 23 -4.68 -10.15 -16.02
C ARG A 23 -5.28 -10.93 -17.18
N LYS A 24 -6.14 -10.27 -17.94
CA LYS A 24 -6.79 -10.90 -19.09
C LYS A 24 -5.76 -11.56 -20.00
N ASP A 25 -6.24 -12.13 -21.10
CA ASP A 25 -5.37 -12.80 -22.06
C ASP A 25 -4.55 -11.78 -22.84
N GLY A 26 -3.45 -11.33 -22.25
CA GLY A 26 -2.60 -10.35 -22.91
C GLY A 26 -2.36 -9.12 -22.06
N GLN A 27 -3.42 -8.62 -21.43
CA GLN A 27 -3.31 -7.44 -20.57
C GLN A 27 -2.20 -7.61 -19.54
N SER A 28 -1.46 -6.53 -19.30
CA SER A 28 -0.37 -6.56 -18.34
C SER A 28 -0.79 -5.91 -17.02
N LEU A 29 -0.07 -6.24 -15.96
CA LEU A 29 -0.36 -5.69 -14.64
C LEU A 29 -0.80 -4.23 -14.74
N GLY A 30 0.14 -3.36 -15.09
CA GLY A 30 -0.17 -1.95 -15.21
C GLY A 30 0.02 -1.19 -13.90
N ILE A 31 1.22 -1.29 -13.34
CA ILE A 31 1.52 -0.61 -12.08
C ILE A 31 2.96 -0.10 -12.07
N ARG A 32 3.11 1.20 -11.80
CA ARG A 32 4.44 1.80 -11.76
C ARG A 32 4.93 1.96 -10.33
N ILE A 33 6.20 1.67 -10.11
CA ILE A 33 6.79 1.78 -8.78
C ILE A 33 7.89 2.83 -8.74
N VAL A 34 8.27 3.24 -7.53
CA VAL A 34 9.31 4.24 -7.37
C VAL A 34 10.27 3.85 -6.24
N GLY A 35 11.46 4.44 -6.26
CA GLY A 35 12.46 4.14 -5.25
C GLY A 35 12.82 5.35 -4.41
N TYR A 36 12.03 5.60 -3.36
CA TYR A 36 12.27 6.74 -2.49
C TYR A 36 13.44 6.46 -1.53
N VAL A 37 14.18 7.51 -1.20
CA VAL A 37 15.33 7.37 -0.30
C VAL A 37 15.18 8.30 0.89
N GLY A 38 14.54 9.45 0.69
CA GLY A 38 14.36 10.41 1.75
C GLY A 38 15.44 11.47 1.79
N THR A 39 15.04 12.71 2.01
CA THR A 39 15.99 13.83 2.06
C THR A 39 15.55 14.88 3.07
N SER A 40 16.33 15.95 3.18
CA SER A 40 16.02 17.02 4.13
C SER A 40 16.02 16.50 5.55
N HIS A 41 16.81 15.45 5.81
CA HIS A 41 16.89 14.86 7.13
C HIS A 41 15.50 14.67 7.73
N THR A 42 14.55 14.27 6.89
CA THR A 42 13.18 14.05 7.34
C THR A 42 12.95 12.58 7.70
N GLY A 43 13.50 11.69 6.89
CA GLY A 43 13.33 10.27 7.14
C GLY A 43 11.92 9.89 7.50
N GLU A 44 10.95 10.47 6.78
CA GLU A 44 9.55 10.20 7.03
C GLU A 44 8.90 9.52 5.83
N ALA A 45 9.73 9.03 4.91
CA ALA A 45 9.24 8.35 3.72
C ALA A 45 10.40 7.76 2.91
N SER A 46 10.52 6.43 2.96
CA SER A 46 11.58 5.74 2.24
C SER A 46 11.15 4.31 1.91
N GLY A 47 10.97 4.05 0.62
CA GLY A 47 10.57 2.72 0.19
C GLY A 47 10.01 2.70 -1.22
N ILE A 48 9.14 1.73 -1.50
CA ILE A 48 8.53 1.62 -2.81
C ILE A 48 7.10 2.16 -2.80
N TYR A 49 6.82 3.11 -3.68
CA TYR A 49 5.50 3.70 -3.77
C TYR A 49 5.00 3.71 -5.22
N VAL A 50 3.70 3.54 -5.39
CA VAL A 50 3.10 3.53 -6.72
C VAL A 50 3.20 4.90 -7.38
N LYS A 51 4.12 5.02 -8.33
CA LYS A 51 4.33 6.27 -9.05
C LYS A 51 3.12 6.60 -9.92
N SER A 52 2.55 5.58 -10.53
CA SER A 52 1.39 5.76 -11.41
C SER A 52 0.72 4.43 -11.70
N VAL A 53 -0.40 4.47 -12.42
CA VAL A 53 -1.14 3.27 -12.76
C VAL A 53 -1.74 3.37 -14.16
N ILE A 54 -1.25 2.52 -15.06
CA ILE A 54 -1.74 2.52 -16.43
C ILE A 54 -3.25 2.27 -16.49
N PRO A 55 -3.95 3.10 -17.27
CA PRO A 55 -5.40 3.00 -17.44
C PRO A 55 -5.81 1.75 -18.21
N GLY A 56 -7.05 1.32 -18.03
CA GLY A 56 -7.55 0.14 -18.71
C GLY A 56 -6.72 -1.09 -18.41
N SER A 57 -6.18 -1.16 -17.20
CA SER A 57 -5.36 -2.29 -16.79
C SER A 57 -5.98 -3.01 -15.59
N ALA A 58 -5.29 -4.01 -15.08
CA ALA A 58 -5.77 -4.78 -13.94
C ALA A 58 -5.79 -3.92 -12.67
N ALA A 59 -4.64 -3.29 -12.37
CA ALA A 59 -4.53 -2.45 -11.20
C ALA A 59 -5.55 -1.33 -11.22
N TYR A 60 -5.67 -0.67 -12.37
CA TYR A 60 -6.63 0.43 -12.52
C TYR A 60 -8.06 -0.06 -12.35
N HIS A 61 -8.44 -1.05 -13.16
CA HIS A 61 -9.78 -1.62 -13.10
C HIS A 61 -10.15 -1.97 -11.67
N ASN A 62 -9.33 -2.81 -11.04
CA ASN A 62 -9.58 -3.24 -9.67
C ASN A 62 -9.91 -2.04 -8.78
N GLY A 63 -9.12 -0.98 -8.90
CA GLY A 63 -9.35 0.20 -8.09
C GLY A 63 -8.91 0.03 -6.66
N HIS A 64 -7.84 -0.74 -6.45
CA HIS A 64 -7.32 -0.99 -5.11
C HIS A 64 -5.86 -0.58 -5.00
N ILE A 65 -5.13 -0.71 -6.10
CA ILE A 65 -3.72 -0.35 -6.14
C ILE A 65 -3.49 0.86 -7.02
N GLN A 66 -3.30 2.03 -6.39
CA GLN A 66 -3.06 3.26 -7.12
C GLN A 66 -2.02 4.12 -6.42
N VAL A 67 -1.66 5.24 -7.03
CA VAL A 67 -0.68 6.15 -6.47
C VAL A 67 -0.90 6.33 -4.97
N ASN A 68 0.10 6.87 -4.28
CA ASN A 68 0.02 7.10 -2.85
C ASN A 68 -0.19 5.79 -2.10
N ASP A 69 0.59 4.78 -2.47
CA ASP A 69 0.50 3.47 -1.83
C ASP A 69 1.87 2.87 -1.58
N LYS A 70 2.07 2.32 -0.39
CA LYS A 70 3.35 1.72 -0.03
C LYS A 70 3.28 0.19 -0.12
N ILE A 71 4.04 -0.37 -1.04
CA ILE A 71 4.07 -1.82 -1.22
C ILE A 71 5.08 -2.47 -0.29
N VAL A 72 4.61 -3.42 0.51
CA VAL A 72 5.48 -4.14 1.44
C VAL A 72 5.80 -5.54 0.95
N ALA A 73 4.94 -6.05 0.08
CA ALA A 73 5.12 -7.39 -0.47
C ALA A 73 4.37 -7.56 -1.79
N VAL A 74 4.87 -8.42 -2.66
CA VAL A 74 4.23 -8.67 -3.95
C VAL A 74 4.11 -10.17 -4.21
N ASP A 75 2.87 -10.63 -4.36
CA ASP A 75 2.60 -12.04 -4.63
C ASP A 75 3.13 -12.91 -3.50
N GLY A 76 3.02 -12.40 -2.27
CA GLY A 76 3.49 -13.15 -1.11
C GLY A 76 4.99 -13.10 -0.97
N VAL A 77 5.60 -12.04 -1.48
CA VAL A 77 7.05 -11.88 -1.41
C VAL A 77 7.43 -10.56 -0.75
N ASN A 78 8.12 -10.64 0.39
CA ASN A 78 8.53 -9.44 1.12
C ASN A 78 9.55 -8.64 0.31
N ILE A 79 9.07 -7.64 -0.41
CA ILE A 79 9.94 -6.79 -1.22
C ILE A 79 10.39 -5.56 -0.44
N GLN A 80 10.28 -5.64 0.89
CA GLN A 80 10.68 -4.53 1.75
C GLN A 80 12.16 -4.20 1.57
N GLY A 81 12.45 -3.26 0.67
CA GLY A 81 13.82 -2.87 0.41
C GLY A 81 14.25 -3.17 -1.01
N PHE A 82 13.52 -4.07 -1.66
CA PHE A 82 13.84 -4.45 -3.04
C PHE A 82 14.07 -3.22 -3.90
N ALA A 83 15.15 -3.25 -4.70
CA ALA A 83 15.48 -2.13 -5.57
C ALA A 83 14.50 -2.04 -6.73
N ASN A 84 14.33 -0.82 -7.26
CA ASN A 84 13.42 -0.59 -8.37
C ASN A 84 13.39 -1.78 -9.31
N HIS A 85 14.55 -2.15 -9.83
CA HIS A 85 14.66 -3.29 -10.75
C HIS A 85 14.30 -4.59 -10.03
N ASP A 86 14.86 -4.79 -8.85
CA ASP A 86 14.60 -6.00 -8.07
C ASP A 86 13.11 -6.23 -7.93
N VAL A 87 12.33 -5.15 -7.87
CA VAL A 87 10.88 -5.25 -7.73
C VAL A 87 10.22 -5.50 -9.09
N VAL A 88 10.81 -4.95 -10.15
CA VAL A 88 10.28 -5.12 -11.49
C VAL A 88 10.22 -6.60 -11.88
N GLU A 89 11.34 -7.30 -11.70
CA GLU A 89 11.42 -8.71 -12.04
C GLU A 89 10.33 -9.50 -11.29
N VAL A 90 10.12 -9.16 -10.03
CA VAL A 90 9.12 -9.83 -9.22
C VAL A 90 7.74 -9.76 -9.87
N LEU A 91 7.43 -8.61 -10.44
CA LEU A 91 6.14 -8.40 -11.10
C LEU A 91 6.02 -9.30 -12.33
N ARG A 92 7.06 -9.32 -13.16
CA ARG A 92 7.06 -10.14 -14.36
C ARG A 92 6.85 -11.61 -14.03
N ASN A 93 7.52 -12.08 -12.98
CA ASN A 93 7.41 -13.47 -12.56
C ASN A 93 5.97 -13.81 -12.20
N ALA A 94 5.26 -12.85 -11.62
CA ALA A 94 3.87 -13.04 -11.25
C ALA A 94 2.99 -13.28 -12.46
N GLY A 95 1.97 -14.12 -12.31
CA GLY A 95 1.08 -14.42 -13.42
C GLY A 95 -0.26 -13.72 -13.27
N GLN A 96 -1.31 -14.34 -13.80
CA GLN A 96 -2.65 -13.77 -13.74
C GLN A 96 -2.99 -13.33 -12.32
N VAL A 97 -2.98 -14.28 -11.39
CA VAL A 97 -3.29 -14.00 -10.00
C VAL A 97 -2.13 -13.26 -9.32
N VAL A 98 -2.27 -11.95 -9.17
CA VAL A 98 -1.24 -11.14 -8.54
C VAL A 98 -1.70 -10.62 -7.19
N HIS A 99 -1.20 -11.22 -6.12
CA HIS A 99 -1.55 -10.80 -4.77
C HIS A 99 -0.63 -9.71 -4.26
N LEU A 100 -1.02 -8.46 -4.47
CA LEU A 100 -0.22 -7.33 -4.03
C LEU A 100 -0.47 -7.00 -2.57
N THR A 101 0.60 -6.82 -1.81
CA THR A 101 0.50 -6.51 -0.39
C THR A 101 0.84 -5.05 -0.12
N LEU A 102 -0.16 -4.26 0.25
CA LEU A 102 0.02 -2.85 0.54
C LEU A 102 -0.43 -2.52 1.95
N VAL A 103 -0.03 -1.35 2.44
CA VAL A 103 -0.40 -0.91 3.78
C VAL A 103 -0.74 0.58 3.80
N ARG A 104 -2.03 0.89 3.91
CA ARG A 104 -2.48 2.28 3.94
C ARG A 104 -2.86 2.70 5.35
N ARG A 105 -2.90 4.00 5.58
CA ARG A 105 -3.25 4.53 6.90
C ARG A 105 -4.74 4.33 7.19
N LYS A 106 -5.02 3.72 8.33
CA LYS A 106 -6.40 3.46 8.74
C LYS A 106 -7.09 4.75 9.17
N THR A 107 -8.41 4.68 9.33
CA THR A 107 -9.19 5.84 9.74
C THR A 107 -9.00 6.12 11.23
N SER A 108 -9.23 5.10 12.05
CA SER A 108 -9.10 5.24 13.50
C SER A 108 -8.61 3.94 14.12
N SER A 109 -7.67 4.05 15.05
CA SER A 109 -7.11 2.88 15.72
C SER A 109 -7.99 2.46 16.89
N SER A 110 -8.52 1.24 16.83
CA SER A 110 -9.38 0.72 17.89
C SER A 110 -8.74 -0.48 18.56
N THR A 111 -8.12 -1.35 17.76
CA THR A 111 -7.48 -2.55 18.27
C THR A 111 -6.20 -2.20 19.01
N SER A 112 -6.05 -2.75 20.22
CA SER A 112 -4.87 -2.50 21.03
C SER A 112 -4.49 -3.74 21.83
N PRO A 113 -3.18 -4.03 21.89
CA PRO A 113 -2.65 -5.18 22.62
C PRO A 113 -2.78 -5.03 24.13
N LEU A 114 -2.06 -5.86 24.88
CA LEU A 114 -2.09 -5.82 26.33
C LEU A 114 -0.97 -4.93 26.87
N GLU A 115 0.20 -5.01 26.24
CA GLU A 115 1.35 -4.22 26.67
C GLU A 115 1.90 -3.41 25.50
N PRO A 116 1.12 -2.43 25.02
CA PRO A 116 1.51 -1.57 23.91
C PRO A 116 2.64 -0.61 24.29
N PRO A 117 3.54 -0.36 23.33
CA PRO A 117 4.68 0.53 23.53
C PRO A 117 4.27 1.99 23.65
N SER A 118 5.18 2.83 24.13
CA SER A 118 4.90 4.25 24.30
C SER A 118 5.76 5.08 23.36
N ASP A 119 5.13 5.62 22.32
CA ASP A 119 5.84 6.45 21.33
C ASP A 119 5.28 7.86 21.32
N ARG A 120 6.04 8.79 20.75
CA ARG A 120 5.63 10.19 20.67
C ARG A 120 5.80 10.72 19.25
N GLY A 121 4.92 11.64 18.86
CA GLY A 121 5.00 12.22 17.53
C GLY A 121 4.33 13.57 17.45
N THR A 122 4.40 14.20 16.28
CA THR A 122 3.79 15.51 16.08
C THR A 122 3.68 15.83 14.59
N VAL A 123 2.67 16.63 14.24
CA VAL A 123 2.45 17.02 12.85
C VAL A 123 3.13 18.35 12.54
N SER A 124 3.73 18.43 11.37
CA SER A 124 4.42 19.65 10.95
C SER A 124 3.53 20.49 10.03
N GLY A 125 4.04 21.65 9.62
CA GLY A 125 3.28 22.52 8.74
C GLY A 125 3.89 22.63 7.36
N PRO A 126 3.56 21.67 6.48
CA PRO A 126 4.07 21.65 5.11
C PRO A 126 3.49 22.76 4.25
N SER A 127 3.94 22.84 3.01
CA SER A 127 3.47 23.87 2.09
C SER A 127 2.63 23.25 0.97
N SER A 128 2.00 24.11 0.18
CA SER A 128 1.16 23.66 -0.93
C SER A 128 -0.01 22.82 -0.41
N GLY A 129 -0.62 23.28 0.68
CA GLY A 129 -1.74 22.56 1.26
C GLY A 129 -1.41 21.96 2.60
N GLY A 1 -20.95 -22.17 20.59
CA GLY A 1 -19.93 -21.48 19.81
C GLY A 1 -19.30 -20.33 20.57
N SER A 2 -18.08 -19.99 20.20
CA SER A 2 -17.35 -18.90 20.86
C SER A 2 -16.09 -18.54 20.09
N SER A 3 -15.45 -17.45 20.49
CA SER A 3 -14.23 -16.99 19.83
C SER A 3 -13.56 -15.88 20.64
N GLY A 4 -12.28 -15.68 20.40
CA GLY A 4 -11.54 -14.65 21.11
C GLY A 4 -10.70 -13.80 20.19
N SER A 5 -9.41 -13.68 20.49
CA SER A 5 -8.50 -12.87 19.69
C SER A 5 -8.91 -11.39 19.72
N SER A 6 -9.27 -10.92 20.90
CA SER A 6 -9.68 -9.52 21.07
C SER A 6 -8.57 -8.69 21.69
N GLY A 7 -8.02 -7.78 20.90
CA GLY A 7 -6.94 -6.93 21.39
C GLY A 7 -7.06 -5.50 20.90
N GLY A 8 -6.05 -5.06 20.15
CA GLY A 8 -6.07 -3.71 19.62
C GLY A 8 -4.80 -2.94 19.97
N SER A 9 -4.20 -2.30 18.96
CA SER A 9 -2.98 -1.53 19.16
C SER A 9 -2.89 -0.40 18.16
N ASP A 10 -2.85 0.83 18.67
CA ASP A 10 -2.75 2.02 17.81
C ASP A 10 -1.57 1.90 16.86
N SER A 11 -0.50 1.26 17.32
CA SER A 11 0.70 1.08 16.50
C SER A 11 0.33 0.67 15.08
N SER A 12 -0.81 -0.01 14.95
CA SER A 12 -1.28 -0.47 13.65
C SER A 12 -2.00 0.64 12.90
N LEU A 13 -1.54 1.87 13.10
CA LEU A 13 -2.14 3.03 12.44
C LEU A 13 -2.49 2.71 10.99
N PHE A 14 -1.74 1.78 10.40
CA PHE A 14 -1.97 1.39 9.01
C PHE A 14 -2.52 -0.04 8.94
N GLU A 15 -3.18 -0.36 7.83
CA GLU A 15 -3.77 -1.68 7.64
C GLU A 15 -3.25 -2.31 6.35
N THR A 16 -2.81 -3.55 6.44
CA THR A 16 -2.29 -4.27 5.29
C THR A 16 -3.36 -5.17 4.67
N TYR A 17 -3.34 -5.27 3.33
CA TYR A 17 -4.31 -6.09 2.62
C TYR A 17 -3.72 -6.63 1.32
N ASN A 18 -4.23 -7.76 0.86
CA ASN A 18 -3.76 -8.38 -0.36
C ASN A 18 -4.76 -8.17 -1.50
N VAL A 19 -4.26 -7.74 -2.65
CA VAL A 19 -5.11 -7.51 -3.81
C VAL A 19 -4.80 -8.49 -4.93
N GLU A 20 -5.73 -9.40 -5.18
CA GLU A 20 -5.56 -10.40 -6.23
C GLU A 20 -6.03 -9.87 -7.57
N LEU A 21 -5.13 -9.23 -8.30
CA LEU A 21 -5.44 -8.67 -9.61
C LEU A 21 -5.43 -9.75 -10.68
N VAL A 22 -6.41 -9.71 -11.57
CA VAL A 22 -6.51 -10.69 -12.65
C VAL A 22 -6.03 -10.10 -13.97
N ARG A 23 -5.18 -10.84 -14.67
CA ARG A 23 -4.66 -10.38 -15.95
C ARG A 23 -5.37 -11.06 -17.11
N LYS A 24 -6.33 -10.36 -17.71
CA LYS A 24 -7.09 -10.89 -18.83
C LYS A 24 -6.17 -11.44 -19.90
N ASP A 25 -6.76 -11.97 -20.96
CA ASP A 25 -5.98 -12.53 -22.07
C ASP A 25 -5.09 -11.47 -22.71
N GLY A 26 -3.88 -11.34 -22.20
CA GLY A 26 -2.95 -10.35 -22.73
C GLY A 26 -2.81 -9.14 -21.82
N GLN A 27 -3.92 -8.70 -21.25
CA GLN A 27 -3.91 -7.54 -20.35
C GLN A 27 -2.80 -7.67 -19.31
N SER A 28 -1.88 -6.71 -19.32
CA SER A 28 -0.77 -6.72 -18.38
C SER A 28 -1.16 -6.04 -17.07
N LEU A 29 -0.27 -6.10 -16.09
CA LEU A 29 -0.52 -5.49 -14.78
C LEU A 29 -0.82 -4.01 -14.93
N GLY A 30 0.19 -3.25 -15.36
CA GLY A 30 0.01 -1.82 -15.53
C GLY A 30 0.15 -1.06 -14.23
N ILE A 31 1.27 -1.24 -13.55
CA ILE A 31 1.52 -0.57 -12.28
C ILE A 31 2.95 -0.04 -12.22
N ARG A 32 3.08 1.28 -12.07
CA ARG A 32 4.39 1.91 -11.98
C ARG A 32 4.81 2.11 -10.53
N ILE A 33 6.08 1.86 -10.24
CA ILE A 33 6.61 2.00 -8.89
C ILE A 33 7.70 3.07 -8.84
N VAL A 34 8.16 3.39 -7.63
CA VAL A 34 9.21 4.39 -7.45
C VAL A 34 10.01 4.11 -6.19
N GLY A 35 11.29 4.49 -6.21
CA GLY A 35 12.14 4.28 -5.06
C GLY A 35 12.37 5.55 -4.26
N TYR A 36 11.88 5.56 -3.02
CA TYR A 36 12.04 6.72 -2.15
C TYR A 36 13.21 6.54 -1.20
N VAL A 37 13.83 7.65 -0.81
CA VAL A 37 14.97 7.61 0.10
C VAL A 37 14.73 8.53 1.30
N GLY A 38 13.89 9.55 1.10
CA GLY A 38 13.60 10.48 2.17
C GLY A 38 14.79 11.36 2.51
N THR A 39 14.80 12.57 1.96
CA THR A 39 15.88 13.51 2.21
C THR A 39 15.34 14.85 2.73
N SER A 40 14.09 15.15 2.38
CA SER A 40 13.47 16.40 2.81
C SER A 40 13.27 16.42 4.33
N HIS A 41 13.45 17.59 4.92
CA HIS A 41 13.29 17.74 6.37
C HIS A 41 11.88 17.34 6.80
N THR A 42 11.75 16.96 8.07
CA THR A 42 10.46 16.55 8.61
C THR A 42 9.63 15.81 7.57
N GLY A 43 10.25 14.80 6.95
CA GLY A 43 9.56 14.02 5.93
C GLY A 43 10.24 12.70 5.66
N GLU A 44 10.54 11.95 6.72
CA GLU A 44 11.19 10.66 6.59
C GLU A 44 10.29 9.67 5.85
N ALA A 45 10.79 9.17 4.72
CA ALA A 45 10.03 8.21 3.92
C ALA A 45 10.95 7.48 2.94
N SER A 46 11.14 6.18 3.17
CA SER A 46 11.98 5.36 2.31
C SER A 46 11.33 4.02 2.01
N GLY A 47 10.98 3.81 0.74
CA GLY A 47 10.35 2.56 0.36
C GLY A 47 9.84 2.60 -1.07
N ILE A 48 9.07 1.58 -1.45
CA ILE A 48 8.51 1.50 -2.80
C ILE A 48 7.06 1.97 -2.83
N TYR A 49 6.79 2.98 -3.65
CA TYR A 49 5.44 3.52 -3.77
C TYR A 49 5.01 3.60 -5.23
N VAL A 50 3.72 3.44 -5.47
CA VAL A 50 3.18 3.50 -6.82
C VAL A 50 3.38 4.89 -7.44
N LYS A 51 4.09 4.94 -8.55
CA LYS A 51 4.36 6.19 -9.24
C LYS A 51 3.15 6.63 -10.06
N SER A 52 2.51 5.66 -10.72
CA SER A 52 1.35 5.94 -11.54
C SER A 52 0.63 4.65 -11.93
N VAL A 53 -0.56 4.79 -12.50
CA VAL A 53 -1.35 3.64 -12.93
C VAL A 53 -1.83 3.80 -14.36
N ILE A 54 -1.60 2.78 -15.18
CA ILE A 54 -2.02 2.81 -16.57
C ILE A 54 -3.53 2.59 -16.70
N PRO A 55 -4.22 3.52 -17.37
CA PRO A 55 -5.66 3.44 -17.58
C PRO A 55 -6.05 2.34 -18.55
N GLY A 56 -6.88 1.40 -18.08
CA GLY A 56 -7.31 0.30 -18.92
C GLY A 56 -6.61 -0.99 -18.57
N SER A 57 -6.00 -1.04 -17.40
CA SER A 57 -5.28 -2.24 -16.95
C SER A 57 -5.99 -2.87 -15.76
N ALA A 58 -5.48 -4.02 -15.32
CA ALA A 58 -6.05 -4.73 -14.19
C ALA A 58 -5.99 -3.89 -12.92
N ALA A 59 -4.83 -3.29 -12.67
CA ALA A 59 -4.65 -2.46 -11.48
C ALA A 59 -5.63 -1.29 -11.47
N TYR A 60 -5.98 -0.81 -12.66
CA TYR A 60 -6.91 0.31 -12.78
C TYR A 60 -8.35 -0.19 -12.70
N HIS A 61 -8.54 -1.48 -12.92
CA HIS A 61 -9.87 -2.08 -12.88
C HIS A 61 -10.33 -2.28 -11.43
N ASN A 62 -9.43 -2.83 -10.61
CA ASN A 62 -9.74 -3.07 -9.21
C ASN A 62 -9.88 -1.77 -8.44
N GLY A 63 -9.01 -0.81 -8.75
CA GLY A 63 -9.06 0.48 -8.08
C GLY A 63 -8.56 0.40 -6.65
N HIS A 64 -7.83 -0.65 -6.33
CA HIS A 64 -7.30 -0.85 -4.99
C HIS A 64 -5.80 -0.57 -4.95
N ILE A 65 -5.18 -0.53 -6.12
CA ILE A 65 -3.75 -0.28 -6.22
C ILE A 65 -3.47 0.94 -7.10
N GLN A 66 -3.31 2.10 -6.46
CA GLN A 66 -3.04 3.34 -7.17
C GLN A 66 -1.92 4.12 -6.50
N VAL A 67 -1.55 5.25 -7.08
CA VAL A 67 -0.50 6.10 -6.54
C VAL A 67 -0.74 6.39 -5.06
N ASN A 68 0.29 6.89 -4.39
CA ASN A 68 0.20 7.20 -2.97
C ASN A 68 -0.02 5.93 -2.14
N ASP A 69 0.65 4.86 -2.54
CA ASP A 69 0.52 3.58 -1.83
C ASP A 69 1.90 3.00 -1.55
N LYS A 70 1.96 2.12 -0.55
CA LYS A 70 3.22 1.48 -0.17
C LYS A 70 3.14 -0.03 -0.32
N ILE A 71 4.07 -0.61 -1.06
CA ILE A 71 4.10 -2.05 -1.28
C ILE A 71 5.00 -2.75 -0.27
N VAL A 72 4.44 -3.71 0.46
CA VAL A 72 5.21 -4.45 1.45
C VAL A 72 5.59 -5.82 0.94
N ALA A 73 4.72 -6.42 0.13
CA ALA A 73 4.96 -7.73 -0.43
C ALA A 73 4.27 -7.90 -1.78
N VAL A 74 4.85 -8.71 -2.65
CA VAL A 74 4.29 -8.95 -3.97
C VAL A 74 4.25 -10.44 -4.30
N ASP A 75 3.05 -11.00 -4.34
CA ASP A 75 2.88 -12.41 -4.63
C ASP A 75 3.56 -13.28 -3.58
N GLY A 76 3.47 -12.85 -2.32
CA GLY A 76 4.08 -13.61 -1.23
C GLY A 76 5.57 -13.40 -1.17
N VAL A 77 6.04 -12.28 -1.69
CA VAL A 77 7.47 -11.97 -1.70
C VAL A 77 7.76 -10.69 -0.92
N ASN A 78 8.36 -10.84 0.25
CA ASN A 78 8.69 -9.69 1.09
C ASN A 78 9.71 -8.78 0.41
N ILE A 79 9.20 -7.77 -0.30
CA ILE A 79 10.07 -6.83 -1.00
C ILE A 79 10.47 -5.67 -0.10
N GLN A 80 10.17 -5.79 1.19
CA GLN A 80 10.50 -4.76 2.16
C GLN A 80 12.00 -4.49 2.18
N GLY A 81 12.48 -3.74 1.19
CA GLY A 81 13.89 -3.42 1.11
C GLY A 81 14.52 -3.85 -0.20
N PHE A 82 13.67 -4.11 -1.19
CA PHE A 82 14.14 -4.54 -2.50
C PHE A 82 14.45 -3.32 -3.39
N ALA A 83 15.42 -3.49 -4.29
CA ALA A 83 15.81 -2.42 -5.19
C ALA A 83 14.77 -2.21 -6.29
N ASN A 84 14.59 -0.97 -6.69
CA ASN A 84 13.62 -0.63 -7.74
C ASN A 84 13.52 -1.75 -8.77
N HIS A 85 14.64 -2.02 -9.44
CA HIS A 85 14.68 -3.06 -10.46
C HIS A 85 14.32 -4.42 -9.86
N ASP A 86 14.88 -4.72 -8.69
CA ASP A 86 14.62 -5.99 -8.02
C ASP A 86 13.12 -6.21 -7.87
N VAL A 87 12.37 -5.13 -7.77
CA VAL A 87 10.92 -5.21 -7.62
C VAL A 87 10.23 -5.37 -8.97
N VAL A 88 10.80 -4.74 -10.00
CA VAL A 88 10.25 -4.82 -11.34
C VAL A 88 10.23 -6.25 -11.85
N GLU A 89 11.32 -6.98 -11.59
CA GLU A 89 11.43 -8.37 -12.02
C GLU A 89 10.45 -9.25 -11.25
N VAL A 90 10.16 -8.89 -10.01
CA VAL A 90 9.24 -9.64 -9.18
C VAL A 90 7.83 -9.59 -9.74
N LEU A 91 7.38 -8.39 -10.11
CA LEU A 91 6.05 -8.20 -10.67
C LEU A 91 5.88 -8.98 -11.97
N ARG A 92 6.91 -8.93 -12.81
CA ARG A 92 6.89 -9.63 -14.09
C ARG A 92 6.83 -11.15 -13.88
N ASN A 93 7.55 -11.62 -12.87
CA ASN A 93 7.58 -13.05 -12.57
C ASN A 93 6.20 -13.55 -12.16
N ALA A 94 5.43 -12.69 -11.51
CA ALA A 94 4.08 -13.04 -11.06
C ALA A 94 3.20 -13.42 -12.25
N GLY A 95 2.26 -14.33 -12.00
CA GLY A 95 1.36 -14.76 -13.06
C GLY A 95 0.01 -14.07 -12.99
N GLN A 96 -1.00 -14.68 -13.61
CA GLN A 96 -2.34 -14.12 -13.61
C GLN A 96 -2.72 -13.60 -12.24
N VAL A 97 -2.74 -14.49 -11.25
CA VAL A 97 -3.09 -14.12 -9.89
C VAL A 97 -1.95 -13.34 -9.23
N VAL A 98 -2.05 -12.02 -9.25
CA VAL A 98 -1.03 -11.16 -8.66
C VAL A 98 -1.50 -10.62 -7.31
N HIS A 99 -1.07 -11.26 -6.23
CA HIS A 99 -1.44 -10.84 -4.89
C HIS A 99 -0.54 -9.71 -4.41
N LEU A 100 -0.99 -8.47 -4.60
CA LEU A 100 -0.23 -7.31 -4.18
C LEU A 100 -0.50 -6.97 -2.72
N THR A 101 0.57 -6.88 -1.93
CA THR A 101 0.45 -6.57 -0.52
C THR A 101 0.81 -5.11 -0.25
N LEU A 102 -0.16 -4.34 0.22
CA LEU A 102 0.05 -2.93 0.53
C LEU A 102 -0.57 -2.56 1.87
N VAL A 103 -0.11 -1.44 2.45
CA VAL A 103 -0.62 -0.98 3.73
C VAL A 103 -0.94 0.51 3.68
N ARG A 104 -2.20 0.84 3.95
CA ARG A 104 -2.64 2.23 3.93
C ARG A 104 -2.90 2.73 5.36
N ARG A 105 -2.80 4.05 5.54
CA ARG A 105 -3.02 4.66 6.85
C ARG A 105 -4.51 4.76 7.16
N LYS A 106 -4.94 4.13 8.24
CA LYS A 106 -6.33 4.15 8.65
C LYS A 106 -6.84 5.59 8.77
N THR A 107 -8.10 5.74 9.16
CA THR A 107 -8.71 7.06 9.32
C THR A 107 -8.19 7.75 10.57
N SER A 108 -8.65 8.98 10.80
CA SER A 108 -8.22 9.75 11.96
C SER A 108 -8.03 8.85 13.18
N SER A 109 -6.97 9.10 13.93
CA SER A 109 -6.67 8.31 15.12
C SER A 109 -6.71 9.18 16.37
N SER A 110 -6.42 8.58 17.51
CA SER A 110 -6.43 9.29 18.79
C SER A 110 -5.47 10.46 18.76
N THR A 111 -5.59 11.35 19.74
CA THR A 111 -4.73 12.52 19.83
C THR A 111 -4.57 13.19 18.47
N SER A 112 -5.67 13.35 17.75
CA SER A 112 -5.65 13.98 16.44
C SER A 112 -5.33 15.47 16.55
N PRO A 113 -4.59 15.98 15.55
CA PRO A 113 -4.19 17.40 15.51
C PRO A 113 -5.38 18.31 15.24
N LEU A 114 -5.09 19.57 14.92
CA LEU A 114 -6.12 20.55 14.63
C LEU A 114 -6.24 20.81 13.13
N GLU A 115 -5.12 21.22 12.52
CA GLU A 115 -5.09 21.50 11.09
C GLU A 115 -4.00 20.69 10.41
N PRO A 116 -4.19 19.36 10.33
CA PRO A 116 -3.23 18.46 9.71
C PRO A 116 -3.19 18.62 8.19
N PRO A 117 -2.14 18.04 7.56
CA PRO A 117 -1.96 18.11 6.11
C PRO A 117 -3.01 17.29 5.36
N SER A 118 -3.48 17.83 4.24
CA SER A 118 -4.48 17.14 3.43
C SER A 118 -4.29 17.48 1.94
N ASP A 119 -4.65 16.52 1.09
CA ASP A 119 -4.52 16.72 -0.36
C ASP A 119 -5.70 17.53 -0.90
N ARG A 120 -5.42 18.35 -1.91
CA ARG A 120 -6.45 19.19 -2.52
C ARG A 120 -6.52 18.95 -4.03
N GLY A 121 -7.73 18.96 -4.57
CA GLY A 121 -7.92 18.75 -5.99
C GLY A 121 -7.63 19.99 -6.81
N THR A 122 -7.72 19.87 -8.13
CA THR A 122 -7.47 21.00 -9.02
C THR A 122 -8.76 21.50 -9.66
N VAL A 123 -8.82 22.81 -9.89
CA VAL A 123 -10.00 23.42 -10.50
C VAL A 123 -9.60 24.57 -11.42
N SER A 124 -9.85 24.40 -12.72
CA SER A 124 -9.52 25.41 -13.70
C SER A 124 -10.61 26.49 -13.76
N GLY A 125 -10.25 27.65 -14.29
CA GLY A 125 -11.20 28.74 -14.39
C GLY A 125 -11.69 28.97 -15.81
N PRO A 126 -12.71 29.82 -15.96
CA PRO A 126 -13.28 30.13 -17.27
C PRO A 126 -12.33 30.95 -18.14
N SER A 127 -12.77 31.27 -19.35
CA SER A 127 -11.96 32.06 -20.27
C SER A 127 -12.81 33.09 -21.01
N SER A 128 -12.16 33.94 -21.79
CA SER A 128 -12.86 34.98 -22.55
C SER A 128 -13.68 35.87 -21.62
N GLY A 129 -13.08 36.24 -20.48
CA GLY A 129 -13.76 37.08 -19.52
C GLY A 129 -12.90 38.25 -19.07
N GLY A 1 -14.14 -14.08 27.00
CA GLY A 1 -13.04 -13.59 27.81
C GLY A 1 -12.20 -12.56 27.08
N SER A 2 -11.05 -12.23 27.67
CA SER A 2 -10.15 -11.25 27.07
C SER A 2 -10.78 -9.87 27.06
N SER A 3 -11.46 -9.52 28.15
CA SER A 3 -12.12 -8.23 28.26
C SER A 3 -11.10 -7.09 28.30
N GLY A 4 -10.09 -7.24 29.16
CA GLY A 4 -9.07 -6.23 29.29
C GLY A 4 -9.63 -4.83 29.30
N SER A 5 -9.55 -4.14 28.16
CA SER A 5 -10.06 -2.78 28.04
C SER A 5 -9.21 -1.82 28.86
N SER A 6 -7.89 -2.02 28.84
CA SER A 6 -6.97 -1.17 29.58
C SER A 6 -5.71 -0.90 28.78
N GLY A 7 -5.09 0.26 29.03
CA GLY A 7 -3.88 0.61 28.32
C GLY A 7 -4.14 1.62 27.21
N GLY A 8 -3.44 1.45 26.09
CA GLY A 8 -3.60 2.35 24.97
C GLY A 8 -2.28 2.83 24.41
N SER A 9 -2.08 2.62 23.12
CA SER A 9 -0.84 3.03 22.46
C SER A 9 -0.98 2.96 20.94
N ASP A 10 -0.19 3.77 20.24
CA ASP A 10 -0.22 3.78 18.78
C ASP A 10 0.67 2.71 18.20
N SER A 11 0.13 1.49 18.09
CA SER A 11 0.89 0.37 17.54
C SER A 11 0.61 0.19 16.06
N SER A 12 -0.57 -0.34 15.75
CA SER A 12 -0.96 -0.56 14.36
C SER A 12 -1.65 0.67 13.79
N LEU A 13 -0.86 1.62 13.32
CA LEU A 13 -1.38 2.85 12.74
C LEU A 13 -1.84 2.63 11.30
N PHE A 14 -1.22 1.64 10.64
CA PHE A 14 -1.57 1.33 9.26
C PHE A 14 -2.23 -0.05 9.17
N GLU A 15 -2.81 -0.33 8.00
CA GLU A 15 -3.48 -1.61 7.79
C GLU A 15 -3.03 -2.25 6.48
N THR A 16 -2.49 -3.45 6.56
CA THR A 16 -2.01 -4.16 5.38
C THR A 16 -3.15 -4.92 4.71
N TYR A 17 -3.31 -4.69 3.41
CA TYR A 17 -4.37 -5.35 2.63
C TYR A 17 -3.80 -5.97 1.35
N ASN A 18 -4.40 -7.09 0.94
CA ASN A 18 -3.96 -7.78 -0.26
C ASN A 18 -4.94 -7.54 -1.42
N VAL A 19 -4.40 -7.40 -2.63
CA VAL A 19 -5.23 -7.17 -3.80
C VAL A 19 -4.94 -8.21 -4.88
N GLU A 20 -5.90 -9.11 -5.10
CA GLU A 20 -5.76 -10.15 -6.11
C GLU A 20 -6.19 -9.66 -7.48
N LEU A 21 -5.24 -9.12 -8.24
CA LEU A 21 -5.53 -8.60 -9.57
C LEU A 21 -5.63 -9.73 -10.58
N VAL A 22 -6.37 -9.50 -11.66
CA VAL A 22 -6.53 -10.51 -12.71
C VAL A 22 -5.95 -10.02 -14.03
N ARG A 23 -5.11 -10.86 -14.64
CA ARG A 23 -4.48 -10.53 -15.91
C ARG A 23 -5.22 -11.17 -17.07
N LYS A 24 -5.98 -10.36 -17.80
CA LYS A 24 -6.75 -10.85 -18.95
C LYS A 24 -5.82 -11.45 -20.00
N ASP A 25 -6.41 -11.94 -21.10
CA ASP A 25 -5.63 -12.54 -22.17
C ASP A 25 -4.51 -11.61 -22.63
N GLY A 26 -3.35 -11.74 -22.00
CA GLY A 26 -2.22 -10.90 -22.35
C GLY A 26 -2.31 -9.52 -21.75
N GLN A 27 -2.83 -9.44 -20.53
CA GLN A 27 -2.98 -8.16 -19.84
C GLN A 27 -1.90 -7.99 -18.77
N SER A 28 -1.12 -6.92 -18.89
CA SER A 28 -0.05 -6.65 -17.94
C SER A 28 -0.59 -6.01 -16.66
N LEU A 29 0.25 -5.94 -15.64
CA LEU A 29 -0.16 -5.34 -14.37
C LEU A 29 -0.54 -3.88 -14.55
N GLY A 30 0.43 -3.06 -14.96
CA GLY A 30 0.17 -1.65 -15.16
C GLY A 30 0.29 -0.86 -13.87
N ILE A 31 1.37 -1.07 -13.14
CA ILE A 31 1.60 -0.36 -11.88
C ILE A 31 3.01 0.21 -11.82
N ARG A 32 3.11 1.53 -11.88
CA ARG A 32 4.40 2.21 -11.83
C ARG A 32 4.85 2.41 -10.38
N ILE A 33 6.09 2.05 -10.11
CA ILE A 33 6.65 2.19 -8.76
C ILE A 33 7.72 3.27 -8.73
N VAL A 34 8.24 3.55 -7.52
CA VAL A 34 9.28 4.55 -7.35
C VAL A 34 10.08 4.30 -6.09
N GLY A 35 11.38 4.57 -6.15
CA GLY A 35 12.24 4.37 -4.99
C GLY A 35 12.35 5.61 -4.14
N TYR A 36 11.86 5.53 -2.90
CA TYR A 36 11.91 6.66 -1.98
C TYR A 36 13.09 6.51 -1.01
N VAL A 37 13.55 7.65 -0.49
CA VAL A 37 14.66 7.65 0.45
C VAL A 37 14.31 8.42 1.72
N GLY A 38 13.41 9.38 1.59
CA GLY A 38 12.99 10.17 2.74
C GLY A 38 14.06 11.15 3.17
N THR A 39 13.64 12.36 3.54
CA THR A 39 14.57 13.38 3.99
C THR A 39 14.22 13.90 5.39
N SER A 40 13.67 13.00 6.21
CA SER A 40 13.29 13.35 7.57
C SER A 40 13.50 12.18 8.51
N HIS A 41 13.87 12.49 9.76
CA HIS A 41 14.11 11.46 10.76
C HIS A 41 12.80 10.86 11.25
N THR A 42 11.91 11.72 11.73
CA THR A 42 10.61 11.28 12.23
C THR A 42 9.71 10.80 11.09
N GLY A 43 9.16 9.60 11.24
CA GLY A 43 8.29 9.06 10.21
C GLY A 43 9.00 8.87 8.89
N GLU A 44 9.79 7.80 8.79
CA GLU A 44 10.54 7.50 7.58
C GLU A 44 9.59 7.32 6.40
N ALA A 45 10.09 7.62 5.20
CA ALA A 45 9.28 7.49 3.99
C ALA A 45 10.03 6.70 2.92
N SER A 46 10.97 5.87 3.35
CA SER A 46 11.76 5.06 2.44
C SER A 46 11.03 3.77 2.08
N GLY A 47 10.97 3.46 0.78
CA GLY A 47 10.29 2.27 0.33
C GLY A 47 9.74 2.40 -1.08
N ILE A 48 8.96 1.42 -1.51
CA ILE A 48 8.37 1.44 -2.84
C ILE A 48 6.95 1.98 -2.81
N TYR A 49 6.70 3.02 -3.59
CA TYR A 49 5.38 3.63 -3.66
C TYR A 49 4.86 3.66 -5.09
N VAL A 50 3.54 3.68 -5.23
CA VAL A 50 2.91 3.69 -6.55
C VAL A 50 3.00 5.09 -7.18
N LYS A 51 3.88 5.24 -8.15
CA LYS A 51 4.06 6.51 -8.84
C LYS A 51 2.85 6.84 -9.70
N SER A 52 2.34 5.83 -10.40
CA SER A 52 1.17 6.01 -11.26
C SER A 52 0.48 4.69 -11.53
N VAL A 53 -0.70 4.75 -12.13
CA VAL A 53 -1.47 3.56 -12.44
C VAL A 53 -1.97 3.58 -13.89
N ILE A 54 -1.25 2.88 -14.76
CA ILE A 54 -1.61 2.82 -16.17
C ILE A 54 -3.07 2.41 -16.35
N PRO A 55 -3.86 3.25 -17.03
CA PRO A 55 -5.27 3.00 -17.28
C PRO A 55 -5.49 1.84 -18.26
N GLY A 56 -6.65 1.21 -18.17
CA GLY A 56 -6.95 0.10 -19.05
C GLY A 56 -6.19 -1.16 -18.70
N SER A 57 -5.60 -1.19 -17.50
CA SER A 57 -4.83 -2.33 -17.04
C SER A 57 -5.53 -3.03 -15.88
N ALA A 58 -4.93 -4.10 -15.40
CA ALA A 58 -5.49 -4.86 -14.28
C ALA A 58 -5.63 -3.99 -13.04
N ALA A 59 -4.56 -3.28 -12.69
CA ALA A 59 -4.56 -2.41 -11.52
C ALA A 59 -5.68 -1.38 -11.61
N TYR A 60 -5.80 -0.73 -12.77
CA TYR A 60 -6.83 0.28 -12.98
C TYR A 60 -8.21 -0.35 -12.99
N HIS A 61 -8.33 -1.51 -13.64
CA HIS A 61 -9.60 -2.22 -13.73
C HIS A 61 -10.13 -2.55 -12.34
N ASN A 62 -9.26 -3.10 -11.50
CA ASN A 62 -9.64 -3.47 -10.14
C ASN A 62 -10.16 -2.27 -9.37
N GLY A 63 -9.34 -1.23 -9.27
CA GLY A 63 -9.74 -0.03 -8.56
C GLY A 63 -9.40 -0.09 -7.08
N HIS A 64 -8.34 -0.82 -6.75
CA HIS A 64 -7.91 -0.95 -5.36
C HIS A 64 -6.52 -0.37 -5.16
N ILE A 65 -5.64 -0.61 -6.13
CA ILE A 65 -4.28 -0.11 -6.07
C ILE A 65 -4.14 1.21 -6.82
N GLN A 66 -3.85 2.28 -6.09
CA GLN A 66 -3.69 3.59 -6.68
C GLN A 66 -2.40 4.25 -6.21
N VAL A 67 -2.19 5.51 -6.62
CA VAL A 67 -0.99 6.24 -6.23
C VAL A 67 -0.99 6.55 -4.74
N ASN A 68 0.11 7.11 -4.25
CA ASN A 68 0.24 7.45 -2.85
C ASN A 68 0.08 6.21 -1.97
N ASP A 69 0.45 5.05 -2.52
CA ASP A 69 0.35 3.79 -1.80
C ASP A 69 1.71 3.13 -1.64
N LYS A 70 1.91 2.43 -0.53
CA LYS A 70 3.17 1.76 -0.26
C LYS A 70 3.02 0.25 -0.39
N ILE A 71 4.07 -0.41 -0.88
CA ILE A 71 4.06 -1.86 -1.05
C ILE A 71 5.00 -2.54 -0.06
N VAL A 72 4.61 -3.72 0.39
CA VAL A 72 5.42 -4.48 1.34
C VAL A 72 5.72 -5.88 0.81
N ALA A 73 4.83 -6.38 -0.04
CA ALA A 73 5.00 -7.71 -0.63
C ALA A 73 4.28 -7.82 -1.96
N VAL A 74 4.83 -8.61 -2.87
CA VAL A 74 4.24 -8.80 -4.19
C VAL A 74 4.12 -10.29 -4.53
N ASP A 75 2.89 -10.76 -4.68
CA ASP A 75 2.63 -12.15 -5.01
C ASP A 75 3.12 -13.07 -3.90
N GLY A 76 3.13 -12.55 -2.66
CA GLY A 76 3.58 -13.34 -1.54
C GLY A 76 5.07 -13.22 -1.30
N VAL A 77 5.70 -12.29 -2.01
CA VAL A 77 7.14 -12.07 -1.88
C VAL A 77 7.43 -10.76 -1.16
N ASN A 78 8.12 -10.86 -0.02
CA ASN A 78 8.48 -9.69 0.78
C ASN A 78 9.50 -8.83 0.05
N ILE A 79 9.01 -7.86 -0.73
CA ILE A 79 9.89 -6.97 -1.48
C ILE A 79 10.37 -5.81 -0.61
N GLN A 80 10.20 -5.96 0.69
CA GLN A 80 10.62 -4.93 1.64
C GLN A 80 12.11 -4.65 1.51
N GLY A 81 12.46 -3.62 0.74
CA GLY A 81 13.85 -3.27 0.55
C GLY A 81 14.35 -3.58 -0.84
N PHE A 82 13.53 -4.29 -1.61
CA PHE A 82 13.89 -4.65 -2.98
C PHE A 82 14.07 -3.40 -3.84
N ALA A 83 15.17 -3.36 -4.60
CA ALA A 83 15.45 -2.22 -5.45
C ALA A 83 14.37 -2.05 -6.52
N ASN A 84 14.18 -0.81 -6.97
CA ASN A 84 13.17 -0.52 -7.98
C ASN A 84 13.12 -1.63 -9.04
N HIS A 85 14.28 -1.98 -9.58
CA HIS A 85 14.37 -3.03 -10.59
C HIS A 85 14.08 -4.39 -9.99
N ASP A 86 14.68 -4.66 -8.83
CA ASP A 86 14.48 -5.94 -8.15
C ASP A 86 12.99 -6.25 -8.00
N VAL A 87 12.18 -5.22 -7.88
CA VAL A 87 10.73 -5.38 -7.74
C VAL A 87 10.08 -5.63 -9.09
N VAL A 88 10.56 -4.94 -10.11
CA VAL A 88 10.02 -5.09 -11.46
C VAL A 88 10.02 -6.56 -11.90
N GLU A 89 11.19 -7.18 -11.84
CA GLU A 89 11.34 -8.57 -12.24
C GLU A 89 10.34 -9.45 -11.48
N VAL A 90 10.08 -9.09 -10.23
CA VAL A 90 9.15 -9.85 -9.40
C VAL A 90 7.74 -9.84 -10.00
N LEU A 91 7.31 -8.67 -10.46
CA LEU A 91 5.98 -8.54 -11.06
C LEU A 91 5.86 -9.42 -12.30
N ARG A 92 6.90 -9.42 -13.12
CA ARG A 92 6.90 -10.22 -14.35
C ARG A 92 6.82 -11.70 -14.02
N ASN A 93 7.52 -12.12 -12.98
CA ASN A 93 7.52 -13.52 -12.57
C ASN A 93 6.13 -13.97 -12.14
N ALA A 94 5.40 -13.07 -11.48
CA ALA A 94 4.05 -13.37 -11.03
C ALA A 94 3.16 -13.78 -12.19
N GLY A 95 2.20 -14.67 -11.92
CA GLY A 95 1.30 -15.14 -12.96
C GLY A 95 0.01 -14.34 -13.00
N GLN A 96 -1.05 -14.97 -13.50
CA GLN A 96 -2.36 -14.31 -13.58
C GLN A 96 -2.76 -13.71 -12.24
N VAL A 97 -2.84 -14.56 -11.22
CA VAL A 97 -3.23 -14.12 -9.89
C VAL A 97 -2.09 -13.36 -9.23
N VAL A 98 -2.19 -12.03 -9.21
CA VAL A 98 -1.17 -11.19 -8.60
C VAL A 98 -1.66 -10.57 -7.30
N HIS A 99 -1.13 -11.06 -6.19
CA HIS A 99 -1.53 -10.56 -4.87
C HIS A 99 -0.60 -9.43 -4.42
N LEU A 100 -1.05 -8.19 -4.60
CA LEU A 100 -0.28 -7.02 -4.21
C LEU A 100 -0.57 -6.62 -2.77
N THR A 101 0.44 -6.72 -1.91
CA THR A 101 0.30 -6.37 -0.51
C THR A 101 0.65 -4.91 -0.27
N LEU A 102 -0.34 -4.11 0.12
CA LEU A 102 -0.12 -2.69 0.38
C LEU A 102 -0.54 -2.33 1.80
N VAL A 103 0.01 -1.24 2.32
CA VAL A 103 -0.30 -0.78 3.67
C VAL A 103 -0.90 0.61 3.64
N ARG A 104 -2.15 0.73 4.08
CA ARG A 104 -2.84 2.00 4.12
C ARG A 104 -2.80 2.62 5.52
N ARG A 105 -3.03 3.92 5.60
CA ARG A 105 -3.02 4.62 6.87
C ARG A 105 -4.41 4.67 7.49
N LYS A 106 -4.55 4.05 8.66
CA LYS A 106 -5.84 4.02 9.35
C LYS A 106 -6.26 5.41 9.78
N THR A 107 -7.53 5.57 10.13
CA THR A 107 -8.05 6.86 10.57
C THR A 107 -9.37 6.69 11.33
N SER A 108 -9.61 7.57 12.28
CA SER A 108 -10.83 7.51 13.08
C SER A 108 -12.03 7.15 12.22
N SER A 109 -12.54 5.93 12.41
CA SER A 109 -13.68 5.45 11.64
C SER A 109 -14.25 4.17 12.26
N SER A 110 -15.29 3.63 11.64
CA SER A 110 -15.93 2.41 12.12
C SER A 110 -14.88 1.37 12.51
N THR A 111 -13.85 1.24 11.68
CA THR A 111 -12.79 0.28 11.93
C THR A 111 -11.95 0.68 13.15
N SER A 112 -10.95 -0.13 13.47
CA SER A 112 -10.09 0.15 14.62
C SER A 112 -9.47 1.54 14.51
N PRO A 113 -9.45 2.26 15.63
CA PRO A 113 -8.89 3.62 15.69
C PRO A 113 -7.37 3.62 15.53
N LEU A 114 -6.77 4.81 15.63
CA LEU A 114 -5.32 4.95 15.51
C LEU A 114 -4.63 4.61 16.83
N GLU A 115 -5.31 4.90 17.94
CA GLU A 115 -4.75 4.63 19.25
C GLU A 115 -5.79 3.97 20.16
N PRO A 116 -6.10 2.69 19.86
CA PRO A 116 -7.08 1.91 20.62
C PRO A 116 -6.58 1.57 22.02
N PRO A 117 -7.49 1.06 22.87
CA PRO A 117 -7.16 0.68 24.24
C PRO A 117 -6.26 -0.56 24.31
N SER A 118 -5.83 -1.03 23.15
CA SER A 118 -4.97 -2.20 23.07
C SER A 118 -3.74 -2.04 23.96
N ASP A 119 -3.02 -3.13 24.16
CA ASP A 119 -1.82 -3.12 24.99
C ASP A 119 -1.09 -1.79 24.86
N ARG A 120 -0.43 -1.37 25.95
CA ARG A 120 0.30 -0.12 25.95
C ARG A 120 1.65 -0.27 25.26
N GLY A 121 2.55 -1.02 25.90
CA GLY A 121 3.87 -1.23 25.33
C GLY A 121 4.75 0.00 25.42
N THR A 122 5.07 0.59 24.28
CA THR A 122 5.92 1.78 24.24
C THR A 122 5.21 2.93 23.53
N VAL A 123 5.82 4.11 23.59
CA VAL A 123 5.24 5.29 22.95
C VAL A 123 6.34 6.24 22.47
N SER A 124 5.94 7.29 21.77
CA SER A 124 6.88 8.26 21.23
C SER A 124 6.18 9.58 20.89
N GLY A 125 6.94 10.66 20.88
CA GLY A 125 6.38 11.96 20.56
C GLY A 125 6.68 12.40 19.14
N PRO A 126 5.63 12.69 18.37
CA PRO A 126 5.76 13.13 16.97
C PRO A 126 6.36 14.52 16.86
N SER A 127 5.79 15.48 17.61
CA SER A 127 6.26 16.85 17.58
C SER A 127 5.53 17.70 18.62
N SER A 128 6.07 18.88 18.90
CA SER A 128 5.47 19.77 19.88
C SER A 128 4.95 21.04 19.20
N GLY A 129 5.82 21.70 18.44
CA GLY A 129 5.44 22.91 17.75
C GLY A 129 4.81 22.65 16.40
N GLY A 1 -20.32 -11.63 13.67
CA GLY A 1 -21.09 -10.41 13.53
C GLY A 1 -20.23 -9.21 13.23
N SER A 2 -20.81 -8.02 13.35
CA SER A 2 -20.09 -6.78 13.08
C SER A 2 -19.40 -6.26 14.35
N SER A 3 -18.52 -5.30 14.17
CA SER A 3 -17.79 -4.72 15.30
C SER A 3 -18.03 -3.21 15.39
N GLY A 4 -17.65 -2.63 16.52
CA GLY A 4 -17.84 -1.20 16.72
C GLY A 4 -17.20 -0.70 18.00
N SER A 5 -15.99 -0.16 17.89
CA SER A 5 -15.27 0.35 19.04
C SER A 5 -14.22 1.37 18.61
N SER A 6 -14.07 2.43 19.40
CA SER A 6 -13.11 3.48 19.11
C SER A 6 -12.03 3.54 20.20
N GLY A 7 -10.77 3.59 19.77
CA GLY A 7 -9.66 3.65 20.71
C GLY A 7 -8.48 2.81 20.28
N GLY A 8 -7.60 2.50 21.23
CA GLY A 8 -6.43 1.71 20.92
C GLY A 8 -5.13 2.47 21.16
N SER A 9 -4.01 1.84 20.81
CA SER A 9 -2.70 2.45 20.99
C SER A 9 -2.04 2.73 19.64
N ASP A 10 -0.84 3.28 19.68
CA ASP A 10 -0.09 3.59 18.47
C ASP A 10 0.68 2.37 17.98
N SER A 11 0.02 1.22 17.98
CA SER A 11 0.64 -0.01 17.53
C SER A 11 0.43 -0.23 16.03
N SER A 12 -0.84 -0.28 15.62
CA SER A 12 -1.17 -0.48 14.22
C SER A 12 -1.85 0.76 13.64
N LEU A 13 -1.03 1.74 13.23
CA LEU A 13 -1.54 2.97 12.67
C LEU A 13 -1.94 2.78 11.21
N PHE A 14 -1.34 1.79 10.57
CA PHE A 14 -1.64 1.49 9.17
C PHE A 14 -2.48 0.22 9.04
N GLU A 15 -2.93 -0.07 7.83
CA GLU A 15 -3.74 -1.24 7.57
C GLU A 15 -3.28 -1.96 6.30
N THR A 16 -3.00 -3.25 6.42
CA THR A 16 -2.56 -4.05 5.29
C THR A 16 -3.72 -4.79 4.64
N TYR A 17 -3.77 -4.79 3.32
CA TYR A 17 -4.83 -5.46 2.58
C TYR A 17 -4.28 -6.17 1.35
N ASN A 18 -4.84 -7.33 1.04
CA ASN A 18 -4.40 -8.12 -0.11
C ASN A 18 -5.29 -7.84 -1.32
N VAL A 19 -4.65 -7.57 -2.46
CA VAL A 19 -5.38 -7.30 -3.69
C VAL A 19 -5.05 -8.33 -4.77
N GLU A 20 -6.05 -9.10 -5.16
CA GLU A 20 -5.87 -10.12 -6.18
C GLU A 20 -6.16 -9.57 -7.57
N LEU A 21 -5.12 -9.18 -8.28
CA LEU A 21 -5.25 -8.63 -9.63
C LEU A 21 -5.25 -9.74 -10.68
N VAL A 22 -6.10 -9.59 -11.69
CA VAL A 22 -6.19 -10.58 -12.75
C VAL A 22 -5.55 -10.06 -14.03
N ARG A 23 -4.93 -10.97 -14.79
CA ARG A 23 -4.27 -10.61 -16.04
C ARG A 23 -5.01 -11.20 -17.23
N LYS A 24 -5.81 -10.37 -17.90
CA LYS A 24 -6.56 -10.81 -19.06
C LYS A 24 -5.68 -11.59 -20.03
N ASP A 25 -6.28 -12.12 -21.08
CA ASP A 25 -5.54 -12.89 -22.09
C ASP A 25 -4.41 -12.05 -22.68
N GLY A 26 -3.21 -12.23 -22.14
CA GLY A 26 -2.07 -11.49 -22.63
C GLY A 26 -2.06 -10.05 -22.15
N GLN A 27 -2.44 -9.84 -20.90
CA GLN A 27 -2.48 -8.50 -20.32
C GLN A 27 -1.41 -8.34 -19.25
N SER A 28 -0.85 -7.12 -19.15
CA SER A 28 0.19 -6.84 -18.17
C SER A 28 -0.42 -6.28 -16.89
N LEU A 29 0.45 -5.97 -15.93
CA LEU A 29 0.00 -5.42 -14.65
C LEU A 29 -0.42 -3.97 -14.79
N GLY A 30 0.55 -3.10 -15.03
CA GLY A 30 0.26 -1.68 -15.18
C GLY A 30 0.37 -0.92 -13.88
N ILE A 31 1.47 -1.14 -13.17
CA ILE A 31 1.70 -0.47 -11.89
C ILE A 31 3.08 0.18 -11.86
N ARG A 32 3.10 1.50 -11.71
CA ARG A 32 4.35 2.25 -11.66
C ARG A 32 4.85 2.38 -10.22
N ILE A 33 6.10 1.98 -10.00
CA ILE A 33 6.69 2.06 -8.66
C ILE A 33 7.78 3.12 -8.61
N VAL A 34 8.25 3.42 -7.41
CA VAL A 34 9.30 4.43 -7.22
C VAL A 34 10.12 4.12 -5.96
N GLY A 35 11.43 4.34 -6.07
CA GLY A 35 12.31 4.09 -4.93
C GLY A 35 12.79 5.37 -4.28
N TYR A 36 12.14 5.74 -3.17
CA TYR A 36 12.50 6.95 -2.45
C TYR A 36 13.67 6.69 -1.50
N VAL A 37 14.46 7.73 -1.25
CA VAL A 37 15.61 7.62 -0.36
C VAL A 37 15.61 8.73 0.69
N GLY A 38 15.03 9.88 0.32
CA GLY A 38 14.98 10.99 1.24
C GLY A 38 14.78 10.56 2.68
N THR A 39 15.78 10.83 3.52
CA THR A 39 15.71 10.46 4.93
C THR A 39 15.79 11.69 5.82
N SER A 40 16.66 12.62 5.46
CA SER A 40 16.84 13.85 6.24
C SER A 40 15.65 14.78 6.06
N HIS A 41 15.37 15.14 4.80
CA HIS A 41 14.26 16.02 4.49
C HIS A 41 13.04 15.68 5.34
N THR A 42 12.33 16.71 5.80
CA THR A 42 11.14 16.52 6.62
C THR A 42 10.30 15.36 6.12
N GLY A 43 9.74 14.60 7.04
CA GLY A 43 8.92 13.46 6.68
C GLY A 43 9.70 12.39 5.94
N GLU A 44 10.54 11.67 6.68
CA GLU A 44 11.35 10.60 6.10
C GLU A 44 10.54 9.79 5.09
N ALA A 45 11.03 9.73 3.85
CA ALA A 45 10.36 8.98 2.80
C ALA A 45 11.31 7.99 2.13
N SER A 46 11.12 6.71 2.42
CA SER A 46 11.97 5.67 1.85
C SER A 46 11.17 4.39 1.64
N GLY A 47 11.32 3.80 0.46
CA GLY A 47 10.60 2.57 0.15
C GLY A 47 9.96 2.60 -1.22
N ILE A 48 9.17 1.58 -1.53
CA ILE A 48 8.50 1.48 -2.82
C ILE A 48 7.09 2.06 -2.75
N TYR A 49 6.79 3.02 -3.61
CA TYR A 49 5.48 3.65 -3.64
C TYR A 49 4.91 3.67 -5.06
N VAL A 50 3.60 3.57 -5.16
CA VAL A 50 2.93 3.57 -6.45
C VAL A 50 2.98 4.95 -7.11
N LYS A 51 3.98 5.16 -7.95
CA LYS A 51 4.15 6.43 -8.63
C LYS A 51 2.91 6.78 -9.46
N SER A 52 2.37 5.78 -10.15
CA SER A 52 1.19 5.97 -10.98
C SER A 52 0.52 4.63 -11.28
N VAL A 53 -0.65 4.70 -11.91
CA VAL A 53 -1.41 3.49 -12.26
C VAL A 53 -1.83 3.52 -13.72
N ILE A 54 -1.16 2.73 -14.55
CA ILE A 54 -1.48 2.65 -15.97
C ILE A 54 -2.93 2.26 -16.19
N PRO A 55 -3.64 3.04 -17.04
CA PRO A 55 -5.04 2.79 -17.36
C PRO A 55 -5.23 1.53 -18.20
N GLY A 56 -6.46 1.00 -18.18
CA GLY A 56 -6.75 -0.20 -18.94
C GLY A 56 -5.87 -1.37 -18.55
N SER A 57 -5.42 -1.37 -17.30
CA SER A 57 -4.56 -2.43 -16.80
C SER A 57 -5.19 -3.12 -15.58
N ALA A 58 -4.71 -4.31 -15.26
CA ALA A 58 -5.22 -5.06 -14.13
C ALA A 58 -5.41 -4.16 -12.91
N ALA A 59 -4.34 -3.48 -12.52
CA ALA A 59 -4.39 -2.58 -11.37
C ALA A 59 -5.60 -1.65 -11.45
N TYR A 60 -5.73 -0.96 -12.57
CA TYR A 60 -6.84 -0.03 -12.77
C TYR A 60 -8.17 -0.76 -12.69
N HIS A 61 -8.26 -1.89 -13.37
CA HIS A 61 -9.49 -2.69 -13.36
C HIS A 61 -9.99 -2.92 -11.93
N ASN A 62 -9.16 -3.56 -11.12
CA ASN A 62 -9.53 -3.84 -9.74
C ASN A 62 -9.81 -2.55 -8.98
N GLY A 63 -9.09 -1.49 -9.32
CA GLY A 63 -9.27 -0.22 -8.66
C GLY A 63 -8.97 -0.28 -7.18
N HIS A 64 -7.99 -1.10 -6.81
CA HIS A 64 -7.61 -1.25 -5.41
C HIS A 64 -6.22 -0.66 -5.16
N ILE A 65 -5.33 -0.86 -6.11
CA ILE A 65 -3.96 -0.35 -5.99
C ILE A 65 -3.83 1.02 -6.66
N GLN A 66 -3.71 2.06 -5.84
CA GLN A 66 -3.58 3.42 -6.35
C GLN A 66 -2.36 4.11 -5.76
N VAL A 67 -2.01 5.28 -6.30
CA VAL A 67 -0.86 6.04 -5.82
C VAL A 67 -0.96 6.29 -4.32
N ASN A 68 0.10 6.87 -3.76
CA ASN A 68 0.13 7.18 -2.33
C ASN A 68 0.02 5.90 -1.50
N ASP A 69 0.59 4.82 -2.01
CA ASP A 69 0.55 3.54 -1.32
C ASP A 69 1.95 2.95 -1.18
N LYS A 70 2.19 2.24 -0.08
CA LYS A 70 3.49 1.63 0.17
C LYS A 70 3.42 0.12 0.00
N ILE A 71 4.13 -0.40 -1.00
CA ILE A 71 4.15 -1.82 -1.26
C ILE A 71 5.15 -2.54 -0.36
N VAL A 72 4.66 -3.54 0.38
CA VAL A 72 5.52 -4.30 1.29
C VAL A 72 5.74 -5.72 0.76
N ALA A 73 4.80 -6.20 -0.06
CA ALA A 73 4.90 -7.54 -0.63
C ALA A 73 4.14 -7.62 -1.94
N VAL A 74 4.67 -8.40 -2.88
CA VAL A 74 4.02 -8.58 -4.18
C VAL A 74 3.86 -10.06 -4.51
N ASP A 75 2.61 -10.47 -4.68
CA ASP A 75 2.30 -11.87 -5.00
C ASP A 75 2.79 -12.80 -3.90
N GLY A 76 2.73 -12.32 -2.66
CA GLY A 76 3.18 -13.12 -1.53
C GLY A 76 4.68 -13.13 -1.37
N VAL A 77 5.33 -12.10 -1.91
CA VAL A 77 6.78 -11.98 -1.82
C VAL A 77 7.19 -10.71 -1.10
N ASN A 78 7.80 -10.87 0.07
CA ASN A 78 8.24 -9.74 0.87
C ASN A 78 9.30 -8.93 0.12
N ILE A 79 8.84 -7.96 -0.67
CA ILE A 79 9.74 -7.10 -1.44
C ILE A 79 10.25 -5.95 -0.60
N GLN A 80 10.12 -6.07 0.73
CA GLN A 80 10.57 -5.04 1.63
C GLN A 80 12.06 -4.76 1.46
N GLY A 81 12.38 -3.73 0.68
CA GLY A 81 13.77 -3.39 0.43
C GLY A 81 14.18 -3.62 -1.01
N PHE A 82 13.40 -4.41 -1.73
CA PHE A 82 13.68 -4.71 -3.13
C PHE A 82 13.89 -3.42 -3.93
N ALA A 83 14.99 -3.36 -4.67
CA ALA A 83 15.31 -2.19 -5.48
C ALA A 83 14.28 -1.99 -6.59
N ASN A 84 14.14 -0.76 -7.05
CA ASN A 84 13.20 -0.44 -8.11
C ASN A 84 13.10 -1.59 -9.11
N HIS A 85 14.17 -1.79 -9.87
CA HIS A 85 14.21 -2.85 -10.88
C HIS A 85 13.93 -4.21 -10.23
N ASP A 86 14.46 -4.41 -9.03
CA ASP A 86 14.27 -5.66 -8.31
C ASP A 86 12.79 -5.96 -8.12
N VAL A 87 11.99 -4.91 -8.05
CA VAL A 87 10.55 -5.06 -7.86
C VAL A 87 9.84 -5.28 -9.19
N VAL A 88 10.32 -4.60 -10.23
CA VAL A 88 9.74 -4.73 -11.57
C VAL A 88 9.76 -6.17 -12.04
N GLU A 89 10.93 -6.80 -11.97
CA GLU A 89 11.07 -8.19 -12.39
C GLU A 89 10.06 -9.09 -11.68
N VAL A 90 9.86 -8.84 -10.39
CA VAL A 90 8.93 -9.62 -9.59
C VAL A 90 7.52 -9.54 -10.18
N LEU A 91 7.12 -8.33 -10.56
CA LEU A 91 5.79 -8.10 -11.13
C LEU A 91 5.63 -8.87 -12.44
N ARG A 92 6.61 -8.74 -13.32
CA ARG A 92 6.59 -9.42 -14.61
C ARG A 92 6.46 -10.93 -14.43
N ASN A 93 7.22 -11.47 -13.49
CA ASN A 93 7.20 -12.91 -13.22
C ASN A 93 5.82 -13.35 -12.77
N ALA A 94 5.16 -12.52 -11.96
CA ALA A 94 3.83 -12.83 -11.47
C ALA A 94 2.92 -13.32 -12.59
N GLY A 95 1.97 -14.18 -12.24
CA GLY A 95 1.06 -14.71 -13.24
C GLY A 95 -0.29 -14.03 -13.21
N GLN A 96 -1.34 -14.76 -13.56
CA GLN A 96 -2.69 -14.21 -13.56
C GLN A 96 -3.08 -13.69 -12.19
N VAL A 97 -3.05 -14.58 -11.20
CA VAL A 97 -3.39 -14.21 -9.83
C VAL A 97 -2.25 -13.46 -9.15
N VAL A 98 -2.35 -12.13 -9.13
CA VAL A 98 -1.33 -11.30 -8.51
C VAL A 98 -1.84 -10.67 -7.22
N HIS A 99 -1.41 -11.23 -6.09
CA HIS A 99 -1.83 -10.72 -4.78
C HIS A 99 -0.87 -9.63 -4.30
N LEU A 100 -1.29 -8.38 -4.41
CA LEU A 100 -0.47 -7.26 -3.98
C LEU A 100 -0.72 -6.93 -2.51
N THR A 101 0.36 -6.71 -1.78
CA THR A 101 0.26 -6.39 -0.35
C THR A 101 0.63 -4.93 -0.09
N LEU A 102 -0.38 -4.11 0.19
CA LEU A 102 -0.15 -2.70 0.46
C LEU A 102 -0.58 -2.34 1.89
N VAL A 103 -0.04 -1.24 2.40
CA VAL A 103 -0.38 -0.79 3.75
C VAL A 103 -0.48 0.73 3.81
N ARG A 104 -1.71 1.23 3.97
CA ARG A 104 -1.94 2.67 4.04
C ARG A 104 -2.29 3.09 5.47
N ARG A 105 -1.98 4.34 5.79
CA ARG A 105 -2.26 4.87 7.12
C ARG A 105 -3.76 4.93 7.39
N LYS A 106 -4.18 4.31 8.48
CA LYS A 106 -5.59 4.28 8.85
C LYS A 106 -6.12 5.69 9.09
N THR A 107 -7.39 5.80 9.46
CA THR A 107 -8.00 7.10 9.73
C THR A 107 -7.81 7.51 11.18
N SER A 108 -7.18 8.66 11.39
CA SER A 108 -6.94 9.17 12.74
C SER A 108 -8.25 9.36 13.49
N SER A 109 -8.15 9.49 14.81
CA SER A 109 -9.33 9.67 15.64
C SER A 109 -9.49 11.14 16.03
N SER A 110 -10.42 11.82 15.37
CA SER A 110 -10.68 13.23 15.63
C SER A 110 -11.86 13.40 16.58
N THR A 111 -11.68 14.18 17.63
CA THR A 111 -12.73 14.42 18.61
C THR A 111 -13.73 15.46 18.10
N SER A 112 -14.82 14.98 17.52
CA SER A 112 -15.86 15.86 16.98
C SER A 112 -16.28 16.89 18.03
N PRO A 113 -15.97 18.17 17.77
CA PRO A 113 -16.31 19.26 18.68
C PRO A 113 -17.82 19.54 18.71
N LEU A 114 -18.19 20.68 19.27
CA LEU A 114 -19.60 21.06 19.37
C LEU A 114 -20.08 21.70 18.07
N GLU A 115 -19.22 22.51 17.46
CA GLU A 115 -19.56 23.18 16.21
C GLU A 115 -18.44 23.03 15.18
N PRO A 116 -18.27 21.79 14.69
CA PRO A 116 -17.23 21.48 13.70
C PRO A 116 -17.53 22.09 12.33
N PRO A 117 -16.48 22.59 11.66
CA PRO A 117 -16.60 23.21 10.34
C PRO A 117 -16.93 22.20 9.26
N SER A 118 -18.15 22.27 8.73
CA SER A 118 -18.59 21.36 7.68
C SER A 118 -19.03 22.12 6.44
N ASP A 119 -18.96 21.47 5.29
CA ASP A 119 -19.35 22.08 4.03
C ASP A 119 -19.94 21.04 3.07
N ARG A 120 -20.81 21.51 2.18
CA ARG A 120 -21.45 20.62 1.21
C ARG A 120 -20.42 19.92 0.34
N GLY A 121 -20.80 18.80 -0.25
CA GLY A 121 -19.89 18.04 -1.10
C GLY A 121 -20.35 16.63 -1.33
N THR A 122 -20.26 16.17 -2.57
CA THR A 122 -20.67 14.82 -2.93
C THR A 122 -20.23 14.46 -4.34
N VAL A 123 -20.02 13.17 -4.58
CA VAL A 123 -19.60 12.70 -5.90
C VAL A 123 -20.51 11.59 -6.40
N SER A 124 -20.87 11.65 -7.67
CA SER A 124 -21.74 10.66 -8.27
C SER A 124 -20.94 9.52 -8.89
N GLY A 125 -21.62 8.49 -9.37
CA GLY A 125 -20.95 7.35 -9.97
C GLY A 125 -21.93 6.38 -10.62
N PRO A 126 -22.10 6.51 -11.94
CA PRO A 126 -23.00 5.66 -12.72
C PRO A 126 -22.48 4.23 -12.83
N SER A 127 -23.32 3.27 -12.43
CA SER A 127 -22.94 1.86 -12.49
C SER A 127 -23.89 1.08 -13.40
N SER A 128 -23.57 1.06 -14.69
CA SER A 128 -24.39 0.35 -15.67
C SER A 128 -23.99 -1.12 -15.75
N GLY A 129 -24.96 -2.00 -15.54
CA GLY A 129 -24.69 -3.42 -15.60
C GLY A 129 -24.03 -3.94 -14.34
N GLY A 1 -17.23 -8.89 14.77
CA GLY A 1 -16.49 -7.66 14.64
C GLY A 1 -16.07 -7.09 15.98
N SER A 2 -15.83 -5.79 16.02
CA SER A 2 -15.41 -5.12 17.25
C SER A 2 -16.59 -4.95 18.21
N SER A 3 -16.33 -5.10 19.49
CA SER A 3 -17.37 -4.97 20.51
C SER A 3 -17.37 -3.57 21.12
N GLY A 4 -16.22 -3.17 21.65
CA GLY A 4 -16.10 -1.85 22.25
C GLY A 4 -15.03 -1.79 23.32
N SER A 5 -13.79 -2.02 22.92
CA SER A 5 -12.67 -2.00 23.86
C SER A 5 -11.34 -2.13 23.12
N SER A 6 -10.46 -1.15 23.33
CA SER A 6 -9.16 -1.16 22.68
C SER A 6 -8.05 -1.46 23.68
N GLY A 7 -7.08 -2.27 23.27
CA GLY A 7 -5.99 -2.63 24.14
C GLY A 7 -4.75 -1.77 23.91
N GLY A 8 -4.01 -2.08 22.86
CA GLY A 8 -2.81 -1.32 22.54
C GLY A 8 -3.08 0.17 22.43
N SER A 9 -2.09 0.91 21.95
CA SER A 9 -2.21 2.35 21.81
C SER A 9 -1.46 2.84 20.58
N ASP A 10 -2.21 3.34 19.60
CA ASP A 10 -1.61 3.84 18.36
C ASP A 10 -0.48 2.94 17.89
N SER A 11 -0.70 1.63 18.00
CA SER A 11 0.30 0.65 17.59
C SER A 11 0.34 0.53 16.07
N SER A 12 -0.77 0.05 15.50
CA SER A 12 -0.85 -0.13 14.05
C SER A 12 -1.67 0.99 13.42
N LEU A 13 -1.00 2.11 13.11
CA LEU A 13 -1.66 3.25 12.51
C LEU A 13 -2.17 2.91 11.11
N PHE A 14 -1.44 2.06 10.41
CA PHE A 14 -1.82 1.64 9.06
C PHE A 14 -2.32 0.20 9.05
N GLU A 15 -2.91 -0.21 7.94
CA GLU A 15 -3.43 -1.57 7.81
C GLU A 15 -2.97 -2.21 6.49
N THR A 16 -2.53 -3.46 6.58
CA THR A 16 -2.05 -4.18 5.41
C THR A 16 -3.15 -5.05 4.81
N TYR A 17 -3.13 -5.21 3.50
CA TYR A 17 -4.13 -6.01 2.80
C TYR A 17 -3.56 -6.58 1.50
N ASN A 18 -4.07 -7.75 1.11
CA ASN A 18 -3.61 -8.40 -0.12
C ASN A 18 -4.62 -8.19 -1.24
N VAL A 19 -4.13 -7.75 -2.40
CA VAL A 19 -4.98 -7.51 -3.56
C VAL A 19 -4.68 -8.50 -4.67
N GLU A 20 -5.67 -9.31 -5.03
CA GLU A 20 -5.51 -10.30 -6.08
C GLU A 20 -5.99 -9.75 -7.43
N LEU A 21 -5.07 -9.18 -8.20
CA LEU A 21 -5.40 -8.63 -9.50
C LEU A 21 -5.65 -9.73 -10.52
N VAL A 22 -6.16 -9.34 -11.69
CA VAL A 22 -6.45 -10.30 -12.75
C VAL A 22 -5.91 -9.80 -14.09
N ARG A 23 -5.25 -10.70 -14.82
CA ARG A 23 -4.69 -10.37 -16.12
C ARG A 23 -5.41 -11.11 -17.24
N LYS A 24 -6.23 -10.38 -18.00
CA LYS A 24 -6.98 -10.97 -19.10
C LYS A 24 -6.06 -11.75 -20.04
N ASP A 25 -6.61 -12.25 -21.12
CA ASP A 25 -5.85 -13.02 -22.09
C ASP A 25 -5.08 -12.08 -23.04
N GLY A 26 -4.41 -11.09 -22.46
CA GLY A 26 -3.65 -10.14 -23.26
C GLY A 26 -3.52 -8.79 -22.60
N GLN A 27 -3.44 -8.78 -21.27
CA GLN A 27 -3.32 -7.54 -20.52
C GLN A 27 -2.17 -7.62 -19.52
N SER A 28 -1.63 -6.45 -19.15
CA SER A 28 -0.52 -6.39 -18.21
C SER A 28 -0.98 -5.80 -16.87
N LEU A 29 -0.06 -5.71 -15.93
CA LEU A 29 -0.36 -5.16 -14.61
C LEU A 29 -0.66 -3.66 -14.70
N GLY A 30 0.27 -2.92 -15.29
CA GLY A 30 0.09 -1.48 -15.42
C GLY A 30 0.20 -0.75 -14.11
N ILE A 31 1.27 -1.03 -13.36
CA ILE A 31 1.50 -0.40 -12.08
C ILE A 31 2.93 0.08 -11.93
N ARG A 32 3.15 1.39 -12.09
CA ARG A 32 4.47 1.96 -11.99
C ARG A 32 4.89 2.12 -10.52
N ILE A 33 6.13 1.79 -10.22
CA ILE A 33 6.65 1.90 -8.87
C ILE A 33 7.70 3.01 -8.76
N VAL A 34 8.06 3.34 -7.53
CA VAL A 34 9.06 4.38 -7.29
C VAL A 34 9.90 4.07 -6.05
N GLY A 35 11.18 4.43 -6.10
CA GLY A 35 12.06 4.18 -4.98
C GLY A 35 12.36 5.44 -4.19
N TYR A 36 11.83 5.50 -2.97
CA TYR A 36 12.05 6.66 -2.11
C TYR A 36 13.28 6.47 -1.24
N VAL A 37 13.95 7.57 -0.92
CA VAL A 37 15.15 7.53 -0.08
C VAL A 37 15.01 8.42 1.14
N GLY A 38 14.13 9.41 1.03
CA GLY A 38 13.91 10.33 2.14
C GLY A 38 15.14 11.13 2.48
N THR A 39 14.96 12.41 2.74
CA THR A 39 16.07 13.30 3.09
C THR A 39 15.73 14.17 4.29
N SER A 40 16.72 14.93 4.76
CA SER A 40 16.53 15.80 5.91
C SER A 40 15.25 16.63 5.76
N HIS A 41 15.13 17.29 4.62
CA HIS A 41 13.94 18.12 4.36
C HIS A 41 12.67 17.43 4.85
N THR A 42 11.65 18.22 5.15
CA THR A 42 10.39 17.70 5.64
C THR A 42 9.92 16.52 4.79
N GLY A 43 8.88 15.82 5.26
CA GLY A 43 8.37 14.69 4.53
C GLY A 43 9.38 13.57 4.39
N GLU A 44 9.61 12.85 5.48
CA GLU A 44 10.57 11.74 5.47
C GLU A 44 9.87 10.42 5.21
N ALA A 45 10.33 9.70 4.19
CA ALA A 45 9.74 8.42 3.84
C ALA A 45 10.66 7.63 2.91
N SER A 46 10.75 6.32 3.12
CA SER A 46 11.59 5.47 2.31
C SER A 46 10.89 4.14 2.01
N GLY A 47 11.16 3.61 0.81
CA GLY A 47 10.54 2.35 0.42
C GLY A 47 10.03 2.38 -1.01
N ILE A 48 9.05 1.54 -1.30
CA ILE A 48 8.47 1.47 -2.63
C ILE A 48 7.03 1.99 -2.65
N TYR A 49 6.74 2.89 -3.57
CA TYR A 49 5.40 3.46 -3.69
C TYR A 49 4.94 3.47 -5.13
N VAL A 50 3.62 3.47 -5.33
CA VAL A 50 3.05 3.48 -6.67
C VAL A 50 3.22 4.85 -7.32
N LYS A 51 3.94 4.89 -8.43
CA LYS A 51 4.18 6.14 -9.15
C LYS A 51 2.99 6.48 -10.03
N SER A 52 2.51 5.50 -10.79
CA SER A 52 1.37 5.70 -11.68
C SER A 52 0.57 4.42 -11.84
N VAL A 53 -0.62 4.54 -12.44
CA VAL A 53 -1.48 3.38 -12.64
C VAL A 53 -2.05 3.38 -14.06
N ILE A 54 -1.24 2.96 -15.01
CA ILE A 54 -1.66 2.89 -16.41
C ILE A 54 -3.11 2.46 -16.53
N PRO A 55 -3.90 3.22 -17.30
CA PRO A 55 -5.32 2.93 -17.51
C PRO A 55 -5.54 1.68 -18.36
N GLY A 56 -6.76 1.15 -18.33
CA GLY A 56 -7.07 -0.04 -19.09
C GLY A 56 -6.23 -1.23 -18.68
N SER A 57 -5.70 -1.20 -17.46
CA SER A 57 -4.88 -2.27 -16.95
C SER A 57 -5.53 -2.93 -15.74
N ALA A 58 -5.02 -4.10 -15.35
CA ALA A 58 -5.54 -4.83 -14.21
C ALA A 58 -5.65 -3.93 -12.99
N ALA A 59 -4.63 -3.13 -12.76
CA ALA A 59 -4.60 -2.22 -11.61
C ALA A 59 -5.76 -1.23 -11.69
N TYR A 60 -5.83 -0.48 -12.77
CA TYR A 60 -6.88 0.50 -12.96
C TYR A 60 -8.26 -0.15 -12.86
N HIS A 61 -8.41 -1.30 -13.49
CA HIS A 61 -9.68 -2.03 -13.47
C HIS A 61 -10.03 -2.47 -12.05
N ASN A 62 -9.05 -3.01 -11.34
CA ASN A 62 -9.25 -3.48 -9.98
C ASN A 62 -9.73 -2.34 -9.08
N GLY A 63 -8.95 -1.27 -9.02
CA GLY A 63 -9.31 -0.13 -8.20
C GLY A 63 -8.89 -0.30 -6.75
N HIS A 64 -7.85 -1.09 -6.53
CA HIS A 64 -7.35 -1.32 -5.18
C HIS A 64 -5.89 -0.87 -5.05
N ILE A 65 -5.18 -0.87 -6.16
CA ILE A 65 -3.78 -0.46 -6.18
C ILE A 65 -3.58 0.81 -7.00
N GLN A 66 -3.49 1.95 -6.31
CA GLN A 66 -3.31 3.23 -6.98
C GLN A 66 -2.14 4.00 -6.37
N VAL A 67 -1.83 5.15 -6.95
CA VAL A 67 -0.74 5.99 -6.46
C VAL A 67 -0.85 6.22 -4.96
N ASN A 68 0.11 6.94 -4.40
CA ASN A 68 0.12 7.23 -2.97
C ASN A 68 -0.10 5.96 -2.16
N ASP A 69 0.43 4.85 -2.65
CA ASP A 69 0.30 3.57 -1.97
C ASP A 69 1.65 2.95 -1.69
N LYS A 70 1.80 2.36 -0.51
CA LYS A 70 3.06 1.72 -0.12
C LYS A 70 2.96 0.21 -0.23
N ILE A 71 4.00 -0.41 -0.78
CA ILE A 71 4.03 -1.85 -0.95
C ILE A 71 5.00 -2.50 0.03
N VAL A 72 4.59 -3.64 0.59
CA VAL A 72 5.43 -4.35 1.56
C VAL A 72 5.74 -5.76 1.06
N ALA A 73 4.93 -6.26 0.14
CA ALA A 73 5.11 -7.59 -0.41
C ALA A 73 4.38 -7.75 -1.74
N VAL A 74 4.94 -8.56 -2.63
CA VAL A 74 4.33 -8.80 -3.94
C VAL A 74 4.25 -10.29 -4.25
N ASP A 75 3.03 -10.77 -4.53
CA ASP A 75 2.81 -12.17 -4.84
C ASP A 75 3.24 -13.06 -3.67
N GLY A 76 3.14 -12.52 -2.46
CA GLY A 76 3.52 -13.27 -1.29
C GLY A 76 5.02 -13.26 -1.04
N VAL A 77 5.69 -12.25 -1.60
CA VAL A 77 7.15 -12.13 -1.44
C VAL A 77 7.50 -10.82 -0.76
N ASN A 78 8.08 -10.92 0.43
CA ASN A 78 8.47 -9.73 1.20
C ASN A 78 9.50 -8.91 0.42
N ILE A 79 9.01 -7.88 -0.27
CA ILE A 79 9.87 -7.01 -1.06
C ILE A 79 10.33 -5.81 -0.24
N GLN A 80 10.20 -5.92 1.08
CA GLN A 80 10.60 -4.84 1.97
C GLN A 80 12.09 -4.52 1.81
N GLY A 81 12.39 -3.56 0.96
CA GLY A 81 13.77 -3.18 0.73
C GLY A 81 14.22 -3.45 -0.70
N PHE A 82 13.47 -4.30 -1.40
CA PHE A 82 13.80 -4.64 -2.78
C PHE A 82 14.03 -3.39 -3.61
N ALA A 83 15.13 -3.38 -4.36
CA ALA A 83 15.46 -2.24 -5.21
C ALA A 83 14.44 -2.08 -6.34
N ASN A 84 14.35 -0.87 -6.87
CA ASN A 84 13.41 -0.57 -7.95
C ASN A 84 13.30 -1.76 -8.90
N HIS A 85 14.39 -2.06 -9.60
CA HIS A 85 14.42 -3.17 -10.53
C HIS A 85 14.08 -4.49 -9.85
N ASP A 86 14.67 -4.69 -8.67
CA ASP A 86 14.43 -5.91 -7.90
C ASP A 86 12.94 -6.19 -7.75
N VAL A 87 12.15 -5.11 -7.69
CA VAL A 87 10.71 -5.23 -7.56
C VAL A 87 10.05 -5.44 -8.92
N VAL A 88 10.50 -4.69 -9.92
CA VAL A 88 9.95 -4.79 -11.26
C VAL A 88 10.01 -6.23 -11.77
N GLU A 89 11.12 -6.89 -11.53
CA GLU A 89 11.30 -8.27 -11.98
C GLU A 89 10.31 -9.19 -11.27
N VAL A 90 10.02 -8.89 -10.01
CA VAL A 90 9.09 -9.69 -9.22
C VAL A 90 7.70 -9.66 -9.82
N LEU A 91 7.26 -8.47 -10.22
CA LEU A 91 5.94 -8.29 -10.82
C LEU A 91 5.83 -9.06 -12.14
N ARG A 92 6.87 -8.95 -12.96
CA ARG A 92 6.88 -9.65 -14.25
C ARG A 92 6.78 -11.15 -14.07
N ASN A 93 7.47 -11.67 -13.05
CA ASN A 93 7.45 -13.10 -12.76
C ASN A 93 6.04 -13.57 -12.39
N ALA A 94 5.34 -12.75 -11.62
CA ALA A 94 3.98 -13.08 -11.20
C ALA A 94 3.12 -13.48 -12.39
N GLY A 95 2.03 -14.18 -12.12
CA GLY A 95 1.14 -14.61 -13.17
C GLY A 95 -0.23 -13.96 -13.09
N GLN A 96 -1.23 -14.58 -13.72
CA GLN A 96 -2.58 -14.05 -13.71
C GLN A 96 -2.96 -13.55 -12.33
N VAL A 97 -2.82 -14.41 -11.34
CA VAL A 97 -3.16 -14.05 -9.96
C VAL A 97 -1.99 -13.35 -9.27
N VAL A 98 -2.10 -12.03 -9.15
CA VAL A 98 -1.05 -11.24 -8.51
C VAL A 98 -1.52 -10.68 -7.18
N HIS A 99 -1.05 -11.28 -6.08
CA HIS A 99 -1.43 -10.83 -4.75
C HIS A 99 -0.51 -9.71 -4.27
N LEU A 100 -0.94 -8.47 -4.45
CA LEU A 100 -0.15 -7.31 -4.04
C LEU A 100 -0.40 -6.98 -2.57
N THR A 101 0.69 -6.81 -1.82
CA THR A 101 0.60 -6.50 -0.41
C THR A 101 0.93 -5.04 -0.14
N LEU A 102 -0.08 -4.27 0.25
CA LEU A 102 0.11 -2.85 0.54
C LEU A 102 -0.44 -2.50 1.93
N VAL A 103 0.01 -1.36 2.45
CA VAL A 103 -0.44 -0.91 3.77
C VAL A 103 -0.80 0.57 3.73
N ARG A 104 -2.09 0.87 3.88
CA ARG A 104 -2.57 2.24 3.87
C ARG A 104 -2.93 2.69 5.28
N ARG A 105 -2.73 3.99 5.53
CA ARG A 105 -3.04 4.55 6.85
C ARG A 105 -4.52 4.42 7.17
N LYS A 106 -4.82 4.07 8.42
CA LYS A 106 -6.19 3.91 8.86
C LYS A 106 -6.86 5.27 9.08
N THR A 107 -8.09 5.25 9.58
CA THR A 107 -8.83 6.48 9.83
C THR A 107 -9.66 6.37 11.10
N SER A 108 -10.37 7.45 11.44
CA SER A 108 -11.19 7.47 12.64
C SER A 108 -11.95 6.15 12.81
N SER A 109 -12.62 5.72 11.75
CA SER A 109 -13.38 4.47 11.77
C SER A 109 -12.44 3.26 11.76
N SER A 110 -12.99 2.10 12.06
CA SER A 110 -12.21 0.86 12.08
C SER A 110 -11.13 0.92 13.16
N THR A 111 -11.52 1.36 14.36
CA THR A 111 -10.59 1.47 15.48
C THR A 111 -9.88 0.14 15.71
N SER A 112 -8.64 0.23 16.20
CA SER A 112 -7.85 -0.96 16.47
C SER A 112 -8.68 -2.01 17.20
N PRO A 113 -8.25 -3.28 17.09
CA PRO A 113 -8.95 -4.40 17.73
C PRO A 113 -8.80 -4.39 19.25
N LEU A 114 -9.30 -5.44 19.90
CA LEU A 114 -9.22 -5.54 21.35
C LEU A 114 -7.81 -5.92 21.80
N GLU A 115 -7.11 -6.65 20.94
CA GLU A 115 -5.74 -7.08 21.25
C GLU A 115 -4.81 -6.85 20.05
N PRO A 116 -4.55 -5.57 19.76
CA PRO A 116 -3.67 -5.17 18.65
C PRO A 116 -2.22 -5.52 18.91
N PRO A 117 -1.44 -5.66 17.83
CA PRO A 117 -0.01 -5.99 17.91
C PRO A 117 0.82 -4.84 18.49
N SER A 118 0.99 -4.85 19.81
CA SER A 118 1.76 -3.81 20.48
C SER A 118 3.08 -3.57 19.77
N ASP A 119 3.57 -2.33 19.84
CA ASP A 119 4.83 -1.96 19.20
C ASP A 119 5.26 -0.56 19.63
N ARG A 120 6.57 -0.36 19.73
CA ARG A 120 7.11 0.93 20.12
C ARG A 120 8.22 1.37 19.16
N GLY A 121 8.36 2.69 19.00
CA GLY A 121 9.36 3.21 18.11
C GLY A 121 8.90 4.45 17.37
N THR A 122 8.66 5.53 18.10
CA THR A 122 8.21 6.78 17.52
C THR A 122 9.04 7.97 18.01
N VAL A 123 9.52 8.76 17.07
CA VAL A 123 10.34 9.93 17.40
C VAL A 123 10.10 11.08 16.42
N SER A 124 9.66 12.21 16.95
CA SER A 124 9.39 13.38 16.11
C SER A 124 9.65 14.67 16.87
N GLY A 125 9.98 15.73 16.15
CA GLY A 125 10.25 17.01 16.78
C GLY A 125 9.57 18.16 16.06
N PRO A 126 9.55 19.34 16.71
CA PRO A 126 8.93 20.54 16.16
C PRO A 126 9.71 21.09 14.97
N SER A 127 8.99 21.66 14.01
CA SER A 127 9.62 22.23 12.81
C SER A 127 10.46 23.45 13.18
N SER A 128 11.68 23.20 13.64
CA SER A 128 12.59 24.27 14.02
C SER A 128 13.03 25.08 12.80
N GLY A 129 13.75 26.17 13.05
CA GLY A 129 14.21 27.01 11.96
C GLY A 129 15.41 27.85 12.35
N GLY A 1 -14.55 -6.58 21.32
CA GLY A 1 -14.46 -6.20 22.71
C GLY A 1 -15.71 -5.46 23.19
N SER A 2 -16.49 -6.12 24.04
CA SER A 2 -17.71 -5.53 24.56
C SER A 2 -17.38 -4.34 25.46
N SER A 3 -16.52 -4.57 26.45
CA SER A 3 -16.13 -3.51 27.37
C SER A 3 -14.76 -3.80 27.99
N GLY A 4 -13.96 -2.76 28.16
CA GLY A 4 -12.64 -2.91 28.72
C GLY A 4 -11.55 -2.38 27.82
N SER A 5 -11.31 -1.08 27.88
CA SER A 5 -10.29 -0.45 27.06
C SER A 5 -8.98 -0.28 27.83
N SER A 6 -7.87 -0.49 27.16
CA SER A 6 -6.55 -0.37 27.78
C SER A 6 -6.22 1.10 28.05
N GLY A 7 -6.31 1.92 27.01
CA GLY A 7 -6.00 3.34 27.16
C GLY A 7 -5.85 4.03 25.82
N GLY A 8 -4.61 4.20 25.38
CA GLY A 8 -4.34 4.85 24.12
C GLY A 8 -2.86 4.88 23.77
N SER A 9 -2.48 4.06 22.80
CA SER A 9 -1.08 3.99 22.37
C SER A 9 -0.97 3.94 20.85
N ASP A 10 0.13 4.44 20.32
CA ASP A 10 0.37 4.45 18.88
C ASP A 10 0.80 3.07 18.39
N SER A 11 -0.15 2.30 17.89
CA SER A 11 0.13 0.96 17.39
C SER A 11 -0.61 0.70 16.08
N SER A 12 -0.02 -0.11 15.22
CA SER A 12 -0.62 -0.45 13.94
C SER A 12 -1.39 0.75 13.37
N LEU A 13 -0.70 1.88 13.26
CA LEU A 13 -1.32 3.09 12.74
C LEU A 13 -1.86 2.87 11.33
N PHE A 14 -1.25 1.93 10.62
CA PHE A 14 -1.66 1.61 9.26
C PHE A 14 -2.23 0.20 9.17
N GLU A 15 -2.85 -0.12 8.03
CA GLU A 15 -3.43 -1.43 7.83
C GLU A 15 -2.97 -2.03 6.50
N THR A 16 -2.65 -3.32 6.52
CA THR A 16 -2.19 -4.01 5.32
C THR A 16 -3.31 -4.85 4.70
N TYR A 17 -3.37 -4.86 3.38
CA TYR A 17 -4.39 -5.62 2.67
C TYR A 17 -3.85 -6.20 1.37
N ASN A 18 -4.35 -7.37 0.98
CA ASN A 18 -3.91 -8.01 -0.24
C ASN A 18 -4.89 -7.78 -1.38
N VAL A 19 -4.37 -7.56 -2.58
CA VAL A 19 -5.21 -7.32 -3.75
C VAL A 19 -4.91 -8.33 -4.86
N GLU A 20 -5.93 -9.12 -5.21
CA GLU A 20 -5.77 -10.12 -6.26
C GLU A 20 -6.17 -9.56 -7.62
N LEU A 21 -5.18 -9.19 -8.41
CA LEU A 21 -5.41 -8.63 -9.75
C LEU A 21 -5.44 -9.74 -10.79
N VAL A 22 -6.25 -9.53 -11.83
CA VAL A 22 -6.37 -10.50 -12.91
C VAL A 22 -5.74 -9.98 -14.19
N ARG A 23 -4.97 -10.83 -14.85
CA ARG A 23 -4.30 -10.46 -16.09
C ARG A 23 -5.01 -11.07 -17.30
N LYS A 24 -5.72 -10.23 -18.04
CA LYS A 24 -6.46 -10.67 -19.22
C LYS A 24 -5.54 -11.43 -20.16
N ASP A 25 -6.11 -11.91 -21.27
CA ASP A 25 -5.35 -12.65 -22.26
C ASP A 25 -4.34 -11.75 -22.96
N GLY A 26 -3.26 -11.39 -22.26
CA GLY A 26 -2.25 -10.53 -22.84
C GLY A 26 -2.30 -9.13 -22.27
N GLN A 27 -2.44 -9.02 -20.96
CA GLN A 27 -2.51 -7.72 -20.30
C GLN A 27 -1.44 -7.61 -19.21
N SER A 28 -0.84 -6.43 -19.10
CA SER A 28 0.21 -6.21 -18.10
C SER A 28 -0.38 -5.57 -16.85
N LEU A 29 0.18 -5.90 -15.70
CA LEU A 29 -0.28 -5.37 -14.42
C LEU A 29 -0.71 -3.92 -14.56
N GLY A 30 0.18 -3.10 -15.10
CA GLY A 30 -0.12 -1.68 -15.28
C GLY A 30 -0.01 -0.90 -13.99
N ILE A 31 1.09 -1.09 -13.27
CA ILE A 31 1.32 -0.39 -12.02
C ILE A 31 2.75 0.15 -11.94
N ARG A 32 2.88 1.46 -11.94
CA ARG A 32 4.20 2.09 -11.87
C ARG A 32 4.68 2.17 -10.42
N ILE A 33 5.94 1.83 -10.21
CA ILE A 33 6.53 1.86 -8.87
C ILE A 33 7.57 2.97 -8.76
N VAL A 34 8.01 3.22 -7.53
CA VAL A 34 9.01 4.27 -7.28
C VAL A 34 9.90 3.90 -6.10
N GLY A 35 11.09 4.48 -6.05
CA GLY A 35 12.02 4.21 -4.97
C GLY A 35 12.21 5.40 -4.06
N TYR A 36 12.14 5.15 -2.75
CA TYR A 36 12.30 6.21 -1.76
C TYR A 36 13.32 5.81 -0.69
N VAL A 37 14.02 6.81 -0.16
CA VAL A 37 15.02 6.56 0.87
C VAL A 37 14.76 7.40 2.11
N GLY A 38 14.03 8.51 1.93
CA GLY A 38 13.71 9.38 3.04
C GLY A 38 14.94 10.05 3.63
N THR A 39 14.77 11.28 4.09
CA THR A 39 15.89 12.03 4.67
C THR A 39 15.87 11.96 6.19
N SER A 40 16.94 12.42 6.82
CA SER A 40 17.04 12.39 8.27
C SER A 40 15.85 13.09 8.91
N HIS A 41 14.86 12.30 9.31
CA HIS A 41 13.66 12.85 9.95
C HIS A 41 12.96 11.78 10.80
N THR A 42 11.84 12.16 11.39
CA THR A 42 11.07 11.24 12.22
C THR A 42 10.23 10.29 11.37
N GLY A 43 10.76 9.10 11.12
CA GLY A 43 10.04 8.12 10.33
C GLY A 43 9.56 8.70 9.01
N GLU A 44 10.49 9.07 8.15
CA GLU A 44 10.15 9.65 6.84
C GLU A 44 9.86 8.54 5.83
N ALA A 45 8.89 8.79 4.95
CA ALA A 45 8.52 7.82 3.93
C ALA A 45 9.75 7.23 3.26
N SER A 46 9.80 5.92 3.15
CA SER A 46 10.93 5.23 2.53
C SER A 46 10.54 3.82 2.11
N GLY A 47 10.76 3.50 0.83
CA GLY A 47 10.44 2.19 0.32
C GLY A 47 9.94 2.22 -1.10
N ILE A 48 9.02 1.32 -1.43
CA ILE A 48 8.45 1.26 -2.77
C ILE A 48 7.01 1.72 -2.79
N TYR A 49 6.71 2.71 -3.63
CA TYR A 49 5.36 3.25 -3.74
C TYR A 49 4.88 3.20 -5.18
N VAL A 50 3.59 3.44 -5.37
CA VAL A 50 2.99 3.42 -6.70
C VAL A 50 3.09 4.80 -7.36
N LYS A 51 4.08 4.97 -8.22
CA LYS A 51 4.28 6.23 -8.92
C LYS A 51 3.04 6.62 -9.70
N SER A 52 2.47 5.66 -10.43
CA SER A 52 1.28 5.92 -11.23
C SER A 52 0.55 4.60 -11.54
N VAL A 53 -0.66 4.72 -12.07
CA VAL A 53 -1.46 3.55 -12.42
C VAL A 53 -1.93 3.63 -13.87
N ILE A 54 -1.39 2.77 -14.71
CA ILE A 54 -1.77 2.73 -16.12
C ILE A 54 -3.23 2.35 -16.29
N PRO A 55 -3.99 3.21 -16.99
CA PRO A 55 -5.42 2.98 -17.25
C PRO A 55 -5.66 1.82 -18.21
N GLY A 56 -6.76 1.11 -18.01
CA GLY A 56 -7.08 -0.01 -18.87
C GLY A 56 -6.29 -1.26 -18.53
N SER A 57 -5.68 -1.26 -17.34
CA SER A 57 -4.89 -2.40 -16.89
C SER A 57 -5.58 -3.11 -15.73
N ALA A 58 -4.98 -4.22 -15.29
CA ALA A 58 -5.54 -4.99 -14.18
C ALA A 58 -5.70 -4.12 -12.94
N ALA A 59 -4.70 -3.30 -12.65
CA ALA A 59 -4.74 -2.42 -11.50
C ALA A 59 -5.88 -1.43 -11.60
N TYR A 60 -5.91 -0.67 -12.69
CA TYR A 60 -6.95 0.33 -12.91
C TYR A 60 -8.32 -0.33 -12.99
N HIS A 61 -8.36 -1.54 -13.54
CA HIS A 61 -9.61 -2.28 -13.68
C HIS A 61 -10.15 -2.70 -12.32
N ASN A 62 -9.24 -3.05 -11.41
CA ASN A 62 -9.62 -3.48 -10.07
C ASN A 62 -10.21 -2.31 -9.28
N GLY A 63 -9.35 -1.35 -8.95
CA GLY A 63 -9.81 -0.20 -8.19
C GLY A 63 -9.36 -0.24 -6.75
N HIS A 64 -8.36 -1.07 -6.46
CA HIS A 64 -7.84 -1.20 -5.10
C HIS A 64 -6.44 -0.59 -5.00
N ILE A 65 -5.63 -0.81 -6.03
CA ILE A 65 -4.27 -0.29 -6.05
C ILE A 65 -4.20 1.06 -6.76
N GLN A 66 -3.82 2.09 -6.03
CA GLN A 66 -3.72 3.44 -6.60
C GLN A 66 -2.45 4.14 -6.10
N VAL A 67 -2.19 5.33 -6.65
CA VAL A 67 -1.02 6.09 -6.26
C VAL A 67 -1.04 6.42 -4.78
N ASN A 68 0.08 6.92 -4.27
CA ASN A 68 0.19 7.28 -2.85
C ASN A 68 0.05 6.04 -1.98
N ASP A 69 0.45 4.89 -2.50
CA ASP A 69 0.37 3.64 -1.76
C ASP A 69 1.75 3.02 -1.59
N LYS A 70 2.02 2.49 -0.39
CA LYS A 70 3.30 1.86 -0.11
C LYS A 70 3.20 0.34 -0.19
N ILE A 71 4.02 -0.27 -1.04
CA ILE A 71 4.02 -1.71 -1.20
C ILE A 71 4.96 -2.39 -0.21
N VAL A 72 4.54 -3.52 0.33
CA VAL A 72 5.35 -4.25 1.30
C VAL A 72 5.66 -5.66 0.79
N ALA A 73 4.71 -6.24 0.05
CA ALA A 73 4.89 -7.58 -0.49
C ALA A 73 4.16 -7.72 -1.82
N VAL A 74 4.69 -8.58 -2.69
CA VAL A 74 4.09 -8.81 -4.00
C VAL A 74 4.03 -10.30 -4.32
N ASP A 75 2.81 -10.84 -4.32
CA ASP A 75 2.60 -12.26 -4.61
C ASP A 75 3.17 -13.14 -3.50
N GLY A 76 3.17 -12.59 -2.28
CA GLY A 76 3.68 -13.33 -1.14
C GLY A 76 5.18 -13.15 -0.97
N VAL A 77 5.79 -12.36 -1.84
CA VAL A 77 7.23 -12.12 -1.77
C VAL A 77 7.52 -10.80 -1.06
N ASN A 78 8.16 -10.90 0.10
CA ASN A 78 8.51 -9.72 0.88
C ASN A 78 9.53 -8.86 0.17
N ILE A 79 9.07 -7.79 -0.45
CA ILE A 79 9.96 -6.88 -1.17
C ILE A 79 10.39 -5.70 -0.29
N GLN A 80 10.14 -5.82 1.00
CA GLN A 80 10.50 -4.78 1.95
C GLN A 80 12.00 -4.52 1.92
N GLY A 81 12.47 -3.82 0.89
CA GLY A 81 13.88 -3.52 0.78
C GLY A 81 14.45 -3.90 -0.58
N PHE A 82 13.56 -4.13 -1.54
CA PHE A 82 13.98 -4.50 -2.89
C PHE A 82 14.20 -3.27 -3.75
N ALA A 83 15.16 -3.35 -4.67
CA ALA A 83 15.47 -2.25 -5.56
C ALA A 83 14.44 -2.12 -6.68
N ASN A 84 14.18 -0.90 -7.10
CA ASN A 84 13.21 -0.64 -8.16
C ASN A 84 13.24 -1.76 -9.20
N HIS A 85 14.44 -2.12 -9.64
CA HIS A 85 14.62 -3.16 -10.63
C HIS A 85 14.26 -4.53 -10.04
N ASP A 86 14.72 -4.79 -8.83
CA ASP A 86 14.45 -6.05 -8.15
C ASP A 86 12.95 -6.28 -8.01
N VAL A 87 12.20 -5.19 -7.96
CA VAL A 87 10.75 -5.27 -7.83
C VAL A 87 10.07 -5.48 -9.19
N VAL A 88 10.68 -4.92 -10.23
CA VAL A 88 10.14 -5.05 -11.58
C VAL A 88 10.08 -6.50 -12.01
N GLU A 89 11.18 -7.22 -11.80
CA GLU A 89 11.26 -8.63 -12.18
C GLU A 89 10.22 -9.44 -11.42
N VAL A 90 9.96 -9.04 -10.18
CA VAL A 90 8.98 -9.74 -9.35
C VAL A 90 7.59 -9.69 -9.96
N LEU A 91 7.21 -8.52 -10.44
CA LEU A 91 5.90 -8.34 -11.06
C LEU A 91 5.77 -9.17 -12.32
N ARG A 92 6.81 -9.15 -13.15
CA ARG A 92 6.82 -9.91 -14.39
C ARG A 92 6.73 -11.41 -14.11
N ASN A 93 7.47 -11.86 -13.11
CA ASN A 93 7.48 -13.28 -12.74
C ASN A 93 6.10 -13.72 -12.28
N ALA A 94 5.36 -12.80 -11.67
CA ALA A 94 4.02 -13.09 -11.17
C ALA A 94 3.10 -13.55 -12.29
N GLY A 95 2.19 -14.46 -11.98
CA GLY A 95 1.27 -14.97 -12.97
C GLY A 95 -0.03 -14.21 -13.00
N GLN A 96 -1.09 -14.85 -13.51
CA GLN A 96 -2.40 -14.22 -13.60
C GLN A 96 -2.83 -13.66 -12.24
N VAL A 97 -2.96 -14.55 -11.26
CA VAL A 97 -3.36 -14.14 -9.92
C VAL A 97 -2.22 -13.43 -9.19
N VAL A 98 -2.29 -12.10 -9.18
CA VAL A 98 -1.27 -11.29 -8.53
C VAL A 98 -1.80 -10.68 -7.24
N HIS A 99 -1.24 -11.11 -6.11
CA HIS A 99 -1.66 -10.61 -4.81
C HIS A 99 -0.73 -9.50 -4.34
N LEU A 100 -1.14 -8.25 -4.57
CA LEU A 100 -0.35 -7.10 -4.16
C LEU A 100 -0.63 -6.72 -2.71
N THR A 101 0.43 -6.62 -1.92
CA THR A 101 0.30 -6.27 -0.51
C THR A 101 0.64 -4.80 -0.28
N LEU A 102 -0.36 -4.03 0.15
CA LEU A 102 -0.16 -2.61 0.42
C LEU A 102 -0.60 -2.25 1.83
N VAL A 103 -0.03 -1.17 2.37
CA VAL A 103 -0.37 -0.72 3.72
C VAL A 103 -0.77 0.74 3.71
N ARG A 104 -2.03 1.01 4.00
CA ARG A 104 -2.54 2.38 4.05
C ARG A 104 -2.80 2.83 5.48
N ARG A 105 -2.53 4.10 5.75
CA ARG A 105 -2.73 4.65 7.09
C ARG A 105 -4.21 4.67 7.45
N LYS A 106 -4.52 4.30 8.69
CA LYS A 106 -5.89 4.27 9.17
C LYS A 106 -6.37 5.66 9.56
N THR A 107 -7.58 5.74 10.09
CA THR A 107 -8.14 7.02 10.52
C THR A 107 -7.73 7.35 11.94
N SER A 108 -7.99 8.60 12.35
CA SER A 108 -7.64 9.05 13.69
C SER A 108 -7.98 7.97 14.72
N SER A 109 -9.16 7.38 14.59
CA SER A 109 -9.61 6.35 15.51
C SER A 109 -8.81 5.06 15.31
N SER A 110 -8.45 4.42 16.42
CA SER A 110 -7.67 3.19 16.37
C SER A 110 -8.00 2.29 17.56
N THR A 111 -8.34 1.05 17.28
CA THR A 111 -8.69 0.08 18.33
C THR A 111 -7.53 -0.09 19.31
N SER A 112 -7.86 -0.17 20.59
CA SER A 112 -6.84 -0.34 21.63
C SER A 112 -6.34 -1.78 21.68
N PRO A 113 -5.05 -1.97 21.37
CA PRO A 113 -4.42 -3.30 21.37
C PRO A 113 -4.27 -3.86 22.77
N LEU A 114 -3.75 -5.08 22.86
CA LEU A 114 -3.54 -5.74 24.14
C LEU A 114 -2.12 -5.53 24.65
N GLU A 115 -1.15 -5.76 23.78
CA GLU A 115 0.26 -5.59 24.14
C GLU A 115 0.99 -4.79 23.08
N PRO A 116 0.67 -3.49 22.97
CA PRO A 116 1.30 -2.59 21.99
C PRO A 116 2.75 -2.30 22.34
N PRO A 117 3.54 -1.98 21.30
CA PRO A 117 4.97 -1.66 21.46
C PRO A 117 5.19 -0.33 22.17
N SER A 118 6.45 -0.04 22.50
CA SER A 118 6.80 1.19 23.19
C SER A 118 8.12 1.75 22.66
N ASP A 119 8.05 2.88 21.96
CA ASP A 119 9.24 3.51 21.42
C ASP A 119 8.92 4.90 20.88
N ARG A 120 9.93 5.76 20.85
CA ARG A 120 9.74 7.12 20.35
C ARG A 120 11.09 7.84 20.21
N GLY A 121 11.12 8.88 19.38
CA GLY A 121 12.35 9.63 19.18
C GLY A 121 12.30 11.00 19.80
N THR A 122 11.95 12.00 19.00
CA THR A 122 11.87 13.38 19.47
C THR A 122 10.46 13.93 19.32
N VAL A 123 10.11 14.91 20.16
CA VAL A 123 8.79 15.52 20.10
C VAL A 123 8.89 17.02 19.83
N SER A 124 9.78 17.39 18.92
CA SER A 124 9.97 18.79 18.57
C SER A 124 8.64 19.48 18.30
N GLY A 125 7.91 18.95 17.33
CA GLY A 125 6.62 19.54 16.99
C GLY A 125 6.60 20.14 15.60
N PRO A 126 5.69 19.66 14.75
CA PRO A 126 5.55 20.14 13.37
C PRO A 126 5.00 21.56 13.30
N SER A 127 4.97 22.13 12.11
CA SER A 127 4.47 23.49 11.92
C SER A 127 4.01 23.70 10.47
N SER A 128 2.73 24.00 10.30
CA SER A 128 2.17 24.23 8.98
C SER A 128 0.83 24.96 9.07
N GLY A 129 0.53 25.75 8.06
CA GLY A 129 -0.72 26.49 8.05
C GLY A 129 -0.50 27.98 7.91
N GLY A 1 -26.26 -10.61 17.58
CA GLY A 1 -25.63 -10.05 18.76
C GLY A 1 -24.19 -9.64 18.51
N SER A 2 -23.70 -8.70 19.31
CA SER A 2 -22.32 -8.23 19.16
C SER A 2 -21.42 -8.89 20.19
N SER A 3 -20.18 -9.18 19.79
CA SER A 3 -19.21 -9.82 20.67
C SER A 3 -17.79 -9.37 20.34
N GLY A 4 -16.86 -9.64 21.24
CA GLY A 4 -15.48 -9.25 21.04
C GLY A 4 -15.03 -8.17 22.00
N SER A 5 -13.71 -8.02 22.14
CA SER A 5 -13.16 -7.02 23.03
C SER A 5 -12.22 -6.08 22.28
N SER A 6 -12.33 -4.79 22.57
CA SER A 6 -11.49 -3.78 21.92
C SER A 6 -10.16 -3.63 22.65
N GLY A 7 -9.26 -2.85 22.06
CA GLY A 7 -7.96 -2.63 22.66
C GLY A 7 -7.35 -1.29 22.27
N GLY A 8 -7.02 -0.48 23.27
CA GLY A 8 -6.42 0.81 23.00
C GLY A 8 -4.91 0.79 23.02
N SER A 9 -4.30 0.76 21.84
CA SER A 9 -2.85 0.72 21.71
C SER A 9 -2.41 1.08 20.29
N ASP A 10 -1.55 2.07 20.18
CA ASP A 10 -1.04 2.51 18.89
C ASP A 10 -0.03 1.51 18.32
N SER A 11 -0.54 0.37 17.87
CA SER A 11 0.32 -0.68 17.31
C SER A 11 0.25 -0.67 15.79
N SER A 12 -0.93 -0.99 15.25
CA SER A 12 -1.13 -1.04 13.81
C SER A 12 -1.78 0.25 13.32
N LEU A 13 -0.96 1.29 13.12
CA LEU A 13 -1.45 2.58 12.65
C LEU A 13 -1.93 2.48 11.21
N PHE A 14 -1.35 1.55 10.45
CA PHE A 14 -1.72 1.36 9.06
C PHE A 14 -2.53 0.07 8.89
N GLU A 15 -3.01 -0.15 7.67
CA GLU A 15 -3.80 -1.34 7.37
C GLU A 15 -3.25 -2.08 6.16
N THR A 16 -2.81 -3.32 6.38
CA THR A 16 -2.26 -4.13 5.30
C THR A 16 -3.33 -5.00 4.64
N TYR A 17 -3.33 -5.03 3.32
CA TYR A 17 -4.31 -5.83 2.58
C TYR A 17 -3.69 -6.38 1.30
N ASN A 18 -4.20 -7.53 0.85
CA ASN A 18 -3.71 -8.16 -0.36
C ASN A 18 -4.70 -7.98 -1.51
N VAL A 19 -4.20 -7.53 -2.65
CA VAL A 19 -5.03 -7.31 -3.83
C VAL A 19 -4.73 -8.34 -4.91
N GLU A 20 -5.69 -9.20 -5.20
CA GLU A 20 -5.52 -10.22 -6.22
C GLU A 20 -5.98 -9.72 -7.59
N LEU A 21 -5.05 -9.16 -8.35
CA LEU A 21 -5.37 -8.64 -9.67
C LEU A 21 -5.40 -9.75 -10.71
N VAL A 22 -6.19 -9.56 -11.75
CA VAL A 22 -6.31 -10.55 -12.82
C VAL A 22 -5.77 -10.01 -14.14
N ARG A 23 -4.96 -10.82 -14.82
CA ARG A 23 -4.38 -10.42 -16.09
C ARG A 23 -5.13 -11.06 -17.25
N LYS A 24 -5.97 -10.26 -17.90
CA LYS A 24 -6.76 -10.74 -19.03
C LYS A 24 -5.85 -11.23 -20.15
N ASP A 25 -6.45 -11.86 -21.17
CA ASP A 25 -5.69 -12.38 -22.29
C ASP A 25 -4.79 -11.31 -22.89
N GLY A 26 -3.59 -11.18 -22.32
CA GLY A 26 -2.65 -10.18 -22.81
C GLY A 26 -2.53 -9.01 -21.88
N GLN A 27 -3.64 -8.62 -21.26
CA GLN A 27 -3.65 -7.49 -20.33
C GLN A 27 -2.56 -7.64 -19.28
N SER A 28 -1.77 -6.59 -19.10
CA SER A 28 -0.68 -6.61 -18.13
C SER A 28 -1.12 -5.97 -16.82
N LEU A 29 -0.27 -6.09 -15.79
CA LEU A 29 -0.58 -5.52 -14.49
C LEU A 29 -0.92 -4.04 -14.60
N GLY A 30 -0.02 -3.27 -15.21
CA GLY A 30 -0.25 -1.85 -15.37
C GLY A 30 -0.06 -1.08 -14.08
N ILE A 31 1.06 -1.31 -13.41
CA ILE A 31 1.36 -0.63 -12.16
C ILE A 31 2.81 -0.13 -12.13
N ARG A 32 2.97 1.18 -11.97
CA ARG A 32 4.28 1.79 -11.93
C ARG A 32 4.76 1.95 -10.49
N ILE A 33 5.97 1.47 -10.22
CA ILE A 33 6.55 1.56 -8.88
C ILE A 33 7.68 2.58 -8.84
N VAL A 34 8.14 2.90 -7.63
CA VAL A 34 9.22 3.85 -7.46
C VAL A 34 10.07 3.51 -6.24
N GLY A 35 11.36 3.83 -6.30
CA GLY A 35 12.25 3.54 -5.20
C GLY A 35 12.61 4.79 -4.40
N TYR A 36 12.05 4.90 -3.21
CA TYR A 36 12.31 6.05 -2.35
C TYR A 36 13.41 5.74 -1.34
N VAL A 37 14.39 6.64 -1.24
CA VAL A 37 15.50 6.45 -0.32
C VAL A 37 15.31 7.31 0.93
N GLY A 38 14.66 8.46 0.77
CA GLY A 38 14.43 9.35 1.89
C GLY A 38 15.69 10.07 2.32
N THR A 39 15.92 10.13 3.63
CA THR A 39 17.08 10.80 4.18
C THR A 39 17.76 9.94 5.25
N SER A 40 19.02 10.27 5.56
CA SER A 40 19.77 9.54 6.56
C SER A 40 18.88 9.17 7.75
N HIS A 41 18.23 10.16 8.33
CA HIS A 41 17.35 9.95 9.47
C HIS A 41 16.08 9.23 9.04
N THR A 42 15.31 8.76 10.02
CA THR A 42 14.07 8.05 9.74
C THR A 42 12.89 9.02 9.64
N GLY A 43 13.06 10.06 8.83
CA GLY A 43 12.01 11.05 8.67
C GLY A 43 11.37 10.98 7.29
N GLU A 44 12.16 11.28 6.27
CA GLU A 44 11.67 11.25 4.89
C GLU A 44 11.04 9.90 4.57
N ALA A 45 10.49 9.79 3.36
CA ALA A 45 9.84 8.55 2.92
C ALA A 45 10.86 7.61 2.29
N SER A 46 10.85 6.35 2.73
CA SER A 46 11.77 5.36 2.20
C SER A 46 11.05 4.02 1.96
N GLY A 47 10.93 3.65 0.70
CA GLY A 47 10.27 2.40 0.36
C GLY A 47 9.66 2.43 -1.02
N ILE A 48 8.94 1.36 -1.37
CA ILE A 48 8.30 1.27 -2.67
C ILE A 48 6.93 1.94 -2.67
N TYR A 49 6.63 2.68 -3.74
CA TYR A 49 5.35 3.37 -3.85
C TYR A 49 4.86 3.37 -5.29
N VAL A 50 3.54 3.36 -5.45
CA VAL A 50 2.94 3.35 -6.78
C VAL A 50 3.07 4.73 -7.45
N LYS A 51 4.06 4.86 -8.32
CA LYS A 51 4.29 6.12 -9.03
C LYS A 51 3.08 6.50 -9.88
N SER A 52 2.50 5.50 -10.56
CA SER A 52 1.34 5.74 -11.41
C SER A 52 0.62 4.42 -11.70
N VAL A 53 -0.51 4.52 -12.41
CA VAL A 53 -1.30 3.35 -12.75
C VAL A 53 -1.87 3.47 -14.16
N ILE A 54 -1.37 2.63 -15.07
CA ILE A 54 -1.84 2.65 -16.45
C ILE A 54 -3.33 2.35 -16.53
N PRO A 55 -4.05 3.11 -17.38
CA PRO A 55 -5.49 2.96 -17.57
C PRO A 55 -5.84 1.65 -18.29
N GLY A 56 -7.10 1.25 -18.19
CA GLY A 56 -7.54 0.03 -18.84
C GLY A 56 -6.67 -1.16 -18.48
N SER A 57 -5.95 -1.05 -17.37
CA SER A 57 -5.07 -2.12 -16.92
C SER A 57 -5.67 -2.86 -15.74
N ALA A 58 -5.12 -4.04 -15.43
CA ALA A 58 -5.61 -4.85 -14.32
C ALA A 58 -5.76 -4.00 -13.05
N ALA A 59 -4.72 -3.24 -12.73
CA ALA A 59 -4.74 -2.39 -11.55
C ALA A 59 -5.90 -1.40 -11.61
N TYR A 60 -5.94 -0.61 -12.68
CA TYR A 60 -6.98 0.39 -12.86
C TYR A 60 -8.36 -0.24 -12.72
N HIS A 61 -8.67 -1.19 -13.60
CA HIS A 61 -9.96 -1.87 -13.58
C HIS A 61 -10.33 -2.29 -12.16
N ASN A 62 -9.42 -3.02 -11.52
CA ASN A 62 -9.66 -3.49 -10.15
C ASN A 62 -10.21 -2.36 -9.28
N GLY A 63 -9.43 -1.29 -9.13
CA GLY A 63 -9.84 -0.16 -8.33
C GLY A 63 -9.45 -0.31 -6.87
N HIS A 64 -8.47 -1.18 -6.61
CA HIS A 64 -8.00 -1.41 -5.25
C HIS A 64 -6.62 -0.80 -5.03
N ILE A 65 -5.79 -0.86 -6.08
CA ILE A 65 -4.44 -0.32 -6.00
C ILE A 65 -4.37 1.07 -6.64
N GLN A 66 -4.03 2.07 -5.84
CA GLN A 66 -3.92 3.44 -6.33
C GLN A 66 -2.58 4.05 -5.95
N VAL A 67 -2.28 5.21 -6.52
CA VAL A 67 -1.03 5.90 -6.23
C VAL A 67 -0.97 6.35 -4.78
N ASN A 68 0.16 6.94 -4.39
CA ASN A 68 0.35 7.41 -3.03
C ASN A 68 0.22 6.27 -2.02
N ASP A 69 0.63 5.07 -2.45
CA ASP A 69 0.56 3.89 -1.58
C ASP A 69 1.94 3.30 -1.38
N LYS A 70 2.08 2.48 -0.34
CA LYS A 70 3.35 1.84 -0.03
C LYS A 70 3.21 0.31 -0.06
N ILE A 71 4.02 -0.33 -0.91
CA ILE A 71 3.99 -1.78 -1.04
C ILE A 71 4.98 -2.43 -0.07
N VAL A 72 4.54 -3.49 0.60
CA VAL A 72 5.38 -4.20 1.55
C VAL A 72 5.69 -5.61 1.04
N ALA A 73 4.82 -6.13 0.19
CA ALA A 73 5.02 -7.47 -0.38
C ALA A 73 4.31 -7.61 -1.71
N VAL A 74 4.95 -8.30 -2.65
CA VAL A 74 4.38 -8.50 -3.98
C VAL A 74 4.25 -9.99 -4.29
N ASP A 75 3.04 -10.43 -4.60
CA ASP A 75 2.79 -11.82 -4.92
C ASP A 75 3.18 -12.73 -3.77
N GLY A 76 3.07 -12.20 -2.55
CA GLY A 76 3.42 -12.99 -1.38
C GLY A 76 4.91 -12.97 -1.08
N VAL A 77 5.61 -11.99 -1.65
CA VAL A 77 7.05 -11.87 -1.45
C VAL A 77 7.40 -10.57 -0.76
N ASN A 78 7.96 -10.66 0.44
CA ASN A 78 8.35 -9.49 1.21
C ASN A 78 9.39 -8.66 0.46
N ILE A 79 8.92 -7.66 -0.29
CA ILE A 79 9.82 -6.81 -1.06
C ILE A 79 10.27 -5.61 -0.23
N GLN A 80 10.06 -5.68 1.08
CA GLN A 80 10.45 -4.60 1.98
C GLN A 80 11.94 -4.30 1.86
N GLY A 81 12.27 -3.36 0.99
CA GLY A 81 13.66 -2.99 0.79
C GLY A 81 14.14 -3.27 -0.61
N PHE A 82 13.47 -4.19 -1.30
CA PHE A 82 13.83 -4.56 -2.66
C PHE A 82 14.05 -3.32 -3.51
N ALA A 83 15.18 -3.29 -4.21
CA ALA A 83 15.51 -2.16 -5.08
C ALA A 83 14.50 -2.01 -6.21
N ASN A 84 14.35 -0.79 -6.71
CA ASN A 84 13.41 -0.52 -7.79
C ASN A 84 13.34 -1.69 -8.76
N HIS A 85 14.44 -1.93 -9.46
CA HIS A 85 14.51 -3.02 -10.43
C HIS A 85 14.20 -4.36 -9.75
N ASP A 86 14.84 -4.60 -8.61
CA ASP A 86 14.64 -5.85 -7.87
C ASP A 86 13.14 -6.15 -7.73
N VAL A 87 12.32 -5.10 -7.74
CA VAL A 87 10.88 -5.26 -7.61
C VAL A 87 10.23 -5.51 -8.97
N VAL A 88 10.81 -4.93 -10.02
CA VAL A 88 10.29 -5.09 -11.37
C VAL A 88 10.30 -6.55 -11.79
N GLU A 89 11.44 -7.20 -11.61
CA GLU A 89 11.57 -8.61 -11.98
C GLU A 89 10.52 -9.46 -11.27
N VAL A 90 10.24 -9.11 -10.01
CA VAL A 90 9.26 -9.84 -9.22
C VAL A 90 7.88 -9.81 -9.88
N LEU A 91 7.46 -8.61 -10.28
CA LEU A 91 6.17 -8.44 -10.93
C LEU A 91 6.08 -9.28 -12.20
N ARG A 92 7.16 -9.30 -12.96
CA ARG A 92 7.19 -10.07 -14.20
C ARG A 92 7.06 -11.56 -13.93
N ASN A 93 7.68 -12.01 -12.85
CA ASN A 93 7.62 -13.42 -12.46
C ASN A 93 6.20 -13.84 -12.11
N ALA A 94 5.49 -12.95 -11.44
CA ALA A 94 4.10 -13.21 -11.05
C ALA A 94 3.24 -13.55 -12.26
N GLY A 95 2.27 -14.45 -12.06
CA GLY A 95 1.40 -14.83 -13.15
C GLY A 95 0.06 -14.13 -13.10
N GLN A 96 -0.94 -14.69 -13.76
CA GLN A 96 -2.27 -14.11 -13.79
C GLN A 96 -2.66 -13.56 -12.41
N VAL A 97 -2.57 -14.42 -11.40
CA VAL A 97 -2.91 -14.03 -10.04
C VAL A 97 -1.77 -13.24 -9.39
N VAL A 98 -1.97 -11.93 -9.24
CA VAL A 98 -0.97 -11.06 -8.64
C VAL A 98 -1.46 -10.49 -7.32
N HIS A 99 -0.99 -11.06 -6.22
CA HIS A 99 -1.39 -10.60 -4.89
C HIS A 99 -0.49 -9.46 -4.42
N LEU A 100 -0.93 -8.23 -4.66
CA LEU A 100 -0.18 -7.05 -4.27
C LEU A 100 -0.46 -6.67 -2.81
N THR A 101 0.56 -6.69 -1.98
CA THR A 101 0.43 -6.35 -0.57
C THR A 101 0.75 -4.88 -0.33
N LEU A 102 -0.26 -4.11 0.08
CA LEU A 102 -0.08 -2.70 0.36
C LEU A 102 -0.40 -2.38 1.81
N VAL A 103 -0.04 -1.16 2.24
CA VAL A 103 -0.29 -0.74 3.61
C VAL A 103 -0.46 0.78 3.69
N ARG A 104 -1.68 1.22 3.98
CA ARG A 104 -1.98 2.64 4.09
C ARG A 104 -2.27 3.03 5.53
N ARG A 105 -1.91 4.25 5.89
CA ARG A 105 -2.13 4.75 7.25
C ARG A 105 -3.63 4.87 7.54
N LYS A 106 -4.07 4.22 8.60
CA LYS A 106 -5.47 4.26 8.99
C LYS A 106 -5.88 5.67 9.39
N THR A 107 -5.07 6.32 10.20
CA THR A 107 -5.34 7.68 10.66
C THR A 107 -5.98 8.51 9.54
N SER A 108 -7.15 9.08 9.84
CA SER A 108 -7.86 9.90 8.87
C SER A 108 -7.73 11.38 9.20
N SER A 109 -7.48 12.19 8.17
CA SER A 109 -7.33 13.63 8.35
C SER A 109 -8.68 14.34 8.29
N SER A 110 -8.83 15.39 9.08
CA SER A 110 -10.08 16.15 9.12
C SER A 110 -9.96 17.44 8.32
N THR A 111 -8.89 18.19 8.59
CA THR A 111 -8.65 19.45 7.90
C THR A 111 -8.83 19.30 6.39
N SER A 112 -9.25 20.38 5.74
CA SER A 112 -9.46 20.36 4.29
C SER A 112 -8.33 19.61 3.59
N PRO A 113 -8.66 18.43 3.04
CA PRO A 113 -7.69 17.60 2.32
C PRO A 113 -7.26 18.21 1.00
N LEU A 114 -6.62 17.40 0.15
CA LEU A 114 -6.17 17.86 -1.15
C LEU A 114 -7.33 17.91 -2.15
N GLU A 115 -8.18 16.89 -2.11
CA GLU A 115 -9.32 16.81 -3.00
C GLU A 115 -10.59 16.44 -2.25
N PRO A 116 -11.12 17.40 -1.48
CA PRO A 116 -12.34 17.20 -0.67
C PRO A 116 -13.58 17.07 -1.55
N PRO A 117 -14.53 16.23 -1.10
CA PRO A 117 -15.79 16.00 -1.82
C PRO A 117 -16.70 17.21 -1.79
N SER A 118 -17.88 17.07 -2.38
CA SER A 118 -18.85 18.16 -2.44
C SER A 118 -18.14 19.51 -2.55
N ASP A 119 -17.15 19.58 -3.43
CA ASP A 119 -16.40 20.81 -3.64
C ASP A 119 -16.01 20.97 -5.10
N ARG A 120 -16.28 22.15 -5.66
CA ARG A 120 -15.95 22.42 -7.06
C ARG A 120 -14.47 22.75 -7.21
N GLY A 121 -13.94 22.49 -8.40
CA GLY A 121 -12.54 22.77 -8.67
C GLY A 121 -12.25 24.25 -8.77
N THR A 122 -10.99 24.59 -9.03
CA THR A 122 -10.59 25.98 -9.16
C THR A 122 -10.82 26.50 -10.58
N VAL A 123 -11.28 27.74 -10.68
CA VAL A 123 -11.54 28.35 -11.97
C VAL A 123 -12.10 27.33 -12.97
N SER A 124 -13.06 26.54 -12.50
CA SER A 124 -13.68 25.52 -13.34
C SER A 124 -14.18 26.13 -14.65
N GLY A 125 -14.77 27.32 -14.55
CA GLY A 125 -15.29 27.98 -15.73
C GLY A 125 -14.20 28.43 -16.67
N PRO A 126 -14.57 28.76 -17.92
CA PRO A 126 -13.62 29.22 -18.94
C PRO A 126 -13.07 30.60 -18.64
N SER A 127 -13.47 31.16 -17.51
CA SER A 127 -13.02 32.49 -17.10
C SER A 127 -11.59 32.74 -17.55
N SER A 128 -10.68 31.89 -17.10
CA SER A 128 -9.27 32.01 -17.45
C SER A 128 -8.99 31.38 -18.81
N GLY A 129 -8.45 32.17 -19.73
CA GLY A 129 -8.14 31.67 -21.06
C GLY A 129 -8.31 32.73 -22.13
N GLY A 1 -13.15 18.57 8.67
CA GLY A 1 -13.03 18.12 7.30
C GLY A 1 -11.89 17.15 7.09
N SER A 2 -10.73 17.48 7.67
CA SER A 2 -9.55 16.63 7.54
C SER A 2 -8.98 16.30 8.91
N SER A 3 -8.13 15.26 8.95
CA SER A 3 -7.51 14.84 10.21
C SER A 3 -6.06 14.43 9.98
N GLY A 4 -5.35 14.17 11.08
CA GLY A 4 -3.96 13.78 10.98
C GLY A 4 -3.60 12.66 11.94
N SER A 5 -3.53 12.98 13.23
CA SER A 5 -3.19 12.00 14.25
C SER A 5 -4.45 11.44 14.90
N SER A 6 -4.37 10.20 15.37
CA SER A 6 -5.50 9.55 16.01
C SER A 6 -5.40 9.66 17.53
N GLY A 7 -6.51 9.41 18.21
CA GLY A 7 -6.53 9.48 19.66
C GLY A 7 -6.72 8.12 20.31
N GLY A 8 -6.49 8.06 21.61
CA GLY A 8 -6.64 6.80 22.33
C GLY A 8 -5.58 5.78 21.94
N SER A 9 -5.97 4.51 21.96
CA SER A 9 -5.04 3.44 21.61
C SER A 9 -4.58 3.56 20.16
N ASP A 10 -3.44 4.21 19.97
CA ASP A 10 -2.88 4.40 18.62
C ASP A 10 -1.96 3.25 18.25
N SER A 11 -2.51 2.25 17.56
CA SER A 11 -1.73 1.09 17.14
C SER A 11 -1.88 0.85 15.64
N SER A 12 -0.81 0.36 15.03
CA SER A 12 -0.82 0.08 13.60
C SER A 12 -1.67 1.10 12.85
N LEU A 13 -1.41 2.38 13.10
CA LEU A 13 -2.15 3.45 12.45
C LEU A 13 -2.49 3.08 11.00
N PHE A 14 -1.64 2.26 10.40
CA PHE A 14 -1.84 1.84 9.02
C PHE A 14 -2.33 0.38 8.96
N GLU A 15 -3.11 0.07 7.93
CA GLU A 15 -3.63 -1.28 7.76
C GLU A 15 -3.19 -1.87 6.43
N THR A 16 -2.92 -3.18 6.42
CA THR A 16 -2.49 -3.87 5.21
C THR A 16 -3.61 -4.72 4.62
N TYR A 17 -3.59 -4.88 3.31
CA TYR A 17 -4.61 -5.66 2.62
C TYR A 17 -4.04 -6.32 1.37
N ASN A 18 -4.64 -7.45 0.97
CA ASN A 18 -4.19 -8.17 -0.20
C ASN A 18 -5.08 -7.85 -1.40
N VAL A 19 -4.44 -7.53 -2.54
CA VAL A 19 -5.17 -7.20 -3.75
C VAL A 19 -4.90 -8.23 -4.85
N GLU A 20 -5.92 -9.00 -5.20
CA GLU A 20 -5.78 -10.02 -6.24
C GLU A 20 -6.17 -9.46 -7.60
N LEU A 21 -5.19 -8.91 -8.30
CA LEU A 21 -5.42 -8.33 -9.63
C LEU A 21 -5.47 -9.43 -10.69
N VAL A 22 -6.35 -9.26 -11.67
CA VAL A 22 -6.49 -10.24 -12.76
C VAL A 22 -5.90 -9.69 -14.05
N ARG A 23 -5.13 -10.53 -14.74
CA ARG A 23 -4.51 -10.14 -16.00
C ARG A 23 -5.10 -10.91 -17.17
N LYS A 24 -5.83 -10.20 -18.03
CA LYS A 24 -6.46 -10.83 -19.19
C LYS A 24 -5.44 -11.61 -20.01
N ASP A 25 -5.89 -12.19 -21.11
CA ASP A 25 -5.01 -12.98 -21.98
C ASP A 25 -4.01 -12.08 -22.68
N GLY A 26 -2.89 -11.81 -22.01
CA GLY A 26 -1.87 -10.96 -22.60
C GLY A 26 -1.95 -9.53 -22.10
N GLN A 27 -2.26 -9.36 -20.82
CA GLN A 27 -2.38 -8.03 -20.23
C GLN A 27 -1.37 -7.85 -19.10
N SER A 28 -0.62 -6.75 -19.14
CA SER A 28 0.39 -6.47 -18.13
C SER A 28 -0.27 -5.93 -16.86
N LEU A 29 0.41 -6.11 -15.73
CA LEU A 29 -0.10 -5.64 -14.45
C LEU A 29 -0.58 -4.20 -14.55
N GLY A 30 0.34 -3.28 -14.78
CA GLY A 30 -0.01 -1.88 -14.90
C GLY A 30 0.11 -1.14 -13.58
N ILE A 31 1.26 -1.28 -12.92
CA ILE A 31 1.50 -0.61 -11.65
C ILE A 31 2.91 -0.03 -11.59
N ARG A 32 2.99 1.29 -11.72
CA ARG A 32 4.28 1.98 -11.67
C ARG A 32 4.78 2.10 -10.24
N ILE A 33 6.06 1.80 -10.05
CA ILE A 33 6.67 1.86 -8.72
C ILE A 33 7.80 2.89 -8.69
N VAL A 34 8.23 3.25 -7.49
CA VAL A 34 9.31 4.23 -7.32
C VAL A 34 10.20 3.86 -6.15
N GLY A 35 11.48 4.24 -6.24
CA GLY A 35 12.41 3.94 -5.17
C GLY A 35 12.74 5.15 -4.33
N TYR A 36 12.11 5.24 -3.16
CA TYR A 36 12.32 6.36 -2.25
C TYR A 36 13.55 6.12 -1.37
N VAL A 37 14.08 7.19 -0.81
CA VAL A 37 15.25 7.10 0.07
C VAL A 37 15.02 7.83 1.38
N GLY A 38 14.21 8.89 1.32
CA GLY A 38 13.92 9.66 2.52
C GLY A 38 15.04 10.61 2.89
N THR A 39 15.12 11.74 2.19
CA THR A 39 16.16 12.72 2.45
C THR A 39 15.94 13.41 3.79
N SER A 40 17.00 14.01 4.33
CA SER A 40 16.92 14.70 5.60
C SER A 40 15.64 15.52 5.71
N HIS A 41 15.41 16.37 4.70
CA HIS A 41 14.22 17.21 4.68
C HIS A 41 12.98 16.42 5.07
N THR A 42 12.02 17.09 5.69
CA THR A 42 10.78 16.44 6.12
C THR A 42 10.35 15.37 5.12
N GLY A 43 10.14 14.15 5.63
CA GLY A 43 9.73 13.05 4.77
C GLY A 43 9.86 11.71 5.46
N GLU A 44 11.08 11.39 5.92
CA GLU A 44 11.34 10.13 6.58
C GLU A 44 10.47 9.02 5.99
N ALA A 45 10.42 8.96 4.67
CA ALA A 45 9.63 7.95 3.98
C ALA A 45 10.48 7.17 2.98
N SER A 46 10.95 6.00 3.39
CA SER A 46 11.78 5.17 2.53
C SER A 46 11.07 3.85 2.19
N GLY A 47 11.00 3.53 0.91
CA GLY A 47 10.35 2.30 0.47
C GLY A 47 9.79 2.42 -0.92
N ILE A 48 9.12 1.35 -1.37
CA ILE A 48 8.53 1.33 -2.70
C ILE A 48 7.09 1.85 -2.67
N TYR A 49 6.81 2.83 -3.53
CA TYR A 49 5.48 3.42 -3.61
C TYR A 49 4.94 3.38 -5.04
N VAL A 50 3.63 3.45 -5.17
CA VAL A 50 2.99 3.43 -6.47
C VAL A 50 3.09 4.78 -7.17
N LYS A 51 4.06 4.91 -8.06
CA LYS A 51 4.28 6.14 -8.80
C LYS A 51 3.06 6.49 -9.66
N SER A 52 2.45 5.47 -10.24
CA SER A 52 1.28 5.66 -11.08
C SER A 52 0.52 4.35 -11.26
N VAL A 53 -0.65 4.42 -11.90
CA VAL A 53 -1.47 3.25 -12.14
C VAL A 53 -1.96 3.20 -13.58
N ILE A 54 -1.18 2.59 -14.45
CA ILE A 54 -1.53 2.48 -15.86
C ILE A 54 -2.99 2.08 -16.03
N PRO A 55 -3.73 2.83 -16.86
CA PRO A 55 -5.15 2.56 -17.12
C PRO A 55 -5.36 1.29 -17.94
N GLY A 56 -6.58 0.79 -17.94
CA GLY A 56 -6.89 -0.42 -18.68
C GLY A 56 -6.03 -1.59 -18.27
N SER A 57 -5.48 -1.53 -17.07
CA SER A 57 -4.62 -2.59 -16.56
C SER A 57 -5.28 -3.31 -15.39
N ALA A 58 -4.78 -4.50 -15.07
CA ALA A 58 -5.32 -5.29 -13.98
C ALA A 58 -5.48 -4.46 -12.71
N ALA A 59 -4.49 -3.59 -12.46
CA ALA A 59 -4.52 -2.74 -11.28
C ALA A 59 -5.67 -1.75 -11.35
N TYR A 60 -5.70 -0.95 -12.42
CA TYR A 60 -6.75 0.03 -12.61
C TYR A 60 -8.13 -0.62 -12.56
N HIS A 61 -8.30 -1.69 -13.31
CA HIS A 61 -9.57 -2.41 -13.35
C HIS A 61 -10.10 -2.68 -11.95
N ASN A 62 -9.27 -3.34 -11.13
CA ASN A 62 -9.66 -3.65 -9.76
C ASN A 62 -10.17 -2.41 -9.05
N GLY A 63 -9.30 -1.43 -8.88
CA GLY A 63 -9.69 -0.20 -8.20
C GLY A 63 -9.32 -0.21 -6.72
N HIS A 64 -8.35 -1.04 -6.36
CA HIS A 64 -7.91 -1.14 -4.98
C HIS A 64 -6.51 -0.57 -4.80
N ILE A 65 -5.65 -0.81 -5.79
CA ILE A 65 -4.28 -0.31 -5.75
C ILE A 65 -4.15 1.00 -6.50
N GLN A 66 -3.70 2.04 -5.80
CA GLN A 66 -3.53 3.35 -6.41
C GLN A 66 -2.27 4.04 -5.88
N VAL A 67 -2.00 5.25 -6.38
CA VAL A 67 -0.83 6.00 -5.95
C VAL A 67 -0.92 6.37 -4.47
N ASN A 68 0.18 6.86 -3.92
CA ASN A 68 0.23 7.25 -2.52
C ASN A 68 0.15 6.02 -1.62
N ASP A 69 0.66 4.89 -2.10
CA ASP A 69 0.63 3.65 -1.34
C ASP A 69 2.04 3.06 -1.22
N LYS A 70 2.24 2.21 -0.22
CA LYS A 70 3.53 1.57 0.01
C LYS A 70 3.43 0.06 -0.12
N ILE A 71 4.06 -0.49 -1.14
CA ILE A 71 4.05 -1.93 -1.37
C ILE A 71 5.10 -2.64 -0.52
N VAL A 72 4.64 -3.54 0.34
CA VAL A 72 5.55 -4.29 1.21
C VAL A 72 5.79 -5.70 0.66
N ALA A 73 4.86 -6.18 -0.14
CA ALA A 73 4.97 -7.51 -0.73
C ALA A 73 4.18 -7.60 -2.04
N VAL A 74 4.79 -8.24 -3.04
CA VAL A 74 4.15 -8.40 -4.34
C VAL A 74 3.97 -9.87 -4.68
N ASP A 75 2.73 -10.27 -4.91
CA ASP A 75 2.42 -11.65 -5.25
C ASP A 75 2.87 -12.60 -4.15
N GLY A 76 2.84 -12.12 -2.91
CA GLY A 76 3.25 -12.94 -1.79
C GLY A 76 4.75 -12.95 -1.60
N VAL A 77 5.43 -11.98 -2.21
CA VAL A 77 6.88 -11.89 -2.10
C VAL A 77 7.30 -10.64 -1.32
N ASN A 78 7.87 -10.85 -0.14
CA ASN A 78 8.31 -9.74 0.70
C ASN A 78 9.42 -8.96 0.02
N ILE A 79 9.05 -7.87 -0.65
CA ILE A 79 10.02 -7.03 -1.34
C ILE A 79 10.58 -5.95 -0.41
N GLN A 80 10.32 -6.11 0.89
CA GLN A 80 10.79 -5.14 1.87
C GLN A 80 12.31 -5.09 1.91
N GLY A 81 12.89 -4.42 0.91
CA GLY A 81 14.34 -4.30 0.84
C GLY A 81 14.86 -4.42 -0.58
N PHE A 82 13.95 -4.69 -1.52
CA PHE A 82 14.33 -4.83 -2.92
C PHE A 82 14.58 -3.46 -3.55
N ALA A 83 14.83 -3.46 -4.86
CA ALA A 83 15.08 -2.22 -5.60
C ALA A 83 14.08 -2.04 -6.72
N ASN A 84 14.10 -0.86 -7.34
CA ASN A 84 13.19 -0.56 -8.44
C ASN A 84 13.17 -1.69 -9.46
N HIS A 85 14.29 -1.86 -10.16
CA HIS A 85 14.41 -2.90 -11.17
C HIS A 85 14.12 -4.27 -10.57
N ASP A 86 14.70 -4.54 -9.40
CA ASP A 86 14.50 -5.82 -8.72
C ASP A 86 13.02 -6.06 -8.45
N VAL A 87 12.27 -4.98 -8.24
CA VAL A 87 10.84 -5.08 -7.98
C VAL A 87 10.05 -5.23 -9.27
N VAL A 88 10.54 -4.62 -10.34
CA VAL A 88 9.89 -4.69 -11.63
C VAL A 88 9.83 -6.12 -12.14
N GLU A 89 10.95 -6.83 -12.06
CA GLU A 89 11.03 -8.21 -12.51
C GLU A 89 10.08 -9.10 -11.71
N VAL A 90 9.87 -8.74 -10.45
CA VAL A 90 8.97 -9.50 -9.59
C VAL A 90 7.54 -9.46 -10.10
N LEU A 91 7.11 -8.28 -10.54
CA LEU A 91 5.77 -8.10 -11.06
C LEU A 91 5.56 -8.89 -12.35
N ARG A 92 6.54 -8.79 -13.25
CA ARG A 92 6.47 -9.49 -14.53
C ARG A 92 6.37 -11.00 -14.31
N ASN A 93 7.19 -11.51 -13.39
CA ASN A 93 7.20 -12.94 -13.10
C ASN A 93 5.83 -13.41 -12.62
N ALA A 94 5.14 -12.54 -11.88
CA ALA A 94 3.82 -12.87 -11.35
C ALA A 94 2.87 -13.25 -12.48
N GLY A 95 1.97 -14.19 -12.19
CA GLY A 95 1.02 -14.63 -13.19
C GLY A 95 -0.30 -13.89 -13.11
N GLN A 96 -1.36 -14.48 -13.65
CA GLN A 96 -2.67 -13.87 -13.64
C GLN A 96 -3.03 -13.36 -12.24
N VAL A 97 -3.12 -14.28 -11.28
CA VAL A 97 -3.44 -13.93 -9.91
C VAL A 97 -2.27 -13.23 -9.23
N VAL A 98 -2.33 -11.91 -9.17
CA VAL A 98 -1.26 -11.13 -8.55
C VAL A 98 -1.73 -10.55 -7.21
N HIS A 99 -1.28 -11.15 -6.12
CA HIS A 99 -1.64 -10.69 -4.79
C HIS A 99 -0.66 -9.65 -4.28
N LEU A 100 -1.09 -8.40 -4.22
CA LEU A 100 -0.24 -7.32 -3.75
C LEU A 100 -0.43 -7.08 -2.27
N THR A 101 0.58 -6.49 -1.63
CA THR A 101 0.51 -6.20 -0.20
C THR A 101 0.85 -4.75 0.09
N LEU A 102 -0.18 -3.92 0.27
CA LEU A 102 0.00 -2.51 0.56
C LEU A 102 -0.56 -2.15 1.92
N VAL A 103 0.05 -1.16 2.56
CA VAL A 103 -0.39 -0.72 3.89
C VAL A 103 -0.59 0.79 3.92
N ARG A 104 -1.85 1.21 3.98
CA ARG A 104 -2.18 2.62 4.02
C ARG A 104 -2.67 3.04 5.40
N ARG A 105 -2.77 4.34 5.64
CA ARG A 105 -3.22 4.86 6.92
C ARG A 105 -4.72 4.63 7.10
N LYS A 106 -5.08 3.89 8.14
CA LYS A 106 -6.47 3.59 8.43
C LYS A 106 -7.31 4.88 8.42
N THR A 107 -6.82 5.91 9.10
CA THR A 107 -7.52 7.18 9.18
C THR A 107 -8.79 7.05 10.00
N SER A 108 -8.68 6.41 11.16
CA SER A 108 -9.83 6.23 12.04
C SER A 108 -10.68 7.49 12.10
N SER A 109 -12.00 7.30 12.21
CA SER A 109 -12.93 8.42 12.27
C SER A 109 -13.18 8.83 13.73
N SER A 110 -13.79 10.01 13.90
CA SER A 110 -14.09 10.52 15.23
C SER A 110 -12.81 10.67 16.06
N THR A 111 -11.76 11.19 15.43
CA THR A 111 -10.49 11.38 16.10
C THR A 111 -10.36 12.81 16.62
N SER A 112 -9.46 12.99 17.60
CA SER A 112 -9.24 14.30 18.19
C SER A 112 -7.85 14.83 17.85
N PRO A 113 -7.76 15.55 16.72
CA PRO A 113 -6.49 16.12 16.26
C PRO A 113 -6.01 17.27 17.14
N LEU A 114 -5.04 18.02 16.64
CA LEU A 114 -4.49 19.16 17.39
C LEU A 114 -5.09 20.47 16.91
N GLU A 115 -5.11 20.66 15.60
CA GLU A 115 -5.66 21.88 15.00
C GLU A 115 -6.56 21.54 13.81
N PRO A 116 -7.76 21.03 14.11
CA PRO A 116 -8.74 20.65 13.07
C PRO A 116 -9.32 21.88 12.37
N PRO A 117 -9.23 21.88 11.03
CA PRO A 117 -9.74 22.98 10.21
C PRO A 117 -11.26 23.03 10.19
N SER A 118 -11.81 24.22 9.98
CA SER A 118 -13.26 24.40 9.93
C SER A 118 -13.72 24.86 8.55
N ASP A 119 -14.86 24.35 8.11
CA ASP A 119 -15.40 24.71 6.81
C ASP A 119 -16.93 24.66 6.83
N ARG A 120 -17.55 25.14 5.75
CA ARG A 120 -19.00 25.14 5.64
C ARG A 120 -19.50 23.85 5.01
N GLY A 121 -20.59 23.31 5.55
CA GLY A 121 -21.15 22.08 5.03
C GLY A 121 -22.66 22.14 4.94
N THR A 122 -23.20 21.73 3.79
CA THR A 122 -24.64 21.73 3.57
C THR A 122 -25.23 20.34 3.76
N VAL A 123 -24.72 19.62 4.76
CA VAL A 123 -25.19 18.28 5.06
C VAL A 123 -26.08 18.26 6.30
N SER A 124 -27.08 17.40 6.30
CA SER A 124 -28.01 17.29 7.43
C SER A 124 -27.23 17.11 8.73
N GLY A 125 -27.24 18.15 9.57
CA GLY A 125 -26.55 18.08 10.84
C GLY A 125 -25.62 19.27 11.06
N PRO A 126 -25.43 19.65 12.34
CA PRO A 126 -24.57 20.77 12.70
C PRO A 126 -23.10 20.47 12.46
N SER A 127 -22.37 21.48 11.98
CA SER A 127 -20.95 21.32 11.71
C SER A 127 -20.13 21.43 12.98
N SER A 128 -18.97 20.80 12.99
CA SER A 128 -18.09 20.82 14.16
C SER A 128 -16.63 20.62 13.75
N GLY A 129 -15.72 21.11 14.59
CA GLY A 129 -14.31 20.98 14.30
C GLY A 129 -13.43 21.22 15.51
N GLY A 1 -18.29 -12.50 37.33
CA GLY A 1 -18.01 -11.14 36.88
C GLY A 1 -16.64 -11.01 36.23
N SER A 2 -16.64 -10.76 34.93
CA SER A 2 -15.38 -10.62 34.19
C SER A 2 -15.50 -9.53 33.13
N SER A 3 -14.60 -8.56 33.18
CA SER A 3 -14.60 -7.46 32.23
C SER A 3 -13.21 -6.81 32.14
N GLY A 4 -12.71 -6.68 30.93
CA GLY A 4 -11.41 -6.08 30.72
C GLY A 4 -11.48 -4.60 30.39
N SER A 5 -10.33 -3.95 30.35
CA SER A 5 -10.29 -2.52 30.05
C SER A 5 -9.31 -2.24 28.90
N SER A 6 -9.82 -1.62 27.84
CA SER A 6 -9.00 -1.30 26.68
C SER A 6 -8.27 0.02 26.88
N GLY A 7 -7.21 0.23 26.09
CA GLY A 7 -6.44 1.46 26.20
C GLY A 7 -6.66 2.39 25.01
N GLY A 8 -5.69 3.25 24.75
CA GLY A 8 -5.80 4.18 23.65
C GLY A 8 -4.46 4.73 23.20
N SER A 9 -3.69 3.90 22.50
CA SER A 9 -2.38 4.30 22.01
C SER A 9 -2.29 4.19 20.50
N ASP A 10 -1.25 4.79 19.92
CA ASP A 10 -1.06 4.76 18.48
C ASP A 10 -0.48 3.43 18.03
N SER A 11 -1.35 2.46 17.78
CA SER A 11 -0.92 1.13 17.36
C SER A 11 -1.53 0.76 16.00
N SER A 12 -0.72 0.15 15.15
CA SER A 12 -1.17 -0.24 13.81
C SER A 12 -1.86 0.92 13.11
N LEU A 13 -1.16 2.06 13.04
CA LEU A 13 -1.70 3.24 12.38
C LEU A 13 -2.25 2.91 11.00
N PHE A 14 -1.53 2.05 10.28
CA PHE A 14 -1.95 1.64 8.94
C PHE A 14 -2.51 0.22 8.96
N GLU A 15 -3.05 -0.21 7.82
CA GLU A 15 -3.63 -1.54 7.70
C GLU A 15 -3.19 -2.20 6.40
N THR A 16 -2.58 -3.38 6.52
CA THR A 16 -2.12 -4.12 5.35
C THR A 16 -3.23 -4.99 4.77
N TYR A 17 -3.25 -5.10 3.45
CA TYR A 17 -4.27 -5.91 2.77
C TYR A 17 -3.73 -6.44 1.45
N ASN A 18 -4.18 -7.64 1.08
CA ASN A 18 -3.76 -8.27 -0.17
C ASN A 18 -4.73 -7.96 -1.29
N VAL A 19 -4.20 -7.54 -2.44
CA VAL A 19 -5.03 -7.23 -3.59
C VAL A 19 -4.80 -8.21 -4.73
N GLU A 20 -5.80 -9.05 -4.98
CA GLU A 20 -5.71 -10.05 -6.05
C GLU A 20 -6.10 -9.45 -7.39
N LEU A 21 -5.09 -9.24 -8.25
CA LEU A 21 -5.33 -8.67 -9.57
C LEU A 21 -5.42 -9.77 -10.63
N VAL A 22 -6.29 -9.57 -11.61
CA VAL A 22 -6.45 -10.53 -12.69
C VAL A 22 -5.82 -10.03 -13.98
N ARG A 23 -5.10 -10.92 -14.66
CA ARG A 23 -4.43 -10.58 -15.91
C ARG A 23 -5.17 -11.20 -17.10
N LYS A 24 -5.85 -10.36 -17.87
CA LYS A 24 -6.59 -10.83 -19.04
C LYS A 24 -5.71 -11.69 -19.93
N ASP A 25 -6.29 -12.22 -20.99
CA ASP A 25 -5.55 -13.06 -21.93
C ASP A 25 -4.55 -12.24 -22.74
N GLY A 26 -3.39 -11.98 -22.14
CA GLY A 26 -2.37 -11.20 -22.81
C GLY A 26 -2.31 -9.77 -22.33
N GLN A 27 -2.44 -9.59 -21.02
CA GLN A 27 -2.41 -8.26 -20.42
C GLN A 27 -1.33 -8.17 -19.35
N SER A 28 -0.85 -6.96 -19.10
CA SER A 28 0.20 -6.74 -18.10
C SER A 28 -0.38 -6.06 -16.85
N LEU A 29 0.46 -5.86 -15.86
CA LEU A 29 0.04 -5.23 -14.61
C LEU A 29 -0.35 -3.77 -14.85
N GLY A 30 0.64 -2.93 -15.15
CA GLY A 30 0.39 -1.53 -15.39
C GLY A 30 0.50 -0.69 -14.14
N ILE A 31 1.39 -1.09 -13.24
CA ILE A 31 1.58 -0.37 -11.99
C ILE A 31 3.00 0.19 -11.89
N ARG A 32 3.12 1.51 -11.93
CA ARG A 32 4.42 2.17 -11.85
C ARG A 32 4.88 2.26 -10.40
N ILE A 33 6.14 1.91 -10.16
CA ILE A 33 6.71 1.95 -8.82
C ILE A 33 7.80 3.01 -8.72
N VAL A 34 8.18 3.35 -7.49
CA VAL A 34 9.22 4.34 -7.26
C VAL A 34 10.02 4.03 -6.00
N GLY A 35 11.31 4.30 -6.04
CA GLY A 35 12.16 4.04 -4.89
C GLY A 35 12.44 5.29 -4.08
N TYR A 36 11.50 5.64 -3.21
CA TYR A 36 11.64 6.82 -2.37
C TYR A 36 12.92 6.75 -1.53
N VAL A 37 13.38 7.90 -1.06
CA VAL A 37 14.58 7.97 -0.25
C VAL A 37 14.35 8.80 1.02
N GLY A 38 13.52 9.83 0.89
CA GLY A 38 13.24 10.70 2.01
C GLY A 38 14.37 11.64 2.33
N THR A 39 14.04 12.88 2.69
CA THR A 39 15.04 13.88 3.02
C THR A 39 14.64 14.67 4.26
N SER A 40 15.53 15.56 4.70
CA SER A 40 15.27 16.37 5.87
C SER A 40 13.80 16.77 5.95
N HIS A 41 13.22 17.14 4.81
CA HIS A 41 11.82 17.53 4.75
C HIS A 41 10.99 16.72 5.72
N THR A 42 10.44 17.39 6.73
CA THR A 42 9.62 16.73 7.74
C THR A 42 8.70 15.67 7.10
N GLY A 43 8.56 14.55 7.78
CA GLY A 43 7.72 13.47 7.27
C GLY A 43 8.44 12.61 6.25
N GLU A 44 9.69 12.28 6.52
CA GLU A 44 10.49 11.47 5.62
C GLU A 44 9.80 10.13 5.35
N ALA A 45 9.97 9.63 4.13
CA ALA A 45 9.36 8.35 3.75
C ALA A 45 10.21 7.63 2.71
N SER A 46 10.75 6.47 3.08
CA SER A 46 11.58 5.69 2.18
C SER A 46 10.96 4.33 1.91
N GLY A 47 11.03 3.89 0.65
CA GLY A 47 10.47 2.61 0.28
C GLY A 47 9.83 2.64 -1.09
N ILE A 48 9.21 1.53 -1.47
CA ILE A 48 8.55 1.42 -2.78
C ILE A 48 7.12 1.95 -2.71
N TYR A 49 6.80 2.87 -3.62
CA TYR A 49 5.47 3.46 -3.66
C TYR A 49 4.93 3.48 -5.10
N VAL A 50 3.61 3.56 -5.23
CA VAL A 50 2.97 3.58 -6.53
C VAL A 50 3.04 4.97 -7.15
N LYS A 51 3.94 5.15 -8.10
CA LYS A 51 4.12 6.43 -8.77
C LYS A 51 2.90 6.76 -9.63
N SER A 52 2.36 5.74 -10.30
CA SER A 52 1.19 5.92 -11.16
C SER A 52 0.52 4.58 -11.44
N VAL A 53 -0.69 4.65 -12.01
CA VAL A 53 -1.44 3.44 -12.33
C VAL A 53 -1.99 3.49 -13.75
N ILE A 54 -1.24 2.92 -14.68
CA ILE A 54 -1.64 2.90 -16.08
C ILE A 54 -3.12 2.57 -16.22
N PRO A 55 -3.83 3.37 -17.02
CA PRO A 55 -5.28 3.18 -17.26
C PRO A 55 -5.57 1.94 -18.09
N GLY A 56 -6.80 1.46 -18.01
CA GLY A 56 -7.19 0.28 -18.77
C GLY A 56 -6.30 -0.91 -18.46
N SER A 57 -5.74 -0.95 -17.26
CA SER A 57 -4.86 -2.04 -16.86
C SER A 57 -5.48 -2.83 -15.71
N ALA A 58 -4.87 -3.97 -15.38
CA ALA A 58 -5.35 -4.82 -14.30
C ALA A 58 -5.48 -4.04 -13.01
N ALA A 59 -4.44 -3.29 -12.67
CA ALA A 59 -4.44 -2.49 -11.45
C ALA A 59 -5.60 -1.51 -11.43
N TYR A 60 -5.71 -0.69 -12.48
CA TYR A 60 -6.78 0.29 -12.59
C TYR A 60 -8.14 -0.38 -12.51
N HIS A 61 -8.30 -1.47 -13.24
CA HIS A 61 -9.56 -2.21 -13.26
C HIS A 61 -10.01 -2.55 -11.84
N ASN A 62 -9.17 -3.27 -11.11
CA ASN A 62 -9.47 -3.66 -9.74
C ASN A 62 -10.00 -2.48 -8.94
N GLY A 63 -9.18 -1.43 -8.83
CA GLY A 63 -9.57 -0.25 -8.10
C GLY A 63 -9.12 -0.28 -6.65
N HIS A 64 -8.03 -1.00 -6.39
CA HIS A 64 -7.50 -1.11 -5.04
C HIS A 64 -6.09 -0.52 -4.96
N ILE A 65 -5.30 -0.76 -6.00
CA ILE A 65 -3.93 -0.26 -6.04
C ILE A 65 -3.86 1.10 -6.74
N GLN A 66 -3.49 2.12 -5.98
CA GLN A 66 -3.38 3.48 -6.51
C GLN A 66 -2.17 4.20 -5.94
N VAL A 67 -1.91 5.40 -6.44
CA VAL A 67 -0.79 6.20 -5.98
C VAL A 67 -0.87 6.47 -4.49
N ASN A 68 0.23 6.92 -3.91
CA ASN A 68 0.28 7.21 -2.48
C ASN A 68 0.14 5.94 -1.65
N ASP A 69 0.62 4.83 -2.20
CA ASP A 69 0.56 3.55 -1.51
C ASP A 69 1.96 2.96 -1.32
N LYS A 70 2.11 2.11 -0.31
CA LYS A 70 3.39 1.48 -0.02
C LYS A 70 3.29 -0.03 -0.16
N ILE A 71 4.12 -0.61 -1.02
CA ILE A 71 4.12 -2.05 -1.24
C ILE A 71 5.06 -2.75 -0.26
N VAL A 72 4.56 -3.81 0.37
CA VAL A 72 5.36 -4.56 1.33
C VAL A 72 5.69 -5.96 0.80
N ALA A 73 4.84 -6.45 -0.10
CA ALA A 73 5.05 -7.77 -0.69
C ALA A 73 4.21 -7.95 -1.95
N VAL A 74 4.80 -8.55 -2.97
CA VAL A 74 4.10 -8.78 -4.24
C VAL A 74 3.84 -10.26 -4.46
N ASP A 75 2.57 -10.62 -4.62
CA ASP A 75 2.18 -12.01 -4.84
C ASP A 75 2.75 -12.91 -3.74
N GLY A 76 3.02 -12.32 -2.58
CA GLY A 76 3.56 -13.09 -1.47
C GLY A 76 5.04 -12.84 -1.28
N VAL A 77 5.70 -12.35 -2.32
CA VAL A 77 7.13 -12.06 -2.24
C VAL A 77 7.40 -10.78 -1.46
N ASN A 78 8.14 -10.91 -0.37
CA ASN A 78 8.47 -9.76 0.46
C ASN A 78 9.49 -8.86 -0.23
N ILE A 79 9.00 -7.83 -0.91
CA ILE A 79 9.86 -6.90 -1.62
C ILE A 79 10.29 -5.75 -0.70
N GLN A 80 10.07 -5.92 0.59
CA GLN A 80 10.44 -4.90 1.57
C GLN A 80 11.91 -4.54 1.46
N GLY A 81 12.21 -3.53 0.64
CA GLY A 81 13.58 -3.11 0.46
C GLY A 81 14.08 -3.34 -0.96
N PHE A 82 13.46 -4.30 -1.65
CA PHE A 82 13.85 -4.63 -3.01
C PHE A 82 14.12 -3.37 -3.82
N ALA A 83 15.13 -3.42 -4.68
CA ALA A 83 15.49 -2.28 -5.51
C ALA A 83 14.48 -2.08 -6.64
N ASN A 84 14.40 -0.86 -7.14
CA ASN A 84 13.47 -0.53 -8.23
C ASN A 84 13.36 -1.70 -9.21
N HIS A 85 14.49 -2.09 -9.79
CA HIS A 85 14.51 -3.20 -10.75
C HIS A 85 14.14 -4.51 -10.07
N ASP A 86 14.70 -4.74 -8.89
CA ASP A 86 14.43 -5.97 -8.13
C ASP A 86 12.92 -6.19 -8.00
N VAL A 87 12.16 -5.10 -8.00
CA VAL A 87 10.72 -5.18 -7.87
C VAL A 87 10.05 -5.39 -9.23
N VAL A 88 10.59 -4.72 -10.25
CA VAL A 88 10.06 -4.83 -11.60
C VAL A 88 10.05 -6.28 -12.09
N GLU A 89 11.16 -6.97 -11.85
CA GLU A 89 11.29 -8.37 -12.25
C GLU A 89 10.27 -9.24 -11.53
N VAL A 90 10.04 -8.93 -10.25
CA VAL A 90 9.10 -9.69 -9.44
C VAL A 90 7.69 -9.63 -10.04
N LEU A 91 7.31 -8.44 -10.49
CA LEU A 91 5.99 -8.25 -11.09
C LEU A 91 5.83 -9.10 -12.35
N ARG A 92 6.84 -9.06 -13.21
CA ARG A 92 6.81 -9.83 -14.46
C ARG A 92 6.63 -11.31 -14.18
N ASN A 93 7.32 -11.80 -13.14
CA ASN A 93 7.23 -13.21 -12.76
C ASN A 93 5.80 -13.57 -12.37
N ALA A 94 5.16 -12.68 -11.63
CA ALA A 94 3.78 -12.92 -11.19
C ALA A 94 2.88 -13.28 -12.36
N GLY A 95 1.87 -14.10 -12.07
CA GLY A 95 0.94 -14.51 -13.12
C GLY A 95 -0.43 -13.91 -12.96
N GLN A 96 -1.45 -14.60 -13.45
CA GLN A 96 -2.83 -14.10 -13.37
C GLN A 96 -3.13 -13.62 -11.95
N VAL A 97 -3.07 -14.55 -10.99
CA VAL A 97 -3.34 -14.22 -9.59
C VAL A 97 -2.19 -13.45 -8.97
N VAL A 98 -2.37 -12.15 -8.81
CA VAL A 98 -1.34 -11.30 -8.22
C VAL A 98 -1.85 -10.60 -6.96
N HIS A 99 -1.39 -11.07 -5.80
CA HIS A 99 -1.80 -10.50 -4.53
C HIS A 99 -0.82 -9.42 -4.08
N LEU A 100 -1.17 -8.17 -4.35
CA LEU A 100 -0.32 -7.05 -3.97
C LEU A 100 -0.54 -6.66 -2.52
N THR A 101 0.45 -6.91 -1.68
CA THR A 101 0.35 -6.59 -0.25
C THR A 101 0.68 -5.12 -0.01
N LEU A 102 -0.36 -4.32 0.23
CA LEU A 102 -0.19 -2.90 0.48
C LEU A 102 -0.74 -2.51 1.86
N VAL A 103 -0.26 -1.40 2.39
CA VAL A 103 -0.71 -0.93 3.69
C VAL A 103 -0.97 0.57 3.68
N ARG A 104 -2.24 0.95 3.83
CA ARG A 104 -2.62 2.35 3.83
C ARG A 104 -2.95 2.83 5.24
N ARG A 105 -2.81 4.14 5.47
CA ARG A 105 -3.10 4.71 6.78
C ARG A 105 -4.60 4.70 7.06
N LYS A 106 -4.99 3.99 8.11
CA LYS A 106 -6.40 3.90 8.50
C LYS A 106 -7.00 5.29 8.69
N THR A 107 -8.33 5.36 8.69
CA THR A 107 -9.02 6.63 8.86
C THR A 107 -8.76 7.22 10.24
N SER A 108 -8.57 8.53 10.30
CA SER A 108 -8.31 9.22 11.56
C SER A 108 -8.97 10.58 11.59
N SER A 109 -8.97 11.22 12.75
CA SER A 109 -9.57 12.53 12.91
C SER A 109 -8.87 13.56 12.03
N SER A 110 -9.67 14.37 11.34
CA SER A 110 -9.13 15.39 10.45
C SER A 110 -9.46 16.79 10.97
N THR A 111 -8.99 17.80 10.26
CA THR A 111 -9.23 19.19 10.65
C THR A 111 -10.22 19.86 9.69
N SER A 112 -11.27 19.13 9.32
CA SER A 112 -12.29 19.65 8.42
C SER A 112 -11.65 20.42 7.27
N PRO A 113 -10.72 19.77 6.55
CA PRO A 113 -10.02 20.36 5.42
C PRO A 113 -10.93 20.58 4.22
N LEU A 114 -10.33 20.86 3.07
CA LEU A 114 -11.09 21.10 1.84
C LEU A 114 -11.51 19.77 1.21
N GLU A 115 -10.64 18.77 1.29
CA GLU A 115 -10.92 17.46 0.73
C GLU A 115 -10.57 16.35 1.72
N PRO A 116 -11.40 16.22 2.77
CA PRO A 116 -11.19 15.20 3.81
C PRO A 116 -11.46 13.80 3.30
N PRO A 117 -10.89 12.80 3.99
CA PRO A 117 -11.05 11.38 3.63
C PRO A 117 -12.48 10.88 3.88
N SER A 118 -12.79 9.72 3.32
CA SER A 118 -14.12 9.13 3.47
C SER A 118 -14.01 7.66 3.86
N ASP A 119 -14.65 7.31 4.97
CA ASP A 119 -14.63 5.94 5.46
C ASP A 119 -16.03 5.33 5.41
N ARG A 120 -16.16 4.23 4.66
CA ARG A 120 -17.45 3.55 4.52
C ARG A 120 -17.29 2.05 4.77
N GLY A 121 -17.89 1.57 5.85
CA GLY A 121 -17.80 0.16 6.18
C GLY A 121 -17.87 -0.10 7.67
N THR A 122 -17.68 -1.36 8.06
CA THR A 122 -17.73 -1.74 9.47
C THR A 122 -17.25 -3.17 9.67
N VAL A 123 -16.85 -3.48 10.89
CA VAL A 123 -16.37 -4.82 11.22
C VAL A 123 -17.28 -5.50 12.24
N SER A 124 -17.04 -6.79 12.47
CA SER A 124 -17.84 -7.54 13.43
C SER A 124 -16.99 -8.01 14.61
N GLY A 125 -15.85 -8.63 14.30
CA GLY A 125 -14.97 -9.10 15.35
C GLY A 125 -15.33 -10.50 15.83
N PRO A 126 -14.32 -11.35 16.03
CA PRO A 126 -14.51 -12.72 16.49
C PRO A 126 -14.98 -12.79 17.93
N SER A 127 -15.06 -14.00 18.47
CA SER A 127 -15.49 -14.21 19.85
C SER A 127 -15.08 -15.59 20.35
N SER A 128 -15.25 -15.81 21.65
CA SER A 128 -14.88 -17.08 22.27
C SER A 128 -16.02 -17.60 23.14
N GLY A 129 -16.35 -16.86 24.19
CA GLY A 129 -17.42 -17.27 25.08
C GLY A 129 -18.74 -16.58 24.77
N GLY A 1 -17.05 -0.96 27.98
CA GLY A 1 -16.20 0.21 28.16
C GLY A 1 -15.02 -0.07 29.08
N SER A 2 -13.95 0.68 28.88
CA SER A 2 -12.74 0.51 29.69
C SER A 2 -12.49 1.74 30.55
N SER A 3 -11.71 1.57 31.61
CA SER A 3 -11.39 2.66 32.52
C SER A 3 -11.12 3.95 31.74
N GLY A 4 -11.18 5.07 32.45
CA GLY A 4 -10.93 6.36 31.81
C GLY A 4 -9.70 7.05 32.34
N SER A 5 -8.65 7.11 31.52
CA SER A 5 -7.40 7.75 31.91
C SER A 5 -6.45 7.88 30.72
N SER A 6 -5.34 8.56 30.93
CA SER A 6 -4.35 8.76 29.88
C SER A 6 -3.75 7.44 29.44
N GLY A 7 -3.96 7.08 28.18
CA GLY A 7 -3.42 5.83 27.66
C GLY A 7 -4.18 5.34 26.45
N GLY A 8 -3.45 4.81 25.47
CA GLY A 8 -4.07 4.30 24.26
C GLY A 8 -3.14 3.43 23.44
N SER A 9 -3.55 2.19 23.20
CA SER A 9 -2.74 1.26 22.43
C SER A 9 -2.68 1.67 20.96
N ASP A 10 -1.83 2.64 20.66
CA ASP A 10 -1.67 3.12 19.29
C ASP A 10 -0.37 2.62 18.67
N SER A 11 -0.35 1.33 18.33
CA SER A 11 0.83 0.72 17.74
C SER A 11 0.71 0.67 16.22
N SER A 12 -0.25 -0.12 15.74
CA SER A 12 -0.47 -0.26 14.30
C SER A 12 -1.33 0.87 13.76
N LEU A 13 -0.69 1.85 13.14
CA LEU A 13 -1.39 2.99 12.58
C LEU A 13 -1.83 2.72 11.14
N PHE A 14 -1.09 1.85 10.46
CA PHE A 14 -1.40 1.49 9.08
C PHE A 14 -2.02 0.11 8.99
N GLU A 15 -2.73 -0.15 7.90
CA GLU A 15 -3.37 -1.45 7.70
C GLU A 15 -2.89 -2.11 6.41
N THR A 16 -2.47 -3.37 6.53
CA THR A 16 -1.98 -4.12 5.38
C THR A 16 -3.08 -4.96 4.76
N TYR A 17 -3.08 -5.04 3.43
CA TYR A 17 -4.09 -5.81 2.71
C TYR A 17 -3.53 -6.34 1.39
N ASN A 18 -4.03 -7.49 0.97
CA ASN A 18 -3.58 -8.11 -0.28
C ASN A 18 -4.63 -7.94 -1.38
N VAL A 19 -4.18 -7.58 -2.58
CA VAL A 19 -5.08 -7.39 -3.71
C VAL A 19 -4.74 -8.36 -4.84
N GLU A 20 -5.68 -9.28 -5.10
CA GLU A 20 -5.47 -10.27 -6.16
C GLU A 20 -5.89 -9.70 -7.52
N LEU A 21 -4.93 -9.11 -8.23
CA LEU A 21 -5.19 -8.52 -9.53
C LEU A 21 -5.23 -9.61 -10.61
N VAL A 22 -6.17 -9.47 -11.54
CA VAL A 22 -6.31 -10.43 -12.63
C VAL A 22 -5.79 -9.86 -13.94
N ARG A 23 -5.15 -10.71 -14.74
CA ARG A 23 -4.60 -10.29 -16.03
C ARG A 23 -5.44 -10.84 -17.18
N LYS A 24 -6.21 -9.96 -17.81
CA LYS A 24 -7.04 -10.36 -18.94
C LYS A 24 -6.25 -11.17 -19.96
N ASP A 25 -6.93 -11.62 -21.01
CA ASP A 25 -6.30 -12.41 -22.05
C ASP A 25 -5.24 -11.58 -22.79
N GLY A 26 -4.00 -11.62 -22.31
CA GLY A 26 -2.93 -10.87 -22.93
C GLY A 26 -2.87 -9.44 -22.44
N GLN A 27 -2.96 -9.26 -21.13
CA GLN A 27 -2.91 -7.93 -20.53
C GLN A 27 -1.78 -7.84 -19.50
N SER A 28 -1.25 -6.62 -19.33
CA SER A 28 -0.17 -6.40 -18.38
C SER A 28 -0.71 -5.83 -17.07
N LEU A 29 0.06 -5.99 -16.00
CA LEU A 29 -0.33 -5.49 -14.69
C LEU A 29 -0.74 -4.02 -14.78
N GLY A 30 0.24 -3.15 -15.04
CA GLY A 30 -0.04 -1.73 -15.14
C GLY A 30 0.15 -1.01 -13.81
N ILE A 31 1.28 -1.25 -13.16
CA ILE A 31 1.57 -0.61 -11.88
C ILE A 31 3.00 -0.09 -11.84
N ARG A 32 3.14 1.22 -11.76
CA ARG A 32 4.46 1.84 -11.70
C ARG A 32 4.93 2.00 -10.26
N ILE A 33 6.19 1.66 -10.02
CA ILE A 33 6.77 1.76 -8.68
C ILE A 33 7.83 2.85 -8.62
N VAL A 34 8.18 3.26 -7.41
CA VAL A 34 9.18 4.31 -7.21
C VAL A 34 9.98 4.06 -5.93
N GLY A 35 11.28 4.32 -5.98
CA GLY A 35 12.12 4.14 -4.81
C GLY A 35 12.24 5.39 -3.97
N TYR A 36 11.52 5.43 -2.86
CA TYR A 36 11.54 6.60 -1.97
C TYR A 36 12.79 6.57 -1.08
N VAL A 37 13.20 7.74 -0.63
CA VAL A 37 14.38 7.86 0.23
C VAL A 37 14.04 8.60 1.52
N GLY A 38 12.97 9.39 1.49
CA GLY A 38 12.55 10.13 2.67
C GLY A 38 13.55 11.20 3.05
N THR A 39 13.06 12.28 3.66
CA THR A 39 13.92 13.38 4.08
C THR A 39 13.17 14.33 4.99
N SER A 40 13.92 15.15 5.74
CA SER A 40 13.33 16.12 6.66
C SER A 40 12.02 16.66 6.10
N HIS A 41 12.00 16.96 4.81
CA HIS A 41 10.82 17.50 4.15
C HIS A 41 9.55 16.82 4.69
N THR A 42 9.41 15.53 4.40
CA THR A 42 8.25 14.77 4.84
C THR A 42 8.59 13.91 6.06
N GLY A 43 9.38 14.47 6.96
CA GLY A 43 9.77 13.74 8.15
C GLY A 43 10.62 12.54 7.85
N GLU A 44 9.99 11.46 7.37
CA GLU A 44 10.70 10.24 7.03
C GLU A 44 9.78 9.25 6.32
N ALA A 45 10.21 8.77 5.16
CA ALA A 45 9.43 7.82 4.38
C ALA A 45 10.28 7.16 3.31
N SER A 46 10.60 5.89 3.51
CA SER A 46 11.41 5.14 2.56
C SER A 46 10.74 3.82 2.19
N GLY A 47 10.90 3.42 0.93
CA GLY A 47 10.30 2.18 0.46
C GLY A 47 9.77 2.29 -0.95
N ILE A 48 9.01 1.28 -1.38
CA ILE A 48 8.43 1.27 -2.72
C ILE A 48 7.00 1.78 -2.70
N TYR A 49 6.72 2.78 -3.54
CA TYR A 49 5.39 3.35 -3.62
C TYR A 49 4.89 3.37 -5.07
N VAL A 50 3.57 3.40 -5.24
CA VAL A 50 2.97 3.42 -6.56
C VAL A 50 3.10 4.80 -7.21
N LYS A 51 3.92 4.87 -8.25
CA LYS A 51 4.14 6.13 -8.96
C LYS A 51 2.93 6.49 -9.82
N SER A 52 2.35 5.49 -10.46
CA SER A 52 1.18 5.71 -11.32
C SER A 52 0.50 4.38 -11.64
N VAL A 53 -0.70 4.48 -12.23
CA VAL A 53 -1.46 3.29 -12.59
C VAL A 53 -1.96 3.37 -14.03
N ILE A 54 -1.33 2.62 -14.91
CA ILE A 54 -1.71 2.61 -16.32
C ILE A 54 -3.20 2.33 -16.48
N PRO A 55 -3.88 3.17 -17.26
CA PRO A 55 -5.31 3.03 -17.53
C PRO A 55 -5.64 1.82 -18.38
N GLY A 56 -6.87 1.31 -18.26
CA GLY A 56 -7.27 0.16 -19.03
C GLY A 56 -6.41 -1.06 -18.75
N SER A 57 -5.88 -1.14 -17.55
CA SER A 57 -5.03 -2.26 -17.16
C SER A 57 -5.68 -3.08 -16.05
N ALA A 58 -4.99 -4.13 -15.63
CA ALA A 58 -5.49 -5.00 -14.56
C ALA A 58 -5.66 -4.23 -13.26
N ALA A 59 -4.60 -3.54 -12.83
CA ALA A 59 -4.64 -2.76 -11.61
C ALA A 59 -5.77 -1.73 -11.64
N TYR A 60 -5.91 -1.05 -12.77
CA TYR A 60 -6.94 -0.04 -12.94
C TYR A 60 -8.33 -0.66 -12.88
N HIS A 61 -8.52 -1.70 -13.68
CA HIS A 61 -9.81 -2.40 -13.72
C HIS A 61 -10.29 -2.75 -12.31
N ASN A 62 -9.40 -3.38 -11.54
CA ASN A 62 -9.73 -3.78 -10.18
C ASN A 62 -10.29 -2.60 -9.38
N GLY A 63 -9.48 -1.57 -9.23
CA GLY A 63 -9.91 -0.39 -8.49
C GLY A 63 -9.53 -0.46 -7.03
N HIS A 64 -8.47 -1.20 -6.72
CA HIS A 64 -8.01 -1.35 -5.34
C HIS A 64 -6.63 -0.73 -5.17
N ILE A 65 -5.81 -0.83 -6.20
CA ILE A 65 -4.46 -0.27 -6.16
C ILE A 65 -4.40 1.09 -6.82
N GLN A 66 -3.97 2.10 -6.08
CA GLN A 66 -3.87 3.46 -6.61
C GLN A 66 -2.58 4.13 -6.14
N VAL A 67 -2.32 5.31 -6.66
CA VAL A 67 -1.11 6.06 -6.30
C VAL A 67 -1.12 6.42 -4.82
N ASN A 68 -0.01 6.98 -4.34
CA ASN A 68 0.11 7.37 -2.94
C ASN A 68 -0.01 6.16 -2.02
N ASP A 69 0.61 5.05 -2.43
CA ASP A 69 0.56 3.82 -1.64
C ASP A 69 1.96 3.24 -1.45
N LYS A 70 2.10 2.34 -0.49
CA LYS A 70 3.39 1.71 -0.20
C LYS A 70 3.28 0.19 -0.28
N ILE A 71 4.11 -0.41 -1.14
CA ILE A 71 4.10 -1.86 -1.30
C ILE A 71 5.04 -2.53 -0.30
N VAL A 72 4.54 -3.57 0.35
CA VAL A 72 5.33 -4.31 1.34
C VAL A 72 5.58 -5.74 0.89
N ALA A 73 4.69 -6.25 0.03
CA ALA A 73 4.82 -7.61 -0.48
C ALA A 73 4.13 -7.76 -1.83
N VAL A 74 4.70 -8.59 -2.69
CA VAL A 74 4.13 -8.82 -4.02
C VAL A 74 3.99 -10.31 -4.31
N ASP A 75 2.76 -10.75 -4.55
CA ASP A 75 2.50 -12.15 -4.83
C ASP A 75 2.93 -13.04 -3.68
N GLY A 76 2.87 -12.50 -2.47
CA GLY A 76 3.26 -13.25 -1.29
C GLY A 76 4.75 -13.20 -1.05
N VAL A 77 5.42 -12.20 -1.62
CA VAL A 77 6.86 -12.05 -1.46
C VAL A 77 7.20 -10.73 -0.80
N ASN A 78 7.72 -10.80 0.42
CA ASN A 78 8.09 -9.60 1.17
C ASN A 78 9.18 -8.82 0.44
N ILE A 79 8.77 -7.89 -0.41
CA ILE A 79 9.71 -7.07 -1.17
C ILE A 79 10.18 -5.87 -0.35
N GLN A 80 9.91 -5.91 0.95
CA GLN A 80 10.30 -4.83 1.84
C GLN A 80 11.80 -4.57 1.75
N GLY A 81 12.19 -3.59 0.94
CA GLY A 81 13.59 -3.26 0.78
C GLY A 81 14.09 -3.54 -0.62
N PHE A 82 13.40 -4.41 -1.34
CA PHE A 82 13.77 -4.77 -2.70
C PHE A 82 14.04 -3.52 -3.53
N ALA A 83 15.16 -3.51 -4.24
CA ALA A 83 15.53 -2.39 -5.08
C ALA A 83 14.51 -2.16 -6.20
N ASN A 84 14.35 -0.92 -6.62
CA ASN A 84 13.41 -0.58 -7.67
C ASN A 84 13.40 -1.66 -8.75
N HIS A 85 14.57 -1.96 -9.31
CA HIS A 85 14.68 -2.97 -10.35
C HIS A 85 14.36 -4.35 -9.80
N ASP A 86 14.82 -4.62 -8.58
CA ASP A 86 14.58 -5.91 -7.94
C ASP A 86 13.09 -6.20 -7.86
N VAL A 87 12.29 -5.15 -7.68
CA VAL A 87 10.84 -5.30 -7.58
C VAL A 87 10.22 -5.51 -8.96
N VAL A 88 10.76 -4.82 -9.95
CA VAL A 88 10.26 -4.93 -11.32
C VAL A 88 10.21 -6.39 -11.78
N GLU A 89 11.32 -7.10 -11.59
CA GLU A 89 11.41 -8.51 -11.98
C GLU A 89 10.29 -9.32 -11.33
N VAL A 90 10.06 -9.06 -10.04
CA VAL A 90 9.02 -9.76 -9.30
C VAL A 90 7.66 -9.59 -9.95
N LEU A 91 7.43 -8.40 -10.53
CA LEU A 91 6.17 -8.10 -11.18
C LEU A 91 6.04 -8.87 -12.49
N ARG A 92 7.12 -8.89 -13.27
CA ARG A 92 7.12 -9.59 -14.55
C ARG A 92 7.00 -11.10 -14.35
N ASN A 93 7.75 -11.61 -13.39
CA ASN A 93 7.73 -13.04 -13.09
C ASN A 93 6.37 -13.47 -12.53
N ALA A 94 5.63 -12.50 -12.01
CA ALA A 94 4.31 -12.76 -11.45
C ALA A 94 3.35 -13.28 -12.53
N GLY A 95 2.41 -14.13 -12.12
CA GLY A 95 1.45 -14.68 -13.07
C GLY A 95 0.13 -13.95 -13.02
N GLN A 96 -0.92 -14.59 -13.53
CA GLN A 96 -2.25 -14.00 -13.55
C GLN A 96 -2.63 -13.49 -12.17
N VAL A 97 -2.74 -14.40 -11.20
CA VAL A 97 -3.09 -14.04 -9.84
C VAL A 97 -1.96 -13.28 -9.16
N VAL A 98 -2.06 -11.96 -9.15
CA VAL A 98 -1.05 -11.11 -8.53
C VAL A 98 -1.56 -10.50 -7.24
N HIS A 99 -1.09 -11.01 -6.11
CA HIS A 99 -1.50 -10.51 -4.81
C HIS A 99 -0.62 -9.35 -4.37
N LEU A 100 -1.06 -8.13 -4.64
CA LEU A 100 -0.31 -6.93 -4.28
C LEU A 100 -0.59 -6.54 -2.82
N THR A 101 0.46 -6.55 -2.01
CA THR A 101 0.33 -6.20 -0.60
C THR A 101 0.66 -4.72 -0.37
N LEU A 102 -0.34 -3.97 0.12
CA LEU A 102 -0.15 -2.55 0.38
C LEU A 102 -0.55 -2.21 1.81
N VAL A 103 0.04 -1.14 2.35
CA VAL A 103 -0.26 -0.71 3.70
C VAL A 103 -0.58 0.78 3.74
N ARG A 104 -1.85 1.11 3.94
CA ARG A 104 -2.29 2.49 3.99
C ARG A 104 -2.49 2.94 5.43
N ARG A 105 -2.39 4.25 5.66
CA ARG A 105 -2.55 4.81 6.99
C ARG A 105 -4.01 4.80 7.41
N LYS A 106 -4.29 4.24 8.58
CA LYS A 106 -5.65 4.16 9.10
C LYS A 106 -6.20 5.56 9.39
N THR A 107 -5.44 6.34 10.15
CA THR A 107 -5.85 7.70 10.49
C THR A 107 -6.43 8.43 9.29
N SER A 108 -7.59 9.04 9.48
CA SER A 108 -8.26 9.76 8.41
C SER A 108 -7.28 10.68 7.67
N SER A 109 -7.51 10.86 6.38
CA SER A 109 -6.64 11.71 5.56
C SER A 109 -6.86 13.19 5.87
N SER A 110 -5.79 13.88 6.23
CA SER A 110 -5.87 15.30 6.55
C SER A 110 -6.24 16.13 5.32
N THR A 111 -7.53 16.35 5.13
CA THR A 111 -8.02 17.12 3.99
C THR A 111 -9.41 17.68 4.26
N SER A 112 -9.60 18.96 3.96
CA SER A 112 -10.89 19.61 4.17
C SER A 112 -11.58 19.89 2.84
N PRO A 113 -12.17 18.84 2.25
CA PRO A 113 -12.88 18.94 0.97
C PRO A 113 -14.18 19.74 1.09
N LEU A 114 -15.01 19.65 0.06
CA LEU A 114 -16.28 20.36 0.04
C LEU A 114 -17.34 19.62 0.87
N GLU A 115 -17.30 18.29 0.79
CA GLU A 115 -18.25 17.47 1.53
C GLU A 115 -17.52 16.40 2.36
N PRO A 116 -16.82 16.86 3.41
CA PRO A 116 -16.07 15.97 4.29
C PRO A 116 -16.98 15.10 5.15
N PRO A 117 -16.50 13.89 5.49
CA PRO A 117 -17.26 12.94 6.31
C PRO A 117 -17.39 13.40 7.75
N SER A 118 -17.94 12.53 8.60
CA SER A 118 -18.12 12.84 10.02
C SER A 118 -16.85 12.59 10.81
N ASP A 119 -16.21 13.67 11.25
CA ASP A 119 -14.98 13.56 12.04
C ASP A 119 -15.24 12.90 13.38
N ARG A 120 -14.29 12.09 13.84
CA ARG A 120 -14.43 11.40 15.11
C ARG A 120 -14.10 12.33 16.27
N GLY A 121 -14.34 11.85 17.49
CA GLY A 121 -14.06 12.66 18.67
C GLY A 121 -12.65 12.47 19.19
N THR A 122 -12.54 12.05 20.44
CA THR A 122 -11.24 11.82 21.06
C THR A 122 -10.94 10.33 21.20
N VAL A 123 -9.71 10.01 21.57
CA VAL A 123 -9.30 8.62 21.74
C VAL A 123 -9.07 8.29 23.21
N SER A 124 -9.53 7.11 23.64
CA SER A 124 -9.37 6.69 25.02
C SER A 124 -9.20 5.18 25.10
N GLY A 125 -8.52 4.72 26.16
CA GLY A 125 -8.30 3.29 26.34
C GLY A 125 -8.05 2.93 27.78
N PRO A 126 -7.25 1.88 28.00
CA PRO A 126 -6.92 1.40 29.35
C PRO A 126 -6.03 2.37 30.11
N SER A 127 -5.94 2.19 31.43
CA SER A 127 -5.12 3.05 32.26
C SER A 127 -3.65 2.68 32.15
N SER A 128 -2.79 3.70 32.02
CA SER A 128 -1.36 3.48 31.91
C SER A 128 -0.60 4.80 31.91
N GLY A 129 0.56 4.82 32.54
CA GLY A 129 1.36 6.03 32.60
C GLY A 129 2.67 5.82 33.33
N GLY A 1 -12.55 -12.38 16.67
CA GLY A 1 -12.17 -13.01 15.41
C GLY A 1 -12.15 -12.03 14.25
N SER A 2 -12.59 -12.48 13.09
CA SER A 2 -12.61 -11.64 11.90
C SER A 2 -13.28 -10.29 12.19
N SER A 3 -14.42 -10.35 12.87
CA SER A 3 -15.16 -9.14 13.20
C SER A 3 -14.21 -8.00 13.54
N GLY A 4 -13.21 -8.30 14.37
CA GLY A 4 -12.24 -7.28 14.76
C GLY A 4 -11.71 -7.50 16.16
N SER A 5 -10.67 -6.75 16.52
CA SER A 5 -10.07 -6.87 17.84
C SER A 5 -9.12 -5.70 18.12
N SER A 6 -9.07 -5.28 19.37
CA SER A 6 -8.21 -4.17 19.77
C SER A 6 -7.99 -4.15 21.29
N GLY A 7 -6.78 -3.81 21.70
CA GLY A 7 -6.47 -3.76 23.11
C GLY A 7 -6.49 -2.36 23.66
N GLY A 8 -7.54 -1.61 23.34
CA GLY A 8 -7.64 -0.24 23.81
C GLY A 8 -6.31 0.48 23.85
N SER A 9 -5.79 0.81 22.67
CA SER A 9 -4.50 1.49 22.57
C SER A 9 -4.26 1.98 21.15
N ASP A 10 -3.22 2.79 20.97
CA ASP A 10 -2.87 3.32 19.66
C ASP A 10 -1.51 2.80 19.21
N SER A 11 -1.47 1.56 18.77
CA SER A 11 -0.23 0.94 18.31
C SER A 11 -0.20 0.85 16.79
N SER A 12 -1.12 0.07 16.23
CA SER A 12 -1.19 -0.11 14.78
C SER A 12 -1.96 1.04 14.14
N LEU A 13 -1.23 1.95 13.51
CA LEU A 13 -1.85 3.10 12.85
C LEU A 13 -2.18 2.78 11.40
N PHE A 14 -1.38 1.92 10.79
CA PHE A 14 -1.59 1.53 9.40
C PHE A 14 -2.31 0.18 9.31
N GLU A 15 -2.82 -0.13 8.13
CA GLU A 15 -3.54 -1.39 7.92
C GLU A 15 -3.11 -2.05 6.61
N THR A 16 -2.77 -3.33 6.68
CA THR A 16 -2.35 -4.07 5.50
C THR A 16 -3.52 -4.84 4.88
N TYR A 17 -3.47 -5.00 3.56
CA TYR A 17 -4.53 -5.70 2.84
C TYR A 17 -3.98 -6.39 1.60
N ASN A 18 -4.53 -7.56 1.29
CA ASN A 18 -4.10 -8.32 0.12
C ASN A 18 -5.01 -8.05 -1.08
N VAL A 19 -4.40 -7.78 -2.24
CA VAL A 19 -5.15 -7.51 -3.45
C VAL A 19 -4.83 -8.53 -4.54
N GLU A 20 -5.83 -9.29 -4.94
CA GLU A 20 -5.65 -10.30 -5.99
C GLU A 20 -6.11 -9.77 -7.35
N LEU A 21 -5.16 -9.22 -8.10
CA LEU A 21 -5.46 -8.68 -9.42
C LEU A 21 -5.55 -9.80 -10.46
N VAL A 22 -6.16 -9.48 -11.60
CA VAL A 22 -6.30 -10.46 -12.68
C VAL A 22 -5.65 -9.96 -13.97
N ARG A 23 -5.04 -10.87 -14.71
CA ARG A 23 -4.38 -10.53 -15.96
C ARG A 23 -5.07 -11.20 -17.15
N LYS A 24 -5.87 -10.42 -17.87
CA LYS A 24 -6.60 -10.93 -19.03
C LYS A 24 -5.63 -11.54 -20.04
N ASP A 25 -6.18 -12.21 -21.05
CA ASP A 25 -5.38 -12.85 -22.09
C ASP A 25 -4.50 -11.82 -22.80
N GLY A 26 -3.33 -11.54 -22.21
CA GLY A 26 -2.43 -10.57 -22.80
C GLY A 26 -2.23 -9.35 -21.93
N GLN A 27 -3.32 -8.87 -21.32
CA GLN A 27 -3.26 -7.70 -20.46
C GLN A 27 -2.08 -7.78 -19.51
N SER A 28 -1.68 -6.64 -18.95
CA SER A 28 -0.56 -6.58 -18.03
C SER A 28 -0.96 -5.92 -16.72
N LEU A 29 -0.03 -5.86 -15.78
CA LEU A 29 -0.29 -5.26 -14.47
C LEU A 29 -0.63 -3.78 -14.62
N GLY A 30 0.37 -2.98 -15.00
CA GLY A 30 0.16 -1.56 -15.16
C GLY A 30 0.19 -0.81 -13.84
N ILE A 31 1.27 -0.99 -13.09
CA ILE A 31 1.42 -0.33 -11.80
C ILE A 31 2.82 0.27 -11.65
N ARG A 32 2.94 1.54 -12.00
CA ARG A 32 4.22 2.23 -11.90
C ARG A 32 4.66 2.37 -10.45
N ILE A 33 5.90 1.95 -10.16
CA ILE A 33 6.43 2.01 -8.82
C ILE A 33 7.47 3.13 -8.70
N VAL A 34 7.69 3.61 -7.47
CA VAL A 34 8.65 4.66 -7.22
C VAL A 34 9.62 4.27 -6.12
N GLY A 35 10.87 4.73 -6.23
CA GLY A 35 11.87 4.42 -5.23
C GLY A 35 12.08 5.55 -4.24
N TYR A 36 11.89 5.25 -2.96
CA TYR A 36 12.05 6.26 -1.91
C TYR A 36 13.01 5.76 -0.82
N VAL A 37 13.83 6.67 -0.30
CA VAL A 37 14.78 6.34 0.74
C VAL A 37 14.58 7.21 1.98
N GLY A 38 14.10 8.42 1.76
CA GLY A 38 13.87 9.34 2.87
C GLY A 38 15.15 9.88 3.46
N THR A 39 16.13 10.16 2.59
CA THR A 39 17.42 10.68 3.03
C THR A 39 17.26 11.59 4.23
N SER A 40 16.22 12.44 4.20
CA SER A 40 15.97 13.37 5.29
C SER A 40 14.61 13.07 5.95
N HIS A 41 14.20 13.94 6.86
CA HIS A 41 12.93 13.78 7.56
C HIS A 41 11.91 13.10 6.67
N THR A 42 11.31 13.87 5.76
CA THR A 42 10.31 13.33 4.85
C THR A 42 9.34 12.41 5.57
N GLY A 43 9.01 12.76 6.81
CA GLY A 43 8.09 11.96 7.59
C GLY A 43 8.44 10.49 7.56
N GLU A 44 9.72 10.18 7.72
CA GLU A 44 10.20 8.81 7.72
C GLU A 44 9.51 8.01 6.62
N ALA A 45 9.19 8.68 5.52
CA ALA A 45 8.54 8.03 4.39
C ALA A 45 9.56 7.45 3.42
N SER A 46 9.85 6.16 3.55
CA SER A 46 10.81 5.49 2.70
C SER A 46 10.32 4.10 2.31
N GLY A 47 10.45 3.76 1.03
CA GLY A 47 10.01 2.46 0.55
C GLY A 47 9.51 2.51 -0.87
N ILE A 48 8.77 1.47 -1.26
CA ILE A 48 8.22 1.40 -2.61
C ILE A 48 6.78 1.87 -2.65
N TYR A 49 6.53 2.94 -3.41
CA TYR A 49 5.19 3.49 -3.54
C TYR A 49 4.72 3.50 -4.99
N VAL A 50 3.42 3.63 -5.18
CA VAL A 50 2.85 3.65 -6.53
C VAL A 50 3.01 5.03 -7.18
N LYS A 51 3.81 5.08 -8.23
CA LYS A 51 4.05 6.33 -8.94
C LYS A 51 2.85 6.71 -9.81
N SER A 52 2.29 5.72 -10.50
CA SER A 52 1.14 5.95 -11.37
C SER A 52 0.39 4.65 -11.63
N VAL A 53 -0.71 4.74 -12.36
CA VAL A 53 -1.52 3.57 -12.69
C VAL A 53 -1.89 3.56 -14.16
N ILE A 54 -1.08 2.89 -14.98
CA ILE A 54 -1.33 2.81 -16.40
C ILE A 54 -2.78 2.41 -16.69
N PRO A 55 -3.42 3.12 -17.63
CA PRO A 55 -4.80 2.86 -18.03
C PRO A 55 -4.97 1.53 -18.75
N GLY A 56 -6.19 1.02 -18.77
CA GLY A 56 -6.46 -0.24 -19.44
C GLY A 56 -5.62 -1.38 -18.89
N SER A 57 -5.29 -1.30 -17.61
CA SER A 57 -4.48 -2.33 -16.96
C SER A 57 -5.26 -3.00 -15.84
N ALA A 58 -4.70 -4.09 -15.31
CA ALA A 58 -5.34 -4.82 -14.23
C ALA A 58 -5.59 -3.93 -13.03
N ALA A 59 -4.57 -3.15 -12.66
CA ALA A 59 -4.68 -2.24 -11.52
C ALA A 59 -5.81 -1.24 -11.72
N TYR A 60 -5.83 -0.59 -12.88
CA TYR A 60 -6.86 0.39 -13.19
C TYR A 60 -8.24 -0.23 -13.10
N HIS A 61 -8.36 -1.48 -13.54
CA HIS A 61 -9.63 -2.18 -13.52
C HIS A 61 -10.02 -2.54 -12.09
N ASN A 62 -9.09 -3.14 -11.36
CA ASN A 62 -9.33 -3.54 -9.98
C ASN A 62 -9.88 -2.37 -9.16
N GLY A 63 -9.10 -1.29 -9.08
CA GLY A 63 -9.53 -0.13 -8.33
C GLY A 63 -9.16 -0.21 -6.87
N HIS A 64 -8.09 -0.94 -6.57
CA HIS A 64 -7.62 -1.10 -5.20
C HIS A 64 -6.19 -0.61 -5.04
N ILE A 65 -5.43 -0.67 -6.13
CA ILE A 65 -4.04 -0.24 -6.11
C ILE A 65 -3.85 1.03 -6.96
N GLN A 66 -3.38 2.09 -6.31
CA GLN A 66 -3.14 3.35 -7.00
C GLN A 66 -2.13 4.20 -6.26
N VAL A 67 -1.69 5.29 -6.89
CA VAL A 67 -0.71 6.18 -6.29
C VAL A 67 -0.99 6.38 -4.80
N ASN A 68 0.01 6.85 -4.07
CA ASN A 68 -0.11 7.09 -2.64
C ASN A 68 -0.33 5.78 -1.90
N ASP A 69 0.37 4.74 -2.31
CA ASP A 69 0.26 3.43 -1.68
C ASP A 69 1.63 2.75 -1.58
N LYS A 70 1.96 2.26 -0.39
CA LYS A 70 3.23 1.59 -0.15
C LYS A 70 3.08 0.08 -0.27
N ILE A 71 3.96 -0.54 -1.04
CA ILE A 71 3.93 -1.99 -1.22
C ILE A 71 5.03 -2.67 -0.42
N VAL A 72 4.64 -3.61 0.43
CA VAL A 72 5.59 -4.35 1.26
C VAL A 72 5.89 -5.71 0.67
N ALA A 73 4.95 -6.24 -0.08
CA ALA A 73 5.11 -7.55 -0.71
C ALA A 73 4.32 -7.63 -2.02
N VAL A 74 4.84 -8.41 -2.97
CA VAL A 74 4.19 -8.57 -4.27
C VAL A 74 4.09 -10.04 -4.64
N ASP A 75 2.86 -10.53 -4.82
CA ASP A 75 2.63 -11.92 -5.18
C ASP A 75 3.21 -12.86 -4.14
N GLY A 76 3.10 -12.46 -2.87
CA GLY A 76 3.61 -13.28 -1.79
C GLY A 76 5.13 -13.20 -1.67
N VAL A 77 5.70 -12.11 -2.19
CA VAL A 77 7.15 -11.91 -2.13
C VAL A 77 7.50 -10.65 -1.36
N ASN A 78 8.25 -10.81 -0.28
CA ASN A 78 8.66 -9.67 0.54
C ASN A 78 9.63 -8.78 -0.21
N ILE A 79 9.10 -7.71 -0.80
CA ILE A 79 9.91 -6.76 -1.55
C ILE A 79 10.29 -5.55 -0.71
N GLN A 80 10.17 -5.70 0.61
CA GLN A 80 10.49 -4.62 1.53
C GLN A 80 11.79 -3.93 1.14
N GLY A 81 12.91 -4.64 1.33
CA GLY A 81 14.20 -4.08 0.99
C GLY A 81 14.63 -4.44 -0.43
N PHE A 82 13.69 -4.36 -1.36
CA PHE A 82 13.98 -4.67 -2.75
C PHE A 82 14.22 -3.40 -3.56
N ALA A 83 15.11 -3.49 -4.54
CA ALA A 83 15.43 -2.35 -5.39
C ALA A 83 14.42 -2.22 -6.53
N ASN A 84 14.21 -0.99 -6.98
CA ASN A 84 13.28 -0.73 -8.08
C ASN A 84 13.28 -1.88 -9.08
N HIS A 85 14.41 -2.09 -9.73
CA HIS A 85 14.55 -3.16 -10.71
C HIS A 85 14.16 -4.50 -10.12
N ASP A 86 14.68 -4.79 -8.91
CA ASP A 86 14.39 -6.03 -8.23
C ASP A 86 12.88 -6.26 -8.12
N VAL A 87 12.14 -5.16 -7.96
CA VAL A 87 10.69 -5.23 -7.84
C VAL A 87 10.04 -5.44 -9.20
N VAL A 88 10.62 -4.83 -10.23
CA VAL A 88 10.09 -4.95 -11.58
C VAL A 88 10.02 -6.40 -12.02
N GLU A 89 11.15 -7.10 -11.93
CA GLU A 89 11.21 -8.51 -12.32
C GLU A 89 10.17 -9.33 -11.57
N VAL A 90 10.01 -9.04 -10.28
CA VAL A 90 9.03 -9.75 -9.45
C VAL A 90 7.65 -9.71 -10.08
N LEU A 91 7.27 -8.56 -10.62
CA LEU A 91 5.97 -8.39 -11.25
C LEU A 91 5.86 -9.25 -12.50
N ARG A 92 6.90 -9.21 -13.34
CA ARG A 92 6.92 -9.99 -14.57
C ARG A 92 6.76 -11.48 -14.27
N ASN A 93 7.46 -11.95 -13.25
CA ASN A 93 7.40 -13.36 -12.86
C ASN A 93 5.99 -13.75 -12.46
N ALA A 94 5.31 -12.86 -11.73
CA ALA A 94 3.96 -13.11 -11.27
C ALA A 94 3.05 -13.52 -12.44
N GLY A 95 1.98 -14.25 -12.13
CA GLY A 95 1.07 -14.69 -13.16
C GLY A 95 -0.28 -14.01 -13.06
N GLN A 96 -1.32 -14.68 -13.55
CA GLN A 96 -2.67 -14.14 -13.51
C GLN A 96 -3.03 -13.64 -12.12
N VAL A 97 -3.01 -14.55 -11.15
CA VAL A 97 -3.33 -14.21 -9.77
C VAL A 97 -2.17 -13.47 -9.11
N VAL A 98 -2.31 -12.16 -8.99
CA VAL A 98 -1.27 -11.33 -8.38
C VAL A 98 -1.74 -10.78 -7.04
N HIS A 99 -1.18 -11.32 -5.95
CA HIS A 99 -1.53 -10.88 -4.61
C HIS A 99 -0.59 -9.78 -4.13
N LEU A 100 -1.08 -8.54 -4.14
CA LEU A 100 -0.26 -7.40 -3.70
C LEU A 100 -0.52 -7.09 -2.24
N THR A 101 0.56 -6.83 -1.50
CA THR A 101 0.45 -6.51 -0.08
C THR A 101 0.81 -5.05 0.19
N LEU A 102 -0.21 -4.23 0.43
CA LEU A 102 -0.01 -2.82 0.70
C LEU A 102 -0.51 -2.45 2.09
N VAL A 103 -0.05 -1.31 2.60
CA VAL A 103 -0.46 -0.85 3.92
C VAL A 103 -0.72 0.65 3.91
N ARG A 104 -1.97 1.04 4.18
CA ARG A 104 -2.34 2.45 4.20
C ARG A 104 -2.53 2.93 5.64
N ARG A 105 -2.30 4.22 5.85
CA ARG A 105 -2.45 4.81 7.18
C ARG A 105 -3.92 4.97 7.55
N LYS A 106 -4.30 4.37 8.68
CA LYS A 106 -5.68 4.44 9.15
C LYS A 106 -6.09 5.88 9.44
N THR A 107 -7.35 6.08 9.78
CA THR A 107 -7.87 7.41 10.08
C THR A 107 -7.19 8.47 9.22
N SER A 108 -6.99 8.14 7.94
CA SER A 108 -6.35 9.06 7.01
C SER A 108 -7.36 9.62 6.01
N SER A 109 -6.92 10.59 5.22
CA SER A 109 -7.79 11.21 4.22
C SER A 109 -8.77 10.18 3.64
N SER A 110 -10.00 10.21 4.14
CA SER A 110 -11.03 9.29 3.67
C SER A 110 -12.40 9.96 3.67
N THR A 111 -13.42 9.22 3.23
CA THR A 111 -14.77 9.75 3.18
C THR A 111 -15.23 10.25 4.54
N SER A 112 -16.32 11.02 4.56
CA SER A 112 -16.85 11.57 5.80
C SER A 112 -15.72 12.13 6.67
N PRO A 113 -14.92 13.03 6.09
CA PRO A 113 -13.81 13.67 6.80
C PRO A 113 -14.27 14.63 7.88
N LEU A 114 -13.34 15.39 8.44
CA LEU A 114 -13.66 16.36 9.48
C LEU A 114 -14.27 17.62 8.90
N GLU A 115 -13.90 17.94 7.66
CA GLU A 115 -14.40 19.12 6.99
C GLU A 115 -14.83 18.80 5.55
N PRO A 116 -15.92 18.03 5.42
CA PRO A 116 -16.44 17.63 4.12
C PRO A 116 -17.06 18.79 3.36
N PRO A 117 -17.14 18.66 2.03
CA PRO A 117 -17.70 19.70 1.16
C PRO A 117 -19.21 19.83 1.33
N SER A 118 -19.75 20.96 0.88
CA SER A 118 -21.18 21.21 1.00
C SER A 118 -21.96 20.33 0.03
N ASP A 119 -22.71 19.37 0.57
CA ASP A 119 -23.50 18.46 -0.24
C ASP A 119 -24.99 18.60 0.08
N ARG A 120 -25.29 18.86 1.34
CA ARG A 120 -26.66 19.02 1.79
C ARG A 120 -27.11 20.47 1.69
N GLY A 121 -26.39 21.36 2.37
CA GLY A 121 -26.73 22.77 2.33
C GLY A 121 -27.11 23.31 3.70
N THR A 122 -27.88 22.51 4.45
CA THR A 122 -28.32 22.91 5.78
C THR A 122 -27.24 22.62 6.82
N VAL A 123 -26.00 22.88 6.47
CA VAL A 123 -24.88 22.65 7.37
C VAL A 123 -23.75 23.65 7.14
N SER A 124 -23.39 24.37 8.19
CA SER A 124 -22.32 25.38 8.10
C SER A 124 -21.24 24.93 7.12
N GLY A 125 -20.69 25.89 6.38
CA GLY A 125 -19.66 25.57 5.42
C GLY A 125 -18.93 26.80 4.93
N PRO A 126 -19.38 27.37 3.80
CA PRO A 126 -18.78 28.56 3.20
C PRO A 126 -19.04 29.82 4.04
N SER A 127 -18.53 30.95 3.56
CA SER A 127 -18.71 32.21 4.26
C SER A 127 -18.48 33.39 3.31
N SER A 128 -18.69 34.60 3.83
CA SER A 128 -18.51 35.81 3.04
C SER A 128 -17.18 35.78 2.29
N GLY A 129 -17.25 35.55 0.98
CA GLY A 129 -16.05 35.50 0.18
C GLY A 129 -15.52 34.09 -0.01
N GLY A 1 -22.84 -21.21 17.57
CA GLY A 1 -22.17 -20.22 18.39
C GLY A 1 -21.21 -19.35 17.61
N SER A 2 -20.46 -18.51 18.30
CA SER A 2 -19.49 -17.63 17.66
C SER A 2 -18.63 -16.93 18.70
N SER A 3 -17.32 -16.97 18.49
CA SER A 3 -16.38 -16.33 19.41
C SER A 3 -15.54 -15.29 18.69
N GLY A 4 -14.72 -14.56 19.45
CA GLY A 4 -13.87 -13.55 18.87
C GLY A 4 -12.95 -12.90 19.89
N SER A 5 -11.91 -12.23 19.40
CA SER A 5 -10.95 -11.57 20.29
C SER A 5 -10.26 -10.42 19.56
N SER A 6 -9.70 -9.50 20.34
CA SER A 6 -9.00 -8.34 19.78
C SER A 6 -8.00 -7.77 20.77
N GLY A 7 -7.01 -7.04 20.26
CA GLY A 7 -6.00 -6.46 21.12
C GLY A 7 -5.39 -5.20 20.53
N GLY A 8 -5.51 -4.09 21.23
CA GLY A 8 -4.95 -2.84 20.75
C GLY A 8 -5.73 -2.28 19.58
N SER A 9 -6.74 -1.46 19.87
CA SER A 9 -7.58 -0.87 18.84
C SER A 9 -6.77 0.12 18.00
N ASP A 10 -6.14 1.08 18.68
CA ASP A 10 -5.34 2.09 18.00
C ASP A 10 -4.07 1.48 17.42
N SER A 11 -3.44 0.59 18.19
CA SER A 11 -2.22 -0.07 17.75
C SER A 11 -2.24 -0.32 16.24
N SER A 12 -1.06 -0.37 15.64
CA SER A 12 -0.95 -0.60 14.21
C SER A 12 -1.76 0.42 13.42
N LEU A 13 -1.50 1.70 13.67
CA LEU A 13 -2.20 2.78 13.00
C LEU A 13 -2.42 2.45 11.52
N PHE A 14 -1.50 1.66 10.96
CA PHE A 14 -1.59 1.27 9.56
C PHE A 14 -2.14 -0.15 9.43
N GLU A 15 -2.87 -0.39 8.34
CA GLU A 15 -3.45 -1.71 8.10
C GLU A 15 -3.00 -2.27 6.75
N THR A 16 -2.86 -3.58 6.68
CA THR A 16 -2.42 -4.24 5.46
C THR A 16 -3.56 -5.02 4.81
N TYR A 17 -3.58 -5.04 3.48
CA TYR A 17 -4.63 -5.75 2.75
C TYR A 17 -4.06 -6.38 1.48
N ASN A 18 -4.62 -7.53 1.10
CA ASN A 18 -4.16 -8.23 -0.09
C ASN A 18 -5.08 -7.94 -1.28
N VAL A 19 -4.50 -7.52 -2.39
CA VAL A 19 -5.27 -7.20 -3.58
C VAL A 19 -4.94 -8.17 -4.72
N GLU A 20 -5.93 -8.98 -5.10
CA GLU A 20 -5.75 -9.96 -6.17
C GLU A 20 -6.17 -9.37 -7.51
N LEU A 21 -5.18 -8.96 -8.31
CA LEU A 21 -5.43 -8.39 -9.62
C LEU A 21 -5.46 -9.47 -10.70
N VAL A 22 -6.40 -9.33 -11.63
CA VAL A 22 -6.53 -10.30 -12.72
C VAL A 22 -5.87 -9.80 -13.99
N ARG A 23 -5.15 -10.68 -14.66
CA ARG A 23 -4.46 -10.32 -15.90
C ARG A 23 -4.98 -11.16 -17.07
N LYS A 24 -5.77 -10.54 -17.93
CA LYS A 24 -6.33 -11.22 -19.09
C LYS A 24 -5.23 -11.81 -19.96
N ASP A 25 -5.61 -12.46 -21.05
CA ASP A 25 -4.65 -13.06 -21.97
C ASP A 25 -3.69 -12.00 -22.51
N GLY A 26 -2.48 -11.97 -21.96
CA GLY A 26 -1.49 -11.01 -22.40
C GLY A 26 -1.46 -9.77 -21.52
N GLN A 27 -2.63 -9.26 -21.17
CA GLN A 27 -2.73 -8.07 -20.34
C GLN A 27 -1.63 -8.06 -19.28
N SER A 28 -1.11 -6.87 -18.99
CA SER A 28 -0.05 -6.72 -17.99
C SER A 28 -0.59 -6.07 -16.72
N LEU A 29 0.11 -6.29 -15.62
CA LEU A 29 -0.29 -5.73 -14.34
C LEU A 29 -0.74 -4.28 -14.49
N GLY A 30 0.19 -3.41 -14.87
CA GLY A 30 -0.14 -2.01 -15.06
C GLY A 30 0.03 -1.21 -13.79
N ILE A 31 1.22 -1.26 -13.19
CA ILE A 31 1.50 -0.54 -11.96
C ILE A 31 2.92 0.03 -11.97
N ARG A 32 3.01 1.35 -11.87
CA ARG A 32 4.31 2.03 -11.87
C ARG A 32 4.84 2.17 -10.44
N ILE A 33 6.11 1.82 -10.25
CA ILE A 33 6.73 1.90 -8.94
C ILE A 33 7.82 2.98 -8.92
N VAL A 34 8.32 3.29 -7.73
CA VAL A 34 9.36 4.30 -7.58
C VAL A 34 10.17 4.06 -6.31
N GLY A 35 11.48 4.27 -6.40
CA GLY A 35 12.35 4.06 -5.26
C GLY A 35 12.56 5.34 -4.46
N TYR A 36 11.62 5.62 -3.56
CA TYR A 36 11.70 6.82 -2.73
C TYR A 36 12.97 6.81 -1.88
N VAL A 37 13.70 7.92 -1.89
CA VAL A 37 14.93 8.04 -1.12
C VAL A 37 14.70 8.86 0.15
N GLY A 38 13.82 9.85 0.07
CA GLY A 38 13.53 10.69 1.22
C GLY A 38 14.59 11.73 1.46
N THR A 39 14.75 12.65 0.51
CA THR A 39 15.74 13.70 0.63
C THR A 39 15.12 14.99 1.16
N SER A 40 14.32 14.85 2.21
CA SER A 40 13.66 16.01 2.82
C SER A 40 13.79 15.97 4.34
N HIS A 41 13.70 17.14 4.96
CA HIS A 41 13.81 17.24 6.41
C HIS A 41 12.52 16.77 7.09
N THR A 42 12.63 16.42 8.36
CA THR A 42 11.48 15.96 9.13
C THR A 42 10.52 15.17 8.25
N GLY A 43 11.07 14.32 7.38
CA GLY A 43 10.25 13.53 6.49
C GLY A 43 11.06 12.49 5.73
N GLU A 44 11.60 11.51 6.45
CA GLU A 44 12.39 10.47 5.83
C GLU A 44 11.50 9.35 5.29
N ALA A 45 11.06 9.51 4.05
CA ALA A 45 10.19 8.52 3.42
C ALA A 45 10.97 7.69 2.40
N SER A 46 11.44 6.52 2.83
CA SER A 46 12.20 5.63 1.96
C SER A 46 11.45 4.32 1.75
N GLY A 47 11.37 3.89 0.48
CA GLY A 47 10.69 2.66 0.17
C GLY A 47 10.06 2.69 -1.22
N ILE A 48 9.25 1.68 -1.52
CA ILE A 48 8.58 1.59 -2.81
C ILE A 48 7.16 2.15 -2.73
N TYR A 49 6.80 2.98 -3.70
CA TYR A 49 5.47 3.57 -3.74
C TYR A 49 4.93 3.60 -5.17
N VAL A 50 3.61 3.48 -5.29
CA VAL A 50 2.97 3.49 -6.61
C VAL A 50 3.05 4.88 -7.25
N LYS A 51 3.93 5.01 -8.22
CA LYS A 51 4.11 6.28 -8.92
C LYS A 51 2.89 6.62 -9.75
N SER A 52 2.38 5.63 -10.47
CA SER A 52 1.19 5.84 -11.32
C SER A 52 0.50 4.51 -11.61
N VAL A 53 -0.69 4.59 -12.18
CA VAL A 53 -1.46 3.40 -12.51
C VAL A 53 -1.87 3.39 -13.98
N ILE A 54 -1.21 2.53 -14.76
CA ILE A 54 -1.50 2.43 -16.18
C ILE A 54 -2.98 2.18 -16.42
N PRO A 55 -3.58 2.99 -17.32
CA PRO A 55 -5.00 2.87 -17.65
C PRO A 55 -5.30 1.61 -18.46
N GLY A 56 -6.55 1.15 -18.37
CA GLY A 56 -6.94 -0.06 -19.09
C GLY A 56 -6.11 -1.26 -18.71
N SER A 57 -5.52 -1.22 -17.52
CA SER A 57 -4.68 -2.31 -17.05
C SER A 57 -5.36 -3.04 -15.88
N ALA A 58 -4.81 -4.20 -15.52
CA ALA A 58 -5.37 -5.00 -14.43
C ALA A 58 -5.62 -4.13 -13.19
N ALA A 59 -4.61 -3.35 -12.81
CA ALA A 59 -4.73 -2.48 -11.65
C ALA A 59 -5.91 -1.52 -11.79
N TYR A 60 -5.88 -0.74 -12.86
CA TYR A 60 -6.95 0.23 -13.12
C TYR A 60 -8.33 -0.42 -12.96
N HIS A 61 -8.58 -1.45 -13.75
CA HIS A 61 -9.85 -2.16 -13.70
C HIS A 61 -10.27 -2.42 -12.25
N ASN A 62 -9.43 -3.15 -11.52
CA ASN A 62 -9.71 -3.47 -10.13
C ASN A 62 -10.06 -2.21 -9.33
N GLY A 63 -9.33 -1.13 -9.60
CA GLY A 63 -9.58 0.13 -8.91
C GLY A 63 -9.38 0.01 -7.41
N HIS A 64 -8.39 -0.79 -7.01
CA HIS A 64 -8.09 -0.98 -5.59
C HIS A 64 -6.72 -0.44 -5.25
N ILE A 65 -5.77 -0.60 -6.17
CA ILE A 65 -4.41 -0.13 -5.97
C ILE A 65 -4.19 1.24 -6.63
N GLN A 66 -4.19 2.29 -5.81
CA GLN A 66 -4.00 3.64 -6.32
C GLN A 66 -2.59 4.14 -5.99
N VAL A 67 -2.34 5.42 -6.30
CA VAL A 67 -1.04 6.02 -6.05
C VAL A 67 -0.92 6.48 -4.60
N ASN A 68 0.29 6.88 -4.22
CA ASN A 68 0.54 7.34 -2.86
C ASN A 68 0.39 6.20 -1.86
N ASP A 69 0.80 5.01 -2.27
CA ASP A 69 0.71 3.83 -1.40
C ASP A 69 2.09 3.22 -1.18
N LYS A 70 2.18 2.33 -0.20
CA LYS A 70 3.44 1.66 0.12
C LYS A 70 3.30 0.16 0.00
N ILE A 71 4.13 -0.44 -0.85
CA ILE A 71 4.10 -1.89 -1.05
C ILE A 71 5.16 -2.59 -0.22
N VAL A 72 4.73 -3.55 0.60
CA VAL A 72 5.65 -4.29 1.46
C VAL A 72 5.92 -5.67 0.89
N ALA A 73 5.01 -6.16 0.05
CA ALA A 73 5.15 -7.47 -0.56
C ALA A 73 4.35 -7.58 -1.85
N VAL A 74 4.88 -8.32 -2.82
CA VAL A 74 4.21 -8.49 -4.10
C VAL A 74 4.07 -9.97 -4.46
N ASP A 75 2.83 -10.41 -4.65
CA ASP A 75 2.57 -11.80 -5.00
C ASP A 75 3.18 -12.75 -3.97
N GLY A 76 3.10 -12.35 -2.70
CA GLY A 76 3.64 -13.17 -1.63
C GLY A 76 5.16 -13.11 -1.57
N VAL A 77 5.72 -12.03 -2.09
CA VAL A 77 7.17 -11.84 -2.10
C VAL A 77 7.58 -10.62 -1.28
N ASN A 78 8.18 -10.86 -0.12
CA ASN A 78 8.62 -9.78 0.76
C ASN A 78 9.65 -8.90 0.05
N ILE A 79 9.18 -7.80 -0.53
CA ILE A 79 10.06 -6.87 -1.24
C ILE A 79 10.46 -5.71 -0.34
N GLN A 80 10.30 -5.89 0.97
CA GLN A 80 10.65 -4.87 1.93
C GLN A 80 12.14 -4.55 1.88
N GLY A 81 12.54 -3.81 0.85
CA GLY A 81 13.94 -3.46 0.70
C GLY A 81 14.51 -3.91 -0.63
N PHE A 82 13.64 -4.15 -1.60
CA PHE A 82 14.06 -4.60 -2.92
C PHE A 82 14.45 -3.41 -3.79
N ALA A 83 15.25 -3.67 -4.81
CA ALA A 83 15.71 -2.62 -5.72
C ALA A 83 14.64 -2.31 -6.77
N ASN A 84 14.50 -1.03 -7.11
CA ASN A 84 13.52 -0.60 -8.10
C ASN A 84 13.36 -1.65 -9.19
N HIS A 85 14.46 -1.97 -9.85
CA HIS A 85 14.44 -2.96 -10.93
C HIS A 85 14.08 -4.35 -10.38
N ASP A 86 14.56 -4.64 -9.18
CA ASP A 86 14.29 -5.93 -8.55
C ASP A 86 12.80 -6.13 -8.35
N VAL A 87 12.07 -5.04 -8.16
CA VAL A 87 10.63 -5.09 -7.96
C VAL A 87 9.90 -5.26 -9.29
N VAL A 88 10.47 -4.71 -10.34
CA VAL A 88 9.88 -4.80 -11.67
C VAL A 88 9.77 -6.25 -12.13
N GLU A 89 10.88 -6.97 -12.07
CA GLU A 89 10.91 -8.37 -12.48
C GLU A 89 9.91 -9.19 -11.67
N VAL A 90 9.82 -8.91 -10.38
CA VAL A 90 8.90 -9.62 -9.50
C VAL A 90 7.48 -9.58 -10.04
N LEU A 91 7.07 -8.41 -10.53
CA LEU A 91 5.73 -8.23 -11.08
C LEU A 91 5.54 -9.07 -12.33
N ARG A 92 6.52 -9.02 -13.23
CA ARG A 92 6.47 -9.79 -14.47
C ARG A 92 6.35 -11.29 -14.19
N ASN A 93 7.14 -11.76 -13.23
CA ASN A 93 7.13 -13.17 -12.86
C ASN A 93 5.74 -13.60 -12.38
N ALA A 94 5.09 -12.72 -11.64
CA ALA A 94 3.75 -13.00 -11.12
C ALA A 94 2.81 -13.43 -12.24
N GLY A 95 1.89 -14.33 -11.92
CA GLY A 95 0.93 -14.80 -12.91
C GLY A 95 -0.35 -14.01 -12.90
N GLN A 96 -1.43 -14.61 -13.41
CA GLN A 96 -2.73 -13.95 -13.46
C GLN A 96 -3.09 -13.37 -12.10
N VAL A 97 -3.19 -14.24 -11.09
CA VAL A 97 -3.54 -13.82 -9.74
C VAL A 97 -2.36 -13.12 -9.07
N VAL A 98 -2.39 -11.79 -9.06
CA VAL A 98 -1.32 -11.01 -8.44
C VAL A 98 -1.79 -10.41 -7.11
N HIS A 99 -1.36 -11.02 -6.01
CA HIS A 99 -1.73 -10.54 -4.69
C HIS A 99 -0.78 -9.44 -4.22
N LEU A 100 -1.22 -8.19 -4.33
CA LEU A 100 -0.41 -7.06 -3.92
C LEU A 100 -0.62 -6.73 -2.44
N THR A 101 0.47 -6.64 -1.69
CA THR A 101 0.41 -6.33 -0.27
C THR A 101 0.73 -4.86 -0.01
N LEU A 102 -0.28 -4.08 0.34
CA LEU A 102 -0.09 -2.66 0.62
C LEU A 102 -0.53 -2.34 2.05
N VAL A 103 0.00 -1.24 2.58
CA VAL A 103 -0.34 -0.81 3.93
C VAL A 103 -0.61 0.68 3.98
N ARG A 104 -1.87 1.04 4.23
CA ARG A 104 -2.26 2.45 4.30
C ARG A 104 -2.61 2.84 5.74
N ARG A 105 -2.54 4.14 6.01
CA ARG A 105 -2.84 4.65 7.34
C ARG A 105 -4.33 4.52 7.65
N LYS A 106 -4.65 3.83 8.74
CA LYS A 106 -6.03 3.63 9.15
C LYS A 106 -6.67 4.95 9.56
N THR A 107 -8.00 4.94 9.72
CA THR A 107 -8.73 6.13 10.11
C THR A 107 -9.19 6.05 11.55
N SER A 108 -9.32 7.21 12.19
CA SER A 108 -9.74 7.27 13.59
C SER A 108 -10.76 6.18 13.90
N SER A 109 -11.65 5.93 12.94
CA SER A 109 -12.68 4.92 13.10
C SER A 109 -12.09 3.59 13.54
N SER A 110 -12.95 2.68 13.97
CA SER A 110 -12.50 1.35 14.42
C SER A 110 -11.71 0.65 13.32
N THR A 111 -11.29 -0.58 13.62
CA THR A 111 -10.52 -1.37 12.66
C THR A 111 -11.36 -1.68 11.41
N SER A 112 -10.70 -1.69 10.25
CA SER A 112 -11.38 -1.98 9.00
C SER A 112 -11.86 -3.43 8.96
N PRO A 113 -10.91 -4.37 9.06
CA PRO A 113 -11.21 -5.80 9.05
C PRO A 113 -11.93 -6.26 10.31
N LEU A 114 -11.97 -7.57 10.52
CA LEU A 114 -12.65 -8.13 11.68
C LEU A 114 -11.64 -8.81 12.61
N GLU A 115 -10.63 -9.46 12.01
CA GLU A 115 -9.61 -10.14 12.79
C GLU A 115 -8.21 -9.82 12.24
N PRO A 116 -7.83 -8.54 12.30
CA PRO A 116 -6.53 -8.07 11.82
C PRO A 116 -5.38 -8.56 12.70
N PRO A 117 -4.28 -8.98 12.06
CA PRO A 117 -3.10 -9.47 12.76
C PRO A 117 -2.35 -8.35 13.50
N SER A 118 -1.33 -8.73 14.24
CA SER A 118 -0.54 -7.76 15.00
C SER A 118 0.96 -7.99 14.78
N ASP A 119 1.73 -6.91 14.85
CA ASP A 119 3.17 -6.99 14.66
C ASP A 119 3.89 -5.90 15.47
N ARG A 120 5.04 -6.26 16.04
CA ARG A 120 5.81 -5.32 16.83
C ARG A 120 6.65 -4.41 15.94
N GLY A 121 7.24 -3.38 16.55
CA GLY A 121 8.06 -2.45 15.78
C GLY A 121 9.11 -1.77 16.64
N THR A 122 9.57 -0.60 16.19
CA THR A 122 10.57 0.15 16.92
C THR A 122 10.12 1.59 17.17
N VAL A 123 10.88 2.31 17.98
CA VAL A 123 10.56 3.70 18.29
C VAL A 123 11.47 4.66 17.55
N SER A 124 11.00 5.88 17.32
CA SER A 124 11.78 6.89 16.62
C SER A 124 13.17 7.03 17.24
N GLY A 125 13.19 7.39 18.52
CA GLY A 125 14.47 7.56 19.21
C GLY A 125 15.20 8.82 18.78
N PRO A 126 14.84 9.95 19.40
CA PRO A 126 15.46 11.24 19.10
C PRO A 126 16.91 11.32 19.56
N SER A 127 17.81 11.62 18.64
CA SER A 127 19.23 11.72 18.96
C SER A 127 20.01 12.31 17.79
N SER A 128 20.57 13.50 18.00
CA SER A 128 21.34 14.18 16.97
C SER A 128 22.83 13.90 17.13
N GLY A 129 23.53 13.83 16.00
CA GLY A 129 24.96 13.58 16.04
C GLY A 129 25.73 14.40 15.01
N GLY A 1 -24.86 0.28 21.99
CA GLY A 1 -24.34 -0.14 23.29
C GLY A 1 -22.96 -0.76 23.19
N SER A 2 -22.05 -0.32 24.06
CA SER A 2 -20.69 -0.84 24.06
C SER A 2 -20.00 -0.55 25.39
N SER A 3 -18.90 -1.25 25.64
CA SER A 3 -18.14 -1.07 26.88
C SER A 3 -16.67 -0.83 26.59
N GLY A 4 -16.13 0.28 27.09
CA GLY A 4 -14.74 0.59 26.88
C GLY A 4 -13.87 0.21 28.05
N SER A 5 -13.34 -1.01 28.01
CA SER A 5 -12.48 -1.51 29.09
C SER A 5 -11.03 -1.11 28.86
N SER A 6 -10.58 -1.21 27.61
CA SER A 6 -9.22 -0.87 27.24
C SER A 6 -9.16 0.51 26.60
N GLY A 7 -8.27 1.36 27.12
CA GLY A 7 -8.12 2.70 26.58
C GLY A 7 -7.75 2.70 25.11
N GLY A 8 -6.46 2.88 24.84
CA GLY A 8 -5.99 2.90 23.46
C GLY A 8 -4.48 2.81 23.36
N SER A 9 -4.00 2.04 22.39
CA SER A 9 -2.58 1.86 22.18
C SER A 9 -2.19 2.11 20.73
N ASP A 10 -0.96 2.53 20.51
CA ASP A 10 -0.47 2.80 19.16
C ASP A 10 0.44 1.68 18.68
N SER A 11 -0.15 0.69 18.02
CA SER A 11 0.61 -0.45 17.50
C SER A 11 0.35 -0.65 16.01
N SER A 12 -0.93 -0.78 15.64
CA SER A 12 -1.31 -0.97 14.25
C SER A 12 -1.86 0.31 13.66
N LEU A 13 -0.99 1.31 13.53
CA LEU A 13 -1.39 2.60 12.97
C LEU A 13 -1.87 2.44 11.52
N PHE A 14 -1.28 1.49 10.81
CA PHE A 14 -1.65 1.23 9.42
C PHE A 14 -2.33 -0.13 9.29
N GLU A 15 -3.03 -0.32 8.17
CA GLU A 15 -3.71 -1.57 7.91
C GLU A 15 -3.31 -2.15 6.56
N THR A 16 -2.91 -3.43 6.57
CA THR A 16 -2.49 -4.10 5.35
C THR A 16 -3.63 -4.92 4.75
N TYR A 17 -3.71 -4.94 3.43
CA TYR A 17 -4.74 -5.68 2.73
C TYR A 17 -4.19 -6.36 1.48
N ASN A 18 -4.72 -7.54 1.17
CA ASN A 18 -4.28 -8.29 0.00
C ASN A 18 -5.19 -8.03 -1.19
N VAL A 19 -4.59 -7.73 -2.33
CA VAL A 19 -5.35 -7.46 -3.55
C VAL A 19 -5.00 -8.45 -4.65
N GLU A 20 -5.98 -9.25 -5.05
CA GLU A 20 -5.78 -10.25 -6.10
C GLU A 20 -6.16 -9.69 -7.46
N LEU A 21 -5.16 -9.35 -8.26
CA LEU A 21 -5.40 -8.81 -9.59
C LEU A 21 -5.47 -9.92 -10.64
N VAL A 22 -6.20 -9.67 -11.71
CA VAL A 22 -6.36 -10.65 -12.78
C VAL A 22 -5.74 -10.15 -14.08
N ARG A 23 -4.98 -11.01 -14.75
CA ARG A 23 -4.33 -10.66 -16.00
C ARG A 23 -5.04 -11.31 -17.19
N LYS A 24 -5.83 -10.51 -17.89
CA LYS A 24 -6.57 -11.00 -19.05
C LYS A 24 -5.63 -11.69 -20.04
N ASP A 25 -6.21 -12.23 -21.12
CA ASP A 25 -5.42 -12.92 -22.13
C ASP A 25 -4.53 -11.94 -22.88
N GLY A 26 -3.46 -11.51 -22.24
CA GLY A 26 -2.54 -10.57 -22.87
C GLY A 26 -2.30 -9.35 -22.01
N GLN A 27 -3.36 -8.81 -21.44
CA GLN A 27 -3.26 -7.62 -20.60
C GLN A 27 -2.18 -7.80 -19.53
N SER A 28 -1.45 -6.73 -19.23
CA SER A 28 -0.40 -6.78 -18.24
C SER A 28 -0.81 -6.02 -16.97
N LEU A 29 -0.01 -6.15 -15.92
CA LEU A 29 -0.29 -5.49 -14.66
C LEU A 29 -0.57 -4.01 -14.87
N GLY A 30 0.46 -3.26 -15.29
CA GLY A 30 0.31 -1.84 -15.52
C GLY A 30 0.36 -1.03 -14.24
N ILE A 31 1.43 -1.20 -13.48
CA ILE A 31 1.60 -0.48 -12.22
C ILE A 31 3.01 0.10 -12.10
N ARG A 32 3.09 1.43 -12.09
CA ARG A 32 4.38 2.11 -11.98
C ARG A 32 4.82 2.22 -10.53
N ILE A 33 6.12 2.10 -10.29
CA ILE A 33 6.66 2.18 -8.94
C ILE A 33 7.77 3.22 -8.87
N VAL A 34 8.20 3.53 -7.65
CA VAL A 34 9.27 4.51 -7.43
C VAL A 34 10.02 4.23 -6.14
N GLY A 35 11.31 4.53 -6.14
CA GLY A 35 12.13 4.31 -4.96
C GLY A 35 12.30 5.56 -4.12
N TYR A 36 11.57 5.63 -3.01
CA TYR A 36 11.65 6.79 -2.12
C TYR A 36 12.81 6.66 -1.15
N VAL A 37 13.45 7.78 -0.84
CA VAL A 37 14.57 7.80 0.09
C VAL A 37 14.25 8.61 1.34
N GLY A 38 13.50 9.69 1.16
CA GLY A 38 13.14 10.54 2.29
C GLY A 38 14.24 11.52 2.66
N THR A 39 13.86 12.60 3.31
CA THR A 39 14.82 13.63 3.72
C THR A 39 14.95 13.67 5.24
N SER A 40 15.10 12.51 5.86
CA SER A 40 15.23 12.43 7.31
C SER A 40 15.66 11.03 7.73
N HIS A 41 16.02 10.89 9.00
CA HIS A 41 16.45 9.60 9.54
C HIS A 41 15.28 8.84 10.15
N THR A 42 14.35 9.58 10.75
CA THR A 42 13.18 8.98 11.36
C THR A 42 11.89 9.64 10.89
N GLY A 43 10.77 8.98 11.13
CA GLY A 43 9.49 9.53 10.71
C GLY A 43 9.52 10.09 9.30
N GLU A 44 9.70 9.20 8.32
CA GLU A 44 9.75 9.62 6.92
C GLU A 44 9.38 8.46 6.00
N ALA A 45 8.91 8.80 4.80
CA ALA A 45 8.53 7.79 3.82
C ALA A 45 9.74 7.27 3.07
N SER A 46 9.97 5.97 3.16
CA SER A 46 11.10 5.34 2.48
C SER A 46 10.75 3.92 2.03
N GLY A 47 10.87 3.67 0.73
CA GLY A 47 10.56 2.36 0.19
C GLY A 47 10.08 2.42 -1.25
N ILE A 48 8.98 1.74 -1.53
CA ILE A 48 8.42 1.71 -2.87
C ILE A 48 6.98 2.20 -2.87
N TYR A 49 6.70 3.22 -3.67
CA TYR A 49 5.35 3.77 -3.76
C TYR A 49 4.88 3.82 -5.22
N VAL A 50 3.57 3.64 -5.42
CA VAL A 50 2.99 3.67 -6.75
C VAL A 50 3.09 5.06 -7.37
N LYS A 51 3.96 5.20 -8.37
CA LYS A 51 4.14 6.47 -9.05
C LYS A 51 2.95 6.79 -9.96
N SER A 52 2.42 5.77 -10.61
CA SER A 52 1.29 5.94 -11.51
C SER A 52 0.65 4.60 -11.84
N VAL A 53 -0.54 4.64 -12.43
CA VAL A 53 -1.26 3.43 -12.79
C VAL A 53 -1.81 3.52 -14.22
N ILE A 54 -1.26 2.70 -15.11
CA ILE A 54 -1.70 2.69 -16.50
C ILE A 54 -3.18 2.37 -16.61
N PRO A 55 -3.93 3.23 -17.31
CA PRO A 55 -5.37 3.05 -17.52
C PRO A 55 -5.69 1.87 -18.43
N GLY A 56 -6.87 1.29 -18.25
CA GLY A 56 -7.27 0.16 -19.06
C GLY A 56 -6.44 -1.08 -18.78
N SER A 57 -5.88 -1.15 -17.59
CA SER A 57 -5.06 -2.30 -17.19
C SER A 57 -5.71 -3.07 -16.05
N ALA A 58 -5.02 -4.09 -15.56
CA ALA A 58 -5.52 -4.90 -14.47
C ALA A 58 -5.63 -4.09 -13.18
N ALA A 59 -4.54 -3.42 -12.82
CA ALA A 59 -4.52 -2.60 -11.61
C ALA A 59 -5.57 -1.49 -11.67
N TYR A 60 -5.57 -0.74 -12.76
CA TYR A 60 -6.51 0.36 -12.93
C TYR A 60 -7.95 -0.16 -12.87
N HIS A 61 -8.21 -1.27 -13.54
CA HIS A 61 -9.55 -1.87 -13.55
C HIS A 61 -9.98 -2.24 -12.13
N ASN A 62 -9.09 -2.90 -11.40
CA ASN A 62 -9.39 -3.31 -10.04
C ASN A 62 -9.83 -2.13 -9.19
N GLY A 63 -8.98 -1.10 -9.11
CA GLY A 63 -9.31 0.07 -8.33
C GLY A 63 -8.93 -0.08 -6.87
N HIS A 64 -7.88 -0.84 -6.60
CA HIS A 64 -7.42 -1.06 -5.24
C HIS A 64 -5.97 -0.61 -5.07
N ILE A 65 -5.20 -0.71 -6.16
CA ILE A 65 -3.80 -0.31 -6.13
C ILE A 65 -3.55 0.90 -7.02
N GLN A 66 -3.29 2.04 -6.40
CA GLN A 66 -3.03 3.26 -7.15
C GLN A 66 -1.99 4.13 -6.43
N VAL A 67 -1.70 5.29 -7.00
CA VAL A 67 -0.73 6.21 -6.42
C VAL A 67 -0.99 6.42 -4.94
N ASN A 68 0.02 6.93 -4.23
CA ASN A 68 -0.11 7.19 -2.80
C ASN A 68 -0.30 5.88 -2.03
N ASP A 69 0.40 4.84 -2.46
CA ASP A 69 0.32 3.53 -1.82
C ASP A 69 1.70 2.95 -1.59
N LYS A 70 1.85 2.21 -0.50
CA LYS A 70 3.13 1.59 -0.15
C LYS A 70 3.03 0.07 -0.21
N ILE A 71 3.83 -0.54 -1.06
CA ILE A 71 3.84 -1.99 -1.21
C ILE A 71 4.89 -2.63 -0.31
N VAL A 72 4.45 -3.59 0.51
CA VAL A 72 5.36 -4.28 1.42
C VAL A 72 5.70 -5.67 0.89
N ALA A 73 4.80 -6.24 0.11
CA ALA A 73 5.01 -7.57 -0.45
C ALA A 73 4.20 -7.76 -1.73
N VAL A 74 4.79 -8.41 -2.72
CA VAL A 74 4.12 -8.66 -4.00
C VAL A 74 3.82 -10.14 -4.17
N ASP A 75 2.54 -10.46 -4.24
CA ASP A 75 2.12 -11.85 -4.41
C ASP A 75 2.75 -12.76 -3.36
N GLY A 76 3.07 -12.17 -2.21
CA GLY A 76 3.68 -12.94 -1.14
C GLY A 76 5.16 -12.64 -0.99
N VAL A 77 5.77 -12.13 -2.05
CA VAL A 77 7.20 -11.80 -2.03
C VAL A 77 7.45 -10.54 -1.21
N ASN A 78 8.05 -10.70 -0.04
CA ASN A 78 8.34 -9.58 0.84
C ASN A 78 9.39 -8.66 0.21
N ILE A 79 8.92 -7.70 -0.59
CA ILE A 79 9.82 -6.76 -1.25
C ILE A 79 10.14 -5.58 -0.35
N GLN A 80 10.07 -5.81 0.96
CA GLN A 80 10.37 -4.76 1.94
C GLN A 80 11.87 -4.51 2.03
N GLY A 81 12.50 -4.30 0.88
CA GLY A 81 13.93 -4.05 0.86
C GLY A 81 14.56 -4.44 -0.47
N PHE A 82 13.80 -4.33 -1.54
CA PHE A 82 14.29 -4.68 -2.87
C PHE A 82 14.61 -3.44 -3.68
N ALA A 83 15.43 -3.61 -4.72
CA ALA A 83 15.81 -2.50 -5.58
C ALA A 83 14.74 -2.21 -6.63
N ASN A 84 14.54 -0.94 -6.95
CA ASN A 84 13.55 -0.54 -7.93
C ASN A 84 13.42 -1.58 -9.03
N HIS A 85 14.51 -1.81 -9.76
CA HIS A 85 14.52 -2.79 -10.83
C HIS A 85 14.23 -4.19 -10.31
N ASP A 86 14.78 -4.51 -9.15
CA ASP A 86 14.59 -5.82 -8.53
C ASP A 86 13.10 -6.10 -8.31
N VAL A 87 12.34 -5.03 -8.06
CA VAL A 87 10.91 -5.16 -7.84
C VAL A 87 10.16 -5.32 -9.15
N VAL A 88 10.68 -4.73 -10.22
CA VAL A 88 10.07 -4.81 -11.52
C VAL A 88 9.98 -6.26 -12.00
N GLU A 89 11.10 -6.97 -11.93
CA GLU A 89 11.14 -8.36 -12.35
C GLU A 89 10.15 -9.21 -11.55
N VAL A 90 9.97 -8.85 -10.28
CA VAL A 90 9.05 -9.58 -9.41
C VAL A 90 7.63 -9.55 -9.97
N LEU A 91 7.21 -8.38 -10.44
CA LEU A 91 5.88 -8.21 -11.00
C LEU A 91 5.70 -9.06 -12.26
N ARG A 92 6.68 -8.99 -13.15
CA ARG A 92 6.64 -9.74 -14.39
C ARG A 92 6.59 -11.24 -14.12
N ASN A 93 7.37 -11.68 -13.13
CA ASN A 93 7.42 -13.09 -12.77
C ASN A 93 6.06 -13.58 -12.29
N ALA A 94 5.36 -12.72 -11.56
CA ALA A 94 4.04 -13.06 -11.04
C ALA A 94 3.11 -13.51 -12.16
N GLY A 95 2.19 -14.42 -11.84
CA GLY A 95 1.25 -14.91 -12.83
C GLY A 95 -0.07 -14.19 -12.79
N GLN A 96 -1.13 -14.85 -13.26
CA GLN A 96 -2.45 -14.26 -13.28
C GLN A 96 -2.85 -13.75 -11.90
N VAL A 97 -2.91 -14.66 -10.93
CA VAL A 97 -3.27 -14.30 -9.56
C VAL A 97 -2.14 -13.53 -8.88
N VAL A 98 -2.28 -12.21 -8.85
CA VAL A 98 -1.28 -11.35 -8.23
C VAL A 98 -1.81 -10.73 -6.94
N HIS A 99 -1.34 -11.24 -5.80
CA HIS A 99 -1.77 -10.72 -4.50
C HIS A 99 -0.83 -9.62 -4.02
N LEU A 100 -1.23 -8.37 -4.26
CA LEU A 100 -0.42 -7.22 -3.85
C LEU A 100 -0.63 -6.92 -2.37
N THR A 101 0.49 -6.73 -1.66
CA THR A 101 0.43 -6.44 -0.23
C THR A 101 0.75 -4.97 0.03
N LEU A 102 -0.28 -4.19 0.32
CA LEU A 102 -0.11 -2.77 0.59
C LEU A 102 -0.59 -2.42 2.00
N VAL A 103 -0.15 -1.28 2.51
CA VAL A 103 -0.54 -0.83 3.84
C VAL A 103 -0.86 0.65 3.85
N ARG A 104 -2.08 0.98 4.25
CA ARG A 104 -2.51 2.37 4.31
C ARG A 104 -2.67 2.84 5.75
N ARG A 105 -2.56 4.14 5.97
CA ARG A 105 -2.69 4.71 7.31
C ARG A 105 -4.15 4.74 7.75
N LYS A 106 -4.41 4.18 8.93
CA LYS A 106 -5.76 4.14 9.47
C LYS A 106 -6.13 5.47 10.11
N THR A 107 -5.38 5.86 11.14
CA THR A 107 -5.62 7.12 11.84
C THR A 107 -6.15 8.18 10.88
N SER A 108 -7.00 9.07 11.41
CA SER A 108 -7.58 10.13 10.60
C SER A 108 -6.50 11.12 10.15
N SER A 109 -6.92 12.17 9.45
CA SER A 109 -6.00 13.18 8.95
C SER A 109 -5.60 14.14 10.06
N SER A 110 -5.28 13.60 11.23
CA SER A 110 -4.88 14.41 12.38
C SER A 110 -6.09 15.15 12.95
N THR A 111 -7.27 14.59 12.75
CA THR A 111 -8.51 15.19 13.25
C THR A 111 -9.01 14.46 14.48
N SER A 112 -8.35 13.35 14.83
CA SER A 112 -8.75 12.55 15.98
C SER A 112 -8.17 13.14 17.27
N PRO A 113 -8.86 12.88 18.39
CA PRO A 113 -8.43 13.37 19.71
C PRO A 113 -7.16 12.70 20.20
N LEU A 114 -6.88 12.83 21.49
CA LEU A 114 -5.69 12.22 22.09
C LEU A 114 -5.90 10.73 22.32
N GLU A 115 -7.13 10.34 22.62
CA GLU A 115 -7.45 8.95 22.86
C GLU A 115 -8.74 8.55 22.14
N PRO A 116 -8.65 8.40 20.82
CA PRO A 116 -9.80 8.03 19.99
C PRO A 116 -10.25 6.59 20.22
N PRO A 117 -11.47 6.42 20.74
CA PRO A 117 -12.04 5.10 21.02
C PRO A 117 -12.37 4.32 19.74
N SER A 118 -11.36 3.64 19.20
CA SER A 118 -11.55 2.86 17.99
C SER A 118 -11.38 1.37 18.26
N ASP A 119 -10.16 0.99 18.66
CA ASP A 119 -9.87 -0.41 18.96
C ASP A 119 -9.81 -0.64 20.47
N ARG A 120 -10.02 -1.89 20.87
CA ARG A 120 -9.99 -2.25 22.29
C ARG A 120 -8.66 -2.89 22.66
N GLY A 121 -7.69 -2.06 23.02
CA GLY A 121 -6.39 -2.56 23.41
C GLY A 121 -5.72 -1.73 24.47
N THR A 122 -4.78 -2.31 25.19
CA THR A 122 -4.07 -1.61 26.26
C THR A 122 -2.60 -2.02 26.31
N VAL A 123 -1.71 -1.06 26.10
CA VAL A 123 -0.28 -1.32 26.12
C VAL A 123 0.47 -0.23 26.89
N SER A 124 1.35 -0.64 27.79
CA SER A 124 2.13 0.29 28.59
C SER A 124 3.27 0.89 27.79
N GLY A 125 3.52 2.17 27.98
CA GLY A 125 4.60 2.84 27.27
C GLY A 125 4.47 4.35 27.29
N PRO A 126 5.58 5.04 27.63
CA PRO A 126 5.61 6.49 27.70
C PRO A 126 5.48 7.15 26.33
N SER A 127 5.59 8.48 26.30
CA SER A 127 5.49 9.22 25.06
C SER A 127 6.87 9.48 24.46
N SER A 128 6.90 10.04 23.26
CA SER A 128 8.16 10.34 22.58
C SER A 128 7.91 11.19 21.34
N GLY A 129 8.99 11.75 20.79
CA GLY A 129 8.88 12.57 19.60
C GLY A 129 8.66 14.04 19.93
N GLY A 1 -23.09 -10.45 15.31
CA GLY A 1 -23.90 -9.26 15.51
C GLY A 1 -23.20 -8.22 16.35
N SER A 2 -22.97 -8.53 17.62
CA SER A 2 -22.31 -7.62 18.54
C SER A 2 -20.92 -8.13 18.92
N SER A 3 -20.01 -7.21 19.19
CA SER A 3 -18.64 -7.57 19.56
C SER A 3 -17.99 -6.46 20.37
N GLY A 4 -16.87 -6.78 21.02
CA GLY A 4 -16.17 -5.80 21.83
C GLY A 4 -14.72 -5.65 21.42
N SER A 5 -14.25 -4.41 21.37
CA SER A 5 -12.87 -4.13 20.97
C SER A 5 -12.29 -2.99 21.82
N SER A 6 -10.98 -2.77 21.69
CA SER A 6 -10.31 -1.72 22.43
C SER A 6 -9.31 -0.99 21.55
N GLY A 7 -9.26 0.34 21.70
CA GLY A 7 -8.33 1.14 20.91
C GLY A 7 -7.67 2.23 21.72
N GLY A 8 -7.00 3.15 21.04
CA GLY A 8 -6.33 4.24 21.72
C GLY A 8 -4.87 4.38 21.30
N SER A 9 -4.00 3.60 21.93
CA SER A 9 -2.58 3.63 21.62
C SER A 9 -2.35 3.72 20.11
N ASP A 10 -1.41 4.55 19.71
CA ASP A 10 -1.09 4.73 18.29
C ASP A 10 -0.11 3.65 17.82
N SER A 11 -0.35 2.42 18.26
CA SER A 11 0.51 1.30 17.88
C SER A 11 0.35 0.98 16.40
N SER A 12 -0.80 0.44 16.03
CA SER A 12 -1.08 0.07 14.65
C SER A 12 -1.93 1.14 13.97
N LEU A 13 -1.28 2.06 13.29
CA LEU A 13 -1.97 3.14 12.59
C LEU A 13 -2.26 2.75 11.14
N PHE A 14 -1.43 1.86 10.60
CA PHE A 14 -1.60 1.40 9.22
C PHE A 14 -2.11 -0.03 9.18
N GLU A 15 -2.82 -0.37 8.11
CA GLU A 15 -3.37 -1.71 7.95
C GLU A 15 -2.93 -2.32 6.62
N THR A 16 -2.58 -3.61 6.65
CA THR A 16 -2.14 -4.31 5.45
C THR A 16 -3.27 -5.15 4.87
N TYR A 17 -3.29 -5.26 3.55
CA TYR A 17 -4.32 -6.04 2.86
C TYR A 17 -3.78 -6.63 1.55
N ASN A 18 -4.36 -7.74 1.12
CA ASN A 18 -3.95 -8.39 -0.10
C ASN A 18 -4.94 -8.12 -1.23
N VAL A 19 -4.41 -7.72 -2.39
CA VAL A 19 -5.25 -7.43 -3.54
C VAL A 19 -4.96 -8.39 -4.69
N GLU A 20 -5.95 -9.22 -5.03
CA GLU A 20 -5.80 -10.19 -6.10
C GLU A 20 -6.15 -9.56 -7.44
N LEU A 21 -5.15 -9.40 -8.30
CA LEU A 21 -5.35 -8.82 -9.62
C LEU A 21 -5.55 -9.90 -10.67
N VAL A 22 -6.33 -9.59 -11.70
CA VAL A 22 -6.59 -10.53 -12.78
C VAL A 22 -5.91 -10.11 -14.07
N ARG A 23 -5.08 -10.99 -14.62
CA ARG A 23 -4.35 -10.70 -15.84
C ARG A 23 -5.14 -11.21 -17.06
N LYS A 24 -5.95 -10.32 -17.64
CA LYS A 24 -6.75 -10.69 -18.80
C LYS A 24 -5.88 -11.24 -19.91
N ASP A 25 -6.50 -11.91 -20.88
CA ASP A 25 -5.78 -12.50 -22.00
C ASP A 25 -4.70 -11.55 -22.50
N GLY A 26 -3.47 -11.76 -22.06
CA GLY A 26 -2.37 -10.91 -22.47
C GLY A 26 -2.46 -9.51 -21.89
N GLN A 27 -2.78 -9.43 -20.61
CA GLN A 27 -2.90 -8.14 -19.93
C GLN A 27 -1.67 -7.87 -19.06
N SER A 28 -1.16 -6.65 -19.15
CA SER A 28 0.01 -6.25 -18.37
C SER A 28 -0.40 -5.53 -17.09
N LEU A 29 0.28 -5.85 -16.00
CA LEU A 29 -0.02 -5.23 -14.71
C LEU A 29 -0.32 -3.75 -14.87
N GLY A 30 0.70 -2.97 -15.24
CA GLY A 30 0.52 -1.55 -15.42
C GLY A 30 0.58 -0.78 -14.11
N ILE A 31 1.62 -1.02 -13.33
CA ILE A 31 1.79 -0.35 -12.05
C ILE A 31 3.18 0.27 -11.93
N ARG A 32 3.24 1.59 -12.00
CA ARG A 32 4.51 2.31 -11.90
C ARG A 32 4.93 2.46 -10.44
N ILE A 33 6.14 2.00 -10.13
CA ILE A 33 6.66 2.08 -8.77
C ILE A 33 7.74 3.15 -8.67
N VAL A 34 8.14 3.46 -7.44
CA VAL A 34 9.17 4.46 -7.20
C VAL A 34 9.98 4.13 -5.94
N GLY A 35 11.26 4.49 -5.97
CA GLY A 35 12.12 4.22 -4.83
C GLY A 35 12.39 5.46 -4.00
N TYR A 36 11.63 5.63 -2.93
CA TYR A 36 11.79 6.79 -2.06
C TYR A 36 13.04 6.65 -1.19
N VAL A 37 13.63 7.79 -0.85
CA VAL A 37 14.84 7.80 -0.02
C VAL A 37 14.70 8.77 1.14
N GLY A 38 13.92 9.83 0.93
CA GLY A 38 13.72 10.82 1.97
C GLY A 38 14.95 11.68 2.20
N THR A 39 15.17 12.65 1.31
CA THR A 39 16.31 13.54 1.42
C THR A 39 15.90 14.90 1.99
N SER A 40 14.73 15.37 1.59
CA SER A 40 14.22 16.66 2.06
C SER A 40 12.89 16.48 2.79
N HIS A 41 12.02 15.65 2.23
CA HIS A 41 10.71 15.40 2.83
C HIS A 41 10.86 14.97 4.29
N THR A 42 9.83 15.24 5.08
CA THR A 42 9.85 14.88 6.50
C THR A 42 8.82 13.78 6.79
N GLY A 43 9.24 12.79 7.57
CA GLY A 43 8.35 11.69 7.91
C GLY A 43 8.91 10.34 7.53
N GLU A 44 10.21 10.16 7.75
CA GLU A 44 10.87 8.90 7.42
C GLU A 44 10.25 8.27 6.17
N ALA A 45 10.04 9.08 5.15
CA ALA A 45 9.46 8.61 3.90
C ALA A 45 10.47 7.82 3.07
N SER A 46 10.35 6.50 3.11
CA SER A 46 11.26 5.64 2.36
C SER A 46 10.62 4.29 2.07
N GLY A 47 10.70 3.86 0.81
CA GLY A 47 10.12 2.59 0.43
C GLY A 47 9.56 2.62 -0.99
N ILE A 48 8.88 1.54 -1.38
CA ILE A 48 8.30 1.45 -2.71
C ILE A 48 6.85 1.92 -2.71
N TYR A 49 6.56 2.91 -3.54
CA TYR A 49 5.22 3.47 -3.64
C TYR A 49 4.77 3.57 -5.09
N VAL A 50 3.46 3.58 -5.31
CA VAL A 50 2.90 3.67 -6.65
C VAL A 50 3.03 5.08 -7.20
N LYS A 51 3.87 5.24 -8.23
CA LYS A 51 4.07 6.54 -8.85
C LYS A 51 2.91 6.90 -9.78
N SER A 52 2.41 5.90 -10.49
CA SER A 52 1.30 6.11 -11.41
C SER A 52 0.64 4.78 -11.78
N VAL A 53 -0.52 4.86 -12.44
CA VAL A 53 -1.25 3.67 -12.85
C VAL A 53 -1.77 3.81 -14.28
N ILE A 54 -1.33 2.91 -15.16
CA ILE A 54 -1.76 2.94 -16.55
C ILE A 54 -3.22 2.55 -16.68
N PRO A 55 -3.99 3.39 -17.40
CA PRO A 55 -5.42 3.15 -17.62
C PRO A 55 -5.68 1.96 -18.54
N GLY A 56 -6.69 1.17 -18.21
CA GLY A 56 -7.03 0.01 -19.02
C GLY A 56 -6.19 -1.20 -18.67
N SER A 57 -5.58 -1.17 -17.49
CA SER A 57 -4.73 -2.27 -17.05
C SER A 57 -5.40 -3.03 -15.90
N ALA A 58 -4.77 -4.13 -15.49
CA ALA A 58 -5.30 -4.95 -14.40
C ALA A 58 -5.40 -4.14 -13.11
N ALA A 59 -4.33 -3.42 -12.78
CA ALA A 59 -4.31 -2.61 -11.57
C ALA A 59 -5.39 -1.54 -11.60
N TYR A 60 -5.52 -0.87 -12.75
CA TYR A 60 -6.51 0.18 -12.91
C TYR A 60 -7.93 -0.39 -12.83
N HIS A 61 -8.15 -1.48 -13.56
CA HIS A 61 -9.47 -2.13 -13.57
C HIS A 61 -9.93 -2.44 -12.15
N ASN A 62 -9.03 -2.97 -11.34
CA ASN A 62 -9.35 -3.32 -9.96
C ASN A 62 -9.89 -2.10 -9.20
N GLY A 63 -8.97 -1.19 -8.85
CA GLY A 63 -9.37 0.00 -8.13
C GLY A 63 -8.92 -0.02 -6.68
N HIS A 64 -7.97 -0.90 -6.37
CA HIS A 64 -7.44 -1.00 -5.02
C HIS A 64 -5.98 -0.60 -4.97
N ILE A 65 -5.29 -0.73 -6.09
CA ILE A 65 -3.87 -0.38 -6.18
C ILE A 65 -3.67 0.86 -7.04
N GLN A 66 -3.28 1.96 -6.39
CA GLN A 66 -3.05 3.22 -7.10
C GLN A 66 -2.00 4.06 -6.38
N VAL A 67 -1.73 5.24 -6.92
CA VAL A 67 -0.76 6.15 -6.33
C VAL A 67 -1.04 6.37 -4.85
N ASN A 68 -0.04 6.86 -4.12
CA ASN A 68 -0.19 7.13 -2.70
C ASN A 68 -0.37 5.82 -1.92
N ASP A 69 0.32 4.77 -2.36
CA ASP A 69 0.24 3.47 -1.71
C ASP A 69 1.62 2.85 -1.58
N LYS A 70 1.89 2.27 -0.42
CA LYS A 70 3.19 1.63 -0.17
C LYS A 70 3.07 0.12 -0.26
N ILE A 71 3.98 -0.50 -1.00
CA ILE A 71 3.97 -1.94 -1.18
C ILE A 71 5.01 -2.60 -0.27
N VAL A 72 4.61 -3.67 0.41
CA VAL A 72 5.51 -4.39 1.31
C VAL A 72 5.84 -5.77 0.75
N ALA A 73 4.89 -6.36 0.03
CA ALA A 73 5.09 -7.68 -0.56
C ALA A 73 4.23 -7.86 -1.80
N VAL A 74 4.80 -8.48 -2.83
CA VAL A 74 4.09 -8.73 -4.07
C VAL A 74 3.79 -10.21 -4.26
N ASP A 75 2.50 -10.53 -4.38
CA ASP A 75 2.08 -11.91 -4.56
C ASP A 75 2.67 -12.81 -3.48
N GLY A 76 2.94 -12.23 -2.32
CA GLY A 76 3.52 -13.00 -1.23
C GLY A 76 5.01 -12.76 -1.07
N VAL A 77 5.65 -12.29 -2.13
CA VAL A 77 7.08 -12.01 -2.11
C VAL A 77 7.38 -10.74 -1.31
N ASN A 78 8.17 -10.88 -0.26
CA ASN A 78 8.54 -9.74 0.58
C ASN A 78 9.54 -8.84 -0.13
N ILE A 79 9.03 -7.79 -0.77
CA ILE A 79 9.88 -6.86 -1.49
C ILE A 79 10.34 -5.72 -0.57
N GLN A 80 10.20 -5.92 0.73
CA GLN A 80 10.60 -4.92 1.70
C GLN A 80 12.08 -4.59 1.58
N GLY A 81 12.40 -3.60 0.76
CA GLY A 81 13.78 -3.21 0.56
C GLY A 81 14.26 -3.46 -0.86
N PHE A 82 13.55 -4.33 -1.58
CA PHE A 82 13.90 -4.66 -2.95
C PHE A 82 14.15 -3.39 -3.77
N ALA A 83 15.16 -3.44 -4.64
CA ALA A 83 15.49 -2.29 -5.48
C ALA A 83 14.42 -2.05 -6.54
N ASN A 84 14.35 -0.82 -7.03
CA ASN A 84 13.36 -0.46 -8.03
C ASN A 84 13.25 -1.54 -9.10
N HIS A 85 14.39 -1.97 -9.64
CA HIS A 85 14.42 -3.01 -10.66
C HIS A 85 14.06 -4.37 -10.07
N ASP A 86 14.64 -4.67 -8.91
CA ASP A 86 14.38 -5.94 -8.24
C ASP A 86 12.89 -6.17 -8.08
N VAL A 87 12.12 -5.08 -8.06
CA VAL A 87 10.67 -5.17 -7.90
C VAL A 87 9.99 -5.37 -9.25
N VAL A 88 10.54 -4.75 -10.29
CA VAL A 88 9.99 -4.86 -11.63
C VAL A 88 9.95 -6.32 -12.09
N GLU A 89 11.09 -7.00 -11.96
CA GLU A 89 11.18 -8.40 -12.36
C GLU A 89 10.14 -9.25 -11.63
N VAL A 90 9.98 -9.00 -10.34
CA VAL A 90 9.03 -9.73 -9.52
C VAL A 90 7.63 -9.71 -10.16
N LEU A 91 7.19 -8.52 -10.54
CA LEU A 91 5.87 -8.35 -11.16
C LEU A 91 5.76 -9.20 -12.42
N ARG A 92 6.81 -9.18 -13.24
CA ARG A 92 6.82 -9.95 -14.48
C ARG A 92 6.72 -11.44 -14.19
N ASN A 93 7.37 -11.88 -13.12
CA ASN A 93 7.35 -13.29 -12.74
C ASN A 93 5.93 -13.73 -12.35
N ALA A 94 5.22 -12.85 -11.65
CA ALA A 94 3.85 -13.15 -11.23
C ALA A 94 3.00 -13.58 -12.41
N GLY A 95 1.90 -14.28 -12.10
CA GLY A 95 1.01 -14.75 -13.15
C GLY A 95 -0.35 -14.08 -13.10
N GLN A 96 -1.39 -14.82 -13.47
CA GLN A 96 -2.74 -14.29 -13.47
C GLN A 96 -3.14 -13.80 -12.08
N VAL A 97 -3.04 -14.68 -11.10
CA VAL A 97 -3.38 -14.35 -9.72
C VAL A 97 -2.23 -13.62 -9.03
N VAL A 98 -2.38 -12.31 -8.86
CA VAL A 98 -1.35 -11.50 -8.23
C VAL A 98 -1.90 -10.81 -6.98
N HIS A 99 -1.45 -11.27 -5.81
CA HIS A 99 -1.89 -10.70 -4.55
C HIS A 99 -0.92 -9.62 -4.07
N LEU A 100 -1.26 -8.37 -4.30
CA LEU A 100 -0.43 -7.25 -3.89
C LEU A 100 -0.64 -6.92 -2.42
N THR A 101 0.46 -6.88 -1.67
CA THR A 101 0.39 -6.57 -0.24
C THR A 101 0.80 -5.12 0.03
N LEU A 102 -0.19 -4.28 0.32
CA LEU A 102 0.07 -2.87 0.60
C LEU A 102 -0.39 -2.50 2.01
N VAL A 103 0.07 -1.36 2.49
CA VAL A 103 -0.30 -0.89 3.83
C VAL A 103 -0.59 0.61 3.82
N ARG A 104 -1.84 0.97 4.09
CA ARG A 104 -2.24 2.37 4.12
C ARG A 104 -2.57 2.81 5.54
N ARG A 105 -2.55 4.12 5.77
CA ARG A 105 -2.84 4.67 7.09
C ARG A 105 -4.34 4.61 7.38
N LYS A 106 -4.71 3.85 8.41
CA LYS A 106 -6.12 3.72 8.79
C LYS A 106 -6.76 5.08 8.97
N THR A 107 -8.08 5.07 9.20
CA THR A 107 -8.82 6.31 9.40
C THR A 107 -8.14 7.21 10.42
N SER A 108 -7.82 6.65 11.58
CA SER A 108 -7.17 7.41 12.65
C SER A 108 -7.69 8.84 12.70
N SER A 109 -9.02 8.97 12.65
CA SER A 109 -9.66 10.28 12.69
C SER A 109 -9.23 11.06 13.94
N SER A 110 -9.52 12.35 13.96
CA SER A 110 -9.16 13.20 15.08
C SER A 110 -10.13 12.99 16.25
N THR A 111 -9.75 13.48 17.42
CA THR A 111 -10.57 13.34 18.62
C THR A 111 -11.34 12.03 18.60
N SER A 112 -10.67 10.96 18.19
CA SER A 112 -11.29 9.64 18.14
C SER A 112 -12.07 9.35 19.41
N PRO A 113 -13.21 8.67 19.27
CA PRO A 113 -14.08 8.30 20.40
C PRO A 113 -13.45 7.24 21.29
N LEU A 114 -14.27 6.61 22.12
CA LEU A 114 -13.79 5.57 23.03
C LEU A 114 -14.12 4.19 22.47
N GLU A 115 -15.01 4.13 21.49
CA GLU A 115 -15.40 2.87 20.88
C GLU A 115 -15.44 2.99 19.36
N PRO A 116 -14.32 3.47 18.78
CA PRO A 116 -14.19 3.65 17.33
C PRO A 116 -14.12 2.32 16.60
N PRO A 117 -14.48 2.34 15.31
CA PRO A 117 -14.46 1.14 14.46
C PRO A 117 -13.04 0.66 14.16
N SER A 118 -12.06 1.31 14.77
CA SER A 118 -10.66 0.96 14.56
C SER A 118 -10.47 -0.56 14.60
N ASP A 119 -9.84 -1.09 13.55
CA ASP A 119 -9.60 -2.52 13.46
C ASP A 119 -8.31 -2.90 14.17
N ARG A 120 -8.05 -4.20 14.26
CA ARG A 120 -6.84 -4.69 14.92
C ARG A 120 -5.80 -5.11 13.89
N GLY A 121 -4.56 -5.27 14.34
CA GLY A 121 -3.48 -5.66 13.45
C GLY A 121 -2.16 -5.85 14.17
N THR A 122 -1.09 -6.03 13.41
CA THR A 122 0.23 -6.22 13.98
C THR A 122 0.80 -4.92 14.54
N VAL A 123 1.94 -5.01 15.20
CA VAL A 123 2.59 -3.84 15.78
C VAL A 123 3.68 -3.31 14.86
N SER A 124 3.98 -2.03 14.98
CA SER A 124 5.00 -1.38 14.16
C SER A 124 5.55 -0.14 14.85
N GLY A 125 6.87 -0.07 14.95
CA GLY A 125 7.51 1.08 15.58
C GLY A 125 7.95 2.12 14.58
N PRO A 126 7.31 3.30 14.63
CA PRO A 126 7.62 4.41 13.73
C PRO A 126 8.98 5.04 14.01
N SER A 127 9.28 5.22 15.30
CA SER A 127 10.55 5.81 15.72
C SER A 127 10.83 7.09 14.95
N SER A 128 9.78 7.88 14.74
CA SER A 128 9.91 9.15 14.01
C SER A 128 10.77 10.14 14.81
N GLY A 129 11.69 10.80 14.11
CA GLY A 129 12.56 11.77 14.76
C GLY A 129 13.46 12.48 13.78
N GLY A 1 -26.38 -11.16 21.23
CA GLY A 1 -25.69 -10.00 20.70
C GLY A 1 -24.45 -9.65 21.50
N SER A 2 -23.54 -8.90 20.88
CA SER A 2 -22.31 -8.50 21.55
C SER A 2 -21.72 -7.25 20.91
N SER A 3 -21.20 -6.36 21.73
CA SER A 3 -20.62 -5.11 21.25
C SER A 3 -19.18 -4.95 21.76
N GLY A 4 -18.31 -4.42 20.91
CA GLY A 4 -16.93 -4.22 21.29
C GLY A 4 -16.21 -3.25 20.37
N SER A 5 -15.70 -2.16 20.94
CA SER A 5 -14.99 -1.14 20.17
C SER A 5 -13.49 -1.24 20.41
N SER A 6 -12.83 -2.13 19.67
CA SER A 6 -11.39 -2.32 19.80
C SER A 6 -10.68 -0.97 19.96
N GLY A 7 -9.58 -0.99 20.70
CA GLY A 7 -8.82 0.24 20.93
C GLY A 7 -7.49 -0.01 21.60
N GLY A 8 -6.62 0.98 21.57
CA GLY A 8 -5.31 0.84 22.19
C GLY A 8 -4.30 1.84 21.66
N SER A 9 -3.08 1.77 22.16
CA SER A 9 -2.02 2.68 21.73
C SER A 9 -1.88 2.68 20.21
N ASP A 10 -1.29 3.75 19.69
CA ASP A 10 -1.10 3.87 18.25
C ASP A 10 -0.10 2.84 17.74
N SER A 11 -0.56 1.62 17.51
CA SER A 11 0.29 0.55 17.03
C SER A 11 0.08 0.29 15.54
N SER A 12 -1.16 -0.07 15.19
CA SER A 12 -1.49 -0.35 13.80
C SER A 12 -2.13 0.88 13.15
N LEU A 13 -1.31 1.91 12.91
CA LEU A 13 -1.80 3.13 12.29
C LEU A 13 -2.23 2.88 10.85
N PHE A 14 -1.55 1.96 10.18
CA PHE A 14 -1.88 1.62 8.80
C PHE A 14 -2.52 0.24 8.71
N GLU A 15 -3.26 0.01 7.63
CA GLU A 15 -3.92 -1.26 7.42
C GLU A 15 -3.41 -1.97 6.17
N THR A 16 -2.98 -3.21 6.34
CA THR A 16 -2.44 -3.99 5.23
C THR A 16 -3.53 -4.88 4.61
N TYR A 17 -3.46 -5.05 3.30
CA TYR A 17 -4.44 -5.88 2.60
C TYR A 17 -3.85 -6.44 1.30
N ASN A 18 -4.26 -7.65 0.94
CA ASN A 18 -3.77 -8.30 -0.27
C ASN A 18 -4.75 -8.09 -1.43
N VAL A 19 -4.20 -7.75 -2.59
CA VAL A 19 -5.03 -7.52 -3.78
C VAL A 19 -4.68 -8.52 -4.88
N GLU A 20 -5.66 -9.35 -5.24
CA GLU A 20 -5.46 -10.35 -6.29
C GLU A 20 -5.87 -9.80 -7.65
N LEU A 21 -4.93 -9.19 -8.35
CA LEU A 21 -5.20 -8.62 -9.66
C LEU A 21 -5.34 -9.72 -10.71
N VAL A 22 -6.27 -9.51 -11.65
CA VAL A 22 -6.51 -10.48 -12.72
C VAL A 22 -5.99 -9.97 -14.05
N ARG A 23 -5.32 -10.84 -14.79
CA ARG A 23 -4.78 -10.49 -16.09
C ARG A 23 -5.60 -11.09 -17.22
N LYS A 24 -6.26 -10.24 -17.98
CA LYS A 24 -7.10 -10.68 -19.10
C LYS A 24 -6.28 -11.49 -20.09
N ASP A 25 -6.94 -11.97 -21.15
CA ASP A 25 -6.27 -12.76 -22.17
C ASP A 25 -5.29 -11.90 -22.96
N GLY A 26 -4.11 -11.68 -22.38
CA GLY A 26 -3.09 -10.88 -23.05
C GLY A 26 -3.00 -9.48 -22.48
N GLN A 27 -3.09 -9.37 -21.16
CA GLN A 27 -3.02 -8.08 -20.49
C GLN A 27 -1.84 -8.03 -19.52
N SER A 28 -1.45 -6.82 -19.12
CA SER A 28 -0.33 -6.65 -18.20
C SER A 28 -0.81 -6.04 -16.88
N LEU A 29 0.08 -6.01 -15.90
CA LEU A 29 -0.25 -5.45 -14.59
C LEU A 29 -0.60 -3.97 -14.70
N GLY A 30 0.38 -3.15 -15.07
CA GLY A 30 0.15 -1.73 -15.21
C GLY A 30 0.28 -0.98 -13.89
N ILE A 31 1.40 -1.21 -13.20
CA ILE A 31 1.64 -0.56 -11.92
C ILE A 31 3.04 0.05 -11.87
N ARG A 32 3.09 1.38 -11.80
CA ARG A 32 4.37 2.08 -11.75
C ARG A 32 4.86 2.21 -10.31
N ILE A 33 6.09 1.76 -10.07
CA ILE A 33 6.67 1.82 -8.74
C ILE A 33 7.79 2.86 -8.67
N VAL A 34 8.24 3.17 -7.46
CA VAL A 34 9.31 4.14 -7.27
C VAL A 34 10.13 3.81 -6.03
N GLY A 35 11.44 4.03 -6.13
CA GLY A 35 12.33 3.75 -5.01
C GLY A 35 12.68 4.99 -4.22
N TYR A 36 11.92 5.25 -3.16
CA TYR A 36 12.15 6.42 -2.32
C TYR A 36 13.28 6.17 -1.32
N VAL A 37 14.22 7.10 -1.24
CA VAL A 37 15.35 6.97 -0.33
C VAL A 37 15.18 7.88 0.88
N GLY A 38 14.56 9.04 0.67
CA GLY A 38 14.35 9.98 1.75
C GLY A 38 15.64 10.59 2.25
N THR A 39 15.97 11.78 1.75
CA THR A 39 17.19 12.47 2.15
C THR A 39 17.37 12.43 3.67
N SER A 40 16.26 12.49 4.40
CA SER A 40 16.30 12.45 5.85
C SER A 40 16.67 11.06 6.36
N HIS A 41 16.23 10.04 5.63
CA HIS A 41 16.53 8.66 6.00
C HIS A 41 16.39 8.46 7.51
N THR A 42 15.38 9.09 8.10
CA THR A 42 15.15 8.99 9.53
C THR A 42 13.66 8.76 9.82
N GLY A 43 13.23 7.50 9.72
CA GLY A 43 11.85 7.17 9.98
C GLY A 43 10.89 7.94 9.09
N GLU A 44 11.32 8.23 7.87
CA GLU A 44 10.50 8.96 6.92
C GLU A 44 10.29 8.16 5.64
N ALA A 45 9.32 8.57 4.84
CA ALA A 45 9.02 7.89 3.59
C ALA A 45 10.29 7.32 2.95
N SER A 46 10.32 6.01 2.77
CA SER A 46 11.47 5.34 2.18
C SER A 46 11.14 3.90 1.83
N GLY A 47 11.12 3.59 0.53
CA GLY A 47 10.81 2.24 0.09
C GLY A 47 10.21 2.21 -1.29
N ILE A 48 9.12 1.49 -1.45
CA ILE A 48 8.44 1.38 -2.74
C ILE A 48 7.04 1.96 -2.69
N TYR A 49 6.77 2.91 -3.57
CA TYR A 49 5.46 3.55 -3.63
C TYR A 49 4.91 3.56 -5.05
N VAL A 50 3.59 3.44 -5.17
CA VAL A 50 2.94 3.43 -6.48
C VAL A 50 3.01 4.81 -7.14
N LYS A 51 4.02 5.00 -7.97
CA LYS A 51 4.20 6.27 -8.67
C LYS A 51 2.97 6.62 -9.50
N SER A 52 2.42 5.62 -10.19
CA SER A 52 1.24 5.83 -11.02
C SER A 52 0.58 4.49 -11.36
N VAL A 53 -0.58 4.57 -12.00
CA VAL A 53 -1.32 3.37 -12.39
C VAL A 53 -2.01 3.56 -13.73
N ILE A 54 -1.53 2.84 -14.74
CA ILE A 54 -2.11 2.92 -16.08
C ILE A 54 -3.62 2.70 -16.04
N PRO A 55 -4.37 3.67 -16.58
CA PRO A 55 -5.84 3.60 -16.63
C PRO A 55 -6.34 2.53 -17.60
N GLY A 56 -5.40 1.79 -18.19
CA GLY A 56 -5.77 0.75 -19.13
C GLY A 56 -5.15 -0.59 -18.78
N SER A 57 -5.07 -0.89 -17.49
CA SER A 57 -4.49 -2.14 -17.02
C SER A 57 -5.35 -2.75 -15.90
N ALA A 58 -5.10 -4.02 -15.61
CA ALA A 58 -5.83 -4.72 -14.57
C ALA A 58 -5.86 -3.91 -13.28
N ALA A 59 -4.68 -3.57 -12.77
CA ALA A 59 -4.57 -2.79 -11.54
C ALA A 59 -5.58 -1.64 -11.52
N TYR A 60 -5.87 -1.09 -12.70
CA TYR A 60 -6.82 0.00 -12.82
C TYR A 60 -8.26 -0.51 -12.77
N HIS A 61 -8.48 -1.67 -13.35
CA HIS A 61 -9.81 -2.28 -13.36
C HIS A 61 -10.21 -2.74 -11.97
N ASN A 62 -9.26 -3.32 -11.25
CA ASN A 62 -9.52 -3.81 -9.90
C ASN A 62 -10.01 -2.68 -9.00
N GLY A 63 -9.30 -1.56 -9.03
CA GLY A 63 -9.68 -0.43 -8.21
C GLY A 63 -9.27 -0.59 -6.76
N HIS A 64 -8.11 -1.22 -6.54
CA HIS A 64 -7.60 -1.44 -5.19
C HIS A 64 -6.22 -0.83 -5.02
N ILE A 65 -5.40 -0.95 -6.06
CA ILE A 65 -4.05 -0.40 -6.03
C ILE A 65 -3.97 0.95 -6.74
N GLN A 66 -3.62 1.98 -5.98
CA GLN A 66 -3.51 3.33 -6.54
C GLN A 66 -2.34 4.09 -5.91
N VAL A 67 -1.99 5.21 -6.51
CA VAL A 67 -0.89 6.04 -6.02
C VAL A 67 -1.01 6.26 -4.51
N ASN A 68 0.05 6.82 -3.92
CA ASN A 68 0.05 7.09 -2.48
C ASN A 68 -0.07 5.79 -1.68
N ASP A 69 0.53 4.73 -2.20
CA ASP A 69 0.49 3.43 -1.53
C ASP A 69 1.87 2.78 -1.53
N LYS A 70 2.30 2.29 -0.38
CA LYS A 70 3.59 1.64 -0.24
C LYS A 70 3.45 0.12 -0.36
N ILE A 71 4.34 -0.50 -1.12
CA ILE A 71 4.32 -1.94 -1.30
C ILE A 71 5.26 -2.64 -0.33
N VAL A 72 4.72 -3.55 0.48
CA VAL A 72 5.51 -4.28 1.45
C VAL A 72 5.80 -5.69 0.96
N ALA A 73 4.92 -6.22 0.12
CA ALA A 73 5.09 -7.56 -0.42
C ALA A 73 4.35 -7.71 -1.74
N VAL A 74 4.91 -8.51 -2.66
CA VAL A 74 4.30 -8.73 -3.96
C VAL A 74 4.19 -10.23 -4.25
N ASP A 75 2.96 -10.70 -4.40
CA ASP A 75 2.71 -12.11 -4.69
C ASP A 75 3.38 -13.00 -3.65
N GLY A 76 3.30 -12.58 -2.39
CA GLY A 76 3.91 -13.36 -1.32
C GLY A 76 5.42 -13.22 -1.28
N VAL A 77 5.92 -12.08 -1.74
CA VAL A 77 7.36 -11.83 -1.76
C VAL A 77 7.71 -10.57 -0.98
N ASN A 78 8.31 -10.75 0.19
CA ASN A 78 8.70 -9.64 1.05
C ASN A 78 9.76 -8.77 0.36
N ILE A 79 9.31 -7.75 -0.36
CA ILE A 79 10.21 -6.85 -1.06
C ILE A 79 10.67 -5.71 -0.15
N GLN A 80 10.35 -5.82 1.13
CA GLN A 80 10.73 -4.80 2.10
C GLN A 80 12.24 -4.55 2.07
N GLY A 81 12.67 -3.70 1.15
CA GLY A 81 14.08 -3.39 1.03
C GLY A 81 14.66 -3.83 -0.30
N PHE A 82 13.79 -4.04 -1.28
CA PHE A 82 14.23 -4.45 -2.61
C PHE A 82 14.59 -3.25 -3.48
N ALA A 83 15.29 -3.51 -4.58
CA ALA A 83 15.69 -2.45 -5.50
C ALA A 83 14.59 -2.15 -6.51
N ASN A 84 14.59 -0.92 -7.03
CA ASN A 84 13.60 -0.51 -8.00
C ASN A 84 13.39 -1.57 -9.06
N HIS A 85 14.49 -2.07 -9.62
CA HIS A 85 14.42 -3.11 -10.66
C HIS A 85 14.01 -4.44 -10.06
N ASP A 86 14.61 -4.80 -8.93
CA ASP A 86 14.31 -6.05 -8.26
C ASP A 86 12.80 -6.22 -8.06
N VAL A 87 12.11 -5.09 -7.94
CA VAL A 87 10.66 -5.11 -7.77
C VAL A 87 9.93 -5.26 -9.10
N VAL A 88 10.44 -4.58 -10.12
CA VAL A 88 9.85 -4.64 -11.44
C VAL A 88 9.76 -6.08 -11.94
N GLU A 89 10.88 -6.80 -11.86
CA GLU A 89 10.93 -8.19 -12.30
C GLU A 89 9.96 -9.04 -11.50
N VAL A 90 9.88 -8.79 -10.20
CA VAL A 90 8.98 -9.55 -9.32
C VAL A 90 7.55 -9.50 -9.84
N LEU A 91 7.11 -8.33 -10.28
CA LEU A 91 5.77 -8.16 -10.80
C LEU A 91 5.58 -8.94 -12.11
N ARG A 92 6.57 -8.83 -12.99
CA ARG A 92 6.52 -9.52 -14.27
C ARG A 92 6.44 -11.03 -14.07
N ASN A 93 7.25 -11.55 -13.15
CA ASN A 93 7.28 -12.97 -12.87
C ASN A 93 5.91 -13.46 -12.41
N ALA A 94 5.22 -12.64 -11.62
CA ALA A 94 3.90 -12.99 -11.12
C ALA A 94 2.98 -13.42 -12.26
N GLY A 95 2.13 -14.40 -11.99
CA GLY A 95 1.21 -14.89 -13.00
C GLY A 95 -0.13 -14.17 -12.95
N GLN A 96 -1.16 -14.80 -13.50
CA GLN A 96 -2.49 -14.23 -13.52
C GLN A 96 -2.87 -13.69 -12.15
N VAL A 97 -2.89 -14.57 -11.16
CA VAL A 97 -3.24 -14.19 -9.79
C VAL A 97 -2.09 -13.42 -9.12
N VAL A 98 -2.20 -12.10 -9.12
CA VAL A 98 -1.17 -11.26 -8.51
C VAL A 98 -1.65 -10.68 -7.18
N HIS A 99 -1.12 -11.23 -6.09
CA HIS A 99 -1.49 -10.76 -4.75
C HIS A 99 -0.57 -9.65 -4.29
N LEU A 100 -0.98 -8.41 -4.51
CA LEU A 100 -0.18 -7.25 -4.12
C LEU A 100 -0.47 -6.86 -2.68
N THR A 101 0.59 -6.72 -1.88
CA THR A 101 0.44 -6.35 -0.48
C THR A 101 0.81 -4.89 -0.26
N LEU A 102 -0.19 -4.09 0.07
CA LEU A 102 0.02 -2.67 0.32
C LEU A 102 -0.49 -2.26 1.70
N VAL A 103 0.03 -1.15 2.22
CA VAL A 103 -0.38 -0.66 3.53
C VAL A 103 -0.63 0.84 3.49
N ARG A 104 -1.88 1.23 3.69
CA ARG A 104 -2.26 2.64 3.68
C ARG A 104 -2.68 3.10 5.07
N ARG A 105 -2.59 4.41 5.32
CA ARG A 105 -2.97 4.96 6.60
C ARG A 105 -4.47 4.81 6.86
N LYS A 106 -4.82 4.32 8.03
CA LYS A 106 -6.22 4.12 8.40
C LYS A 106 -6.89 5.45 8.72
N THR A 107 -8.19 5.40 9.01
CA THR A 107 -8.94 6.61 9.33
C THR A 107 -9.52 6.53 10.73
N SER A 108 -10.08 5.38 11.08
CA SER A 108 -10.67 5.17 12.39
C SER A 108 -10.42 3.74 12.89
N SER A 109 -10.19 3.61 14.19
CA SER A 109 -9.94 2.31 14.80
C SER A 109 -11.19 1.45 14.77
N SER A 110 -11.18 0.41 13.92
CA SER A 110 -12.32 -0.48 13.80
C SER A 110 -11.91 -1.92 14.13
N THR A 111 -10.88 -2.41 13.44
CA THR A 111 -10.40 -3.77 13.67
C THR A 111 -8.91 -3.88 13.35
N SER A 112 -8.15 -4.38 14.30
CA SER A 112 -6.71 -4.54 14.11
C SER A 112 -6.41 -5.66 13.13
N PRO A 113 -5.37 -5.46 12.30
CA PRO A 113 -4.95 -6.44 11.30
C PRO A 113 -4.33 -7.68 11.92
N LEU A 114 -3.79 -8.55 11.08
CA LEU A 114 -3.17 -9.78 11.56
C LEU A 114 -1.65 -9.59 11.71
N GLU A 115 -1.02 -9.05 10.67
CA GLU A 115 0.42 -8.82 10.71
C GLU A 115 0.76 -7.43 10.17
N PRO A 116 0.45 -6.40 10.98
CA PRO A 116 0.72 -5.00 10.60
C PRO A 116 2.21 -4.68 10.58
N PRO A 117 2.62 -3.89 9.58
CA PRO A 117 4.02 -3.48 9.43
C PRO A 117 4.48 -2.52 10.52
N SER A 118 5.75 -2.13 10.46
CA SER A 118 6.31 -1.22 11.45
C SER A 118 6.68 0.12 10.81
N ASP A 119 6.01 1.18 11.23
CA ASP A 119 6.27 2.51 10.70
C ASP A 119 5.47 3.57 11.46
N ARG A 120 5.73 4.83 11.16
CA ARG A 120 5.04 5.93 11.83
C ARG A 120 4.34 6.82 10.80
N GLY A 121 3.42 7.66 11.29
CA GLY A 121 2.69 8.55 10.40
C GLY A 121 3.24 9.96 10.42
N THR A 122 3.02 10.70 9.34
CA THR A 122 3.50 12.07 9.23
C THR A 122 2.51 12.95 8.49
N VAL A 123 2.79 14.25 8.42
CA VAL A 123 1.92 15.20 7.74
C VAL A 123 2.57 15.71 6.46
N SER A 124 1.84 15.61 5.35
CA SER A 124 2.35 16.07 4.07
C SER A 124 1.26 16.00 3.00
N GLY A 125 1.39 16.85 1.98
CA GLY A 125 0.41 16.88 0.91
C GLY A 125 1.04 16.87 -0.46
N PRO A 126 0.43 16.15 -1.41
CA PRO A 126 0.92 16.05 -2.78
C PRO A 126 0.77 17.36 -3.55
N SER A 127 -0.30 18.08 -3.26
CA SER A 127 -0.56 19.35 -3.93
C SER A 127 -0.46 19.20 -5.44
N SER A 128 -0.92 18.07 -5.95
CA SER A 128 -0.88 17.79 -7.39
C SER A 128 -2.02 18.50 -8.11
N GLY A 129 -3.23 18.41 -7.54
CA GLY A 129 -4.38 19.05 -8.15
C GLY A 129 -4.54 20.49 -7.70
N GLY A 1 -25.01 -0.68 25.03
CA GLY A 1 -23.91 -1.56 25.38
C GLY A 1 -22.93 -0.91 26.34
N SER A 2 -22.09 -1.72 26.97
CA SER A 2 -21.10 -1.22 27.91
C SER A 2 -19.93 -0.58 27.19
N SER A 3 -19.90 0.76 27.17
CA SER A 3 -18.84 1.49 26.50
C SER A 3 -18.26 2.57 27.41
N GLY A 4 -17.01 2.94 27.17
CA GLY A 4 -16.36 3.96 27.98
C GLY A 4 -14.88 4.06 27.72
N SER A 5 -14.49 4.95 26.83
CA SER A 5 -13.09 5.14 26.49
C SER A 5 -12.28 5.56 27.71
N SER A 6 -11.62 4.58 28.34
CA SER A 6 -10.82 4.85 29.52
C SER A 6 -9.33 4.85 29.18
N GLY A 7 -8.85 5.98 28.66
CA GLY A 7 -7.46 6.09 28.30
C GLY A 7 -7.26 6.34 26.81
N GLY A 8 -6.07 6.03 26.31
CA GLY A 8 -5.78 6.23 24.91
C GLY A 8 -4.69 5.29 24.41
N SER A 9 -4.93 4.67 23.26
CA SER A 9 -3.96 3.76 22.66
C SER A 9 -4.01 3.81 21.14
N ASP A 10 -2.99 3.26 20.50
CA ASP A 10 -2.91 3.24 19.05
C ASP A 10 -1.79 2.32 18.57
N SER A 11 -2.17 1.21 17.95
CA SER A 11 -1.20 0.24 17.45
C SER A 11 -1.36 0.04 15.95
N SER A 12 -0.29 -0.39 15.29
CA SER A 12 -0.31 -0.62 13.85
C SER A 12 -1.22 0.40 13.15
N LEU A 13 -0.96 1.67 13.38
CA LEU A 13 -1.75 2.74 12.78
C LEU A 13 -2.09 2.40 11.33
N PHE A 14 -1.21 1.67 10.66
CA PHE A 14 -1.41 1.27 9.28
C PHE A 14 -1.90 -0.17 9.19
N GLU A 15 -2.75 -0.45 8.21
CA GLU A 15 -3.28 -1.79 8.02
C GLU A 15 -2.88 -2.35 6.66
N THR A 16 -2.54 -3.63 6.62
CA THR A 16 -2.14 -4.28 5.38
C THR A 16 -3.26 -5.14 4.81
N TYR A 17 -3.46 -5.06 3.50
CA TYR A 17 -4.50 -5.82 2.84
C TYR A 17 -3.99 -6.44 1.53
N ASN A 18 -4.50 -7.61 1.18
CA ASN A 18 -4.10 -8.29 -0.03
C ASN A 18 -5.09 -8.05 -1.16
N VAL A 19 -4.57 -7.69 -2.33
CA VAL A 19 -5.42 -7.43 -3.49
C VAL A 19 -5.10 -8.38 -4.63
N GLU A 20 -6.06 -9.24 -4.96
CA GLU A 20 -5.90 -10.21 -6.05
C GLU A 20 -6.31 -9.61 -7.38
N LEU A 21 -5.32 -9.37 -8.24
CA LEU A 21 -5.58 -8.80 -9.56
C LEU A 21 -5.67 -9.89 -10.62
N VAL A 22 -6.55 -9.69 -11.60
CA VAL A 22 -6.73 -10.65 -12.67
C VAL A 22 -6.11 -10.15 -13.97
N ARG A 23 -5.41 -11.03 -14.67
CA ARG A 23 -4.77 -10.69 -15.93
C ARG A 23 -5.44 -11.40 -17.10
N LYS A 24 -6.22 -10.66 -17.87
CA LYS A 24 -6.91 -11.22 -19.03
C LYS A 24 -5.95 -11.98 -19.92
N ASP A 25 -6.49 -12.60 -20.97
CA ASP A 25 -5.67 -13.36 -21.91
C ASP A 25 -4.72 -12.45 -22.67
N GLY A 26 -3.61 -12.08 -22.04
CA GLY A 26 -2.64 -11.22 -22.68
C GLY A 26 -2.67 -9.81 -22.13
N GLN A 27 -2.81 -9.70 -20.81
CA GLN A 27 -2.86 -8.39 -20.17
C GLN A 27 -1.79 -8.26 -19.09
N SER A 28 -1.02 -7.19 -19.15
CA SER A 28 0.05 -6.96 -18.18
C SER A 28 -0.49 -6.30 -16.92
N LEU A 29 0.38 -6.13 -15.93
CA LEU A 29 -0.01 -5.51 -14.66
C LEU A 29 -0.35 -4.03 -14.87
N GLY A 30 0.67 -3.23 -15.15
CA GLY A 30 0.47 -1.81 -15.36
C GLY A 30 0.57 -1.01 -14.08
N ILE A 31 1.58 -1.32 -13.26
CA ILE A 31 1.77 -0.64 -12.00
C ILE A 31 3.20 -0.10 -11.89
N ARG A 32 3.33 1.23 -11.87
CA ARG A 32 4.63 1.86 -11.77
C ARG A 32 5.02 2.09 -10.31
N ILE A 33 6.27 1.82 -9.97
CA ILE A 33 6.76 2.00 -8.61
C ILE A 33 7.82 3.10 -8.55
N VAL A 34 8.12 3.54 -7.33
CA VAL A 34 9.11 4.58 -7.13
C VAL A 34 10.03 4.25 -5.95
N GLY A 35 11.27 4.71 -6.03
CA GLY A 35 12.22 4.47 -4.96
C GLY A 35 12.43 5.68 -4.07
N TYR A 36 11.86 5.63 -2.87
CA TYR A 36 11.99 6.73 -1.93
C TYR A 36 13.18 6.53 -1.00
N VAL A 37 13.74 7.63 -0.50
CA VAL A 37 14.88 7.58 0.38
C VAL A 37 14.66 8.43 1.63
N GLY A 38 13.89 9.50 1.47
CA GLY A 38 13.60 10.39 2.58
C GLY A 38 14.76 11.31 2.90
N THR A 39 15.18 12.10 1.91
CA THR A 39 16.29 13.03 2.09
C THR A 39 15.97 14.07 3.16
N SER A 40 14.75 14.61 3.09
CA SER A 40 14.31 15.62 4.05
C SER A 40 14.47 15.13 5.48
N HIS A 41 14.68 16.06 6.40
CA HIS A 41 14.85 15.72 7.81
C HIS A 41 13.52 15.77 8.55
N THR A 42 12.44 15.41 7.84
CA THR A 42 11.11 15.43 8.43
C THR A 42 10.31 14.21 8.00
N GLY A 43 9.63 13.58 8.95
CA GLY A 43 8.83 12.40 8.65
C GLY A 43 9.57 11.42 7.76
N GLU A 44 10.44 10.62 8.35
CA GLU A 44 11.22 9.64 7.61
C GLU A 44 10.31 8.85 6.66
N ALA A 45 10.43 9.13 5.37
CA ALA A 45 9.64 8.44 4.36
C ALA A 45 10.52 7.72 3.35
N SER A 46 10.66 6.41 3.54
CA SER A 46 11.49 5.60 2.65
C SER A 46 10.80 4.28 2.32
N GLY A 47 10.82 3.91 1.05
CA GLY A 47 10.19 2.68 0.61
C GLY A 47 9.72 2.73 -0.82
N ILE A 48 9.01 1.69 -1.25
CA ILE A 48 8.49 1.63 -2.61
C ILE A 48 7.03 2.08 -2.67
N TYR A 49 6.77 3.10 -3.46
CA TYR A 49 5.41 3.63 -3.61
C TYR A 49 4.96 3.60 -5.07
N VAL A 50 3.66 3.52 -5.28
CA VAL A 50 3.11 3.49 -6.63
C VAL A 50 3.25 4.83 -7.31
N LYS A 51 4.18 4.91 -8.26
CA LYS A 51 4.41 6.15 -9.00
C LYS A 51 3.24 6.47 -9.92
N SER A 52 2.72 5.45 -10.60
CA SER A 52 1.60 5.63 -11.51
C SER A 52 0.95 4.29 -11.83
N VAL A 53 -0.23 4.35 -12.45
CA VAL A 53 -0.96 3.14 -12.82
C VAL A 53 -1.61 3.29 -14.19
N ILE A 54 -1.14 2.52 -15.16
CA ILE A 54 -1.68 2.57 -16.51
C ILE A 54 -3.18 2.29 -16.51
N PRO A 55 -3.93 3.11 -17.27
CA PRO A 55 -5.39 2.97 -17.38
C PRO A 55 -5.80 1.72 -18.15
N GLY A 56 -7.05 1.32 -17.99
CA GLY A 56 -7.56 0.14 -18.67
C GLY A 56 -6.69 -1.08 -18.42
N SER A 57 -6.07 -1.14 -17.25
CA SER A 57 -5.21 -2.25 -16.89
C SER A 57 -5.79 -3.03 -15.71
N ALA A 58 -5.07 -4.05 -15.27
CA ALA A 58 -5.50 -4.87 -14.15
C ALA A 58 -5.56 -4.06 -12.86
N ALA A 59 -4.50 -3.32 -12.58
CA ALA A 59 -4.44 -2.51 -11.38
C ALA A 59 -5.50 -1.42 -11.40
N TYR A 60 -5.52 -0.63 -12.47
CA TYR A 60 -6.49 0.45 -12.61
C TYR A 60 -7.93 -0.09 -12.52
N HIS A 61 -8.24 -1.06 -13.38
CA HIS A 61 -9.56 -1.66 -13.39
C HIS A 61 -10.01 -2.04 -11.98
N ASN A 62 -9.16 -2.79 -11.28
CA ASN A 62 -9.47 -3.22 -9.92
C ASN A 62 -9.92 -2.05 -9.07
N GLY A 63 -9.12 -0.99 -9.06
CA GLY A 63 -9.44 0.19 -8.28
C GLY A 63 -9.04 0.05 -6.83
N HIS A 64 -7.93 -0.65 -6.59
CA HIS A 64 -7.44 -0.85 -5.23
C HIS A 64 -5.97 -0.47 -5.12
N ILE A 65 -5.24 -0.63 -6.23
CA ILE A 65 -3.82 -0.30 -6.25
C ILE A 65 -3.55 0.87 -7.19
N GLN A 66 -3.29 2.04 -6.60
CA GLN A 66 -3.02 3.24 -7.38
C GLN A 66 -2.02 4.14 -6.66
N VAL A 67 -1.65 5.24 -7.30
CA VAL A 67 -0.71 6.19 -6.72
C VAL A 67 -1.01 6.43 -5.24
N ASN A 68 -0.03 6.96 -4.52
CA ASN A 68 -0.18 7.23 -3.10
C ASN A 68 -0.39 5.94 -2.31
N ASP A 69 0.44 4.94 -2.61
CA ASP A 69 0.35 3.66 -1.93
C ASP A 69 1.73 3.03 -1.77
N LYS A 70 1.95 2.38 -0.63
CA LYS A 70 3.23 1.73 -0.37
C LYS A 70 3.10 0.21 -0.45
N ILE A 71 3.95 -0.40 -1.28
CA ILE A 71 3.92 -1.85 -1.45
C ILE A 71 4.99 -2.52 -0.58
N VAL A 72 4.55 -3.52 0.19
CA VAL A 72 5.47 -4.25 1.06
C VAL A 72 5.77 -5.64 0.52
N ALA A 73 4.79 -6.22 -0.17
CA ALA A 73 4.95 -7.55 -0.75
C ALA A 73 4.15 -7.68 -2.04
N VAL A 74 4.77 -8.26 -3.06
CA VAL A 74 4.11 -8.45 -4.35
C VAL A 74 3.73 -9.91 -4.56
N ASP A 75 2.43 -10.17 -4.66
CA ASP A 75 1.94 -11.53 -4.87
C ASP A 75 2.55 -12.48 -3.86
N GLY A 76 2.76 -12.00 -2.64
CA GLY A 76 3.34 -12.83 -1.60
C GLY A 76 4.82 -12.59 -1.42
N VAL A 77 5.47 -12.08 -2.47
CA VAL A 77 6.90 -11.81 -2.42
C VAL A 77 7.19 -10.58 -1.56
N ASN A 78 7.79 -10.82 -0.40
CA ASN A 78 8.13 -9.73 0.52
C ASN A 78 9.24 -8.86 -0.05
N ILE A 79 8.84 -7.82 -0.78
CA ILE A 79 9.80 -6.90 -1.39
C ILE A 79 10.28 -5.86 -0.38
N GLN A 80 10.10 -6.15 0.90
CA GLN A 80 10.51 -5.24 1.96
C GLN A 80 12.01 -4.94 1.86
N GLY A 81 12.35 -3.89 1.13
CA GLY A 81 13.74 -3.51 0.97
C GLY A 81 14.32 -3.98 -0.34
N PHE A 82 13.47 -4.09 -1.36
CA PHE A 82 13.91 -4.54 -2.68
C PHE A 82 14.33 -3.35 -3.54
N ALA A 83 15.33 -3.57 -4.40
CA ALA A 83 15.82 -2.52 -5.27
C ALA A 83 14.79 -2.16 -6.34
N ASN A 84 14.65 -0.87 -6.61
CA ASN A 84 13.68 -0.40 -7.60
C ASN A 84 13.56 -1.40 -8.74
N HIS A 85 14.70 -1.91 -9.21
CA HIS A 85 14.72 -2.88 -10.29
C HIS A 85 14.22 -4.24 -9.82
N ASP A 86 14.74 -4.70 -8.69
CA ASP A 86 14.35 -5.98 -8.13
C ASP A 86 12.84 -6.12 -8.09
N VAL A 87 12.15 -5.02 -7.78
CA VAL A 87 10.70 -5.02 -7.71
C VAL A 87 10.07 -5.16 -9.09
N VAL A 88 10.68 -4.50 -10.07
CA VAL A 88 10.19 -4.54 -11.45
C VAL A 88 10.11 -5.97 -11.95
N GLU A 89 11.23 -6.69 -11.87
CA GLU A 89 11.28 -8.07 -12.32
C GLU A 89 10.25 -8.92 -11.58
N VAL A 90 10.09 -8.65 -10.28
CA VAL A 90 9.14 -9.40 -9.47
C VAL A 90 7.73 -9.34 -10.05
N LEU A 91 7.35 -8.15 -10.51
CA LEU A 91 6.02 -7.96 -11.10
C LEU A 91 5.86 -8.78 -12.37
N ARG A 92 6.86 -8.72 -13.25
CA ARG A 92 6.84 -9.46 -14.50
C ARG A 92 6.69 -10.95 -14.24
N ASN A 93 7.43 -11.44 -13.25
CA ASN A 93 7.39 -12.86 -12.90
C ASN A 93 5.98 -13.29 -12.50
N ALA A 94 5.31 -12.42 -11.74
CA ALA A 94 3.96 -12.71 -11.28
C ALA A 94 3.08 -13.21 -12.43
N GLY A 95 2.08 -14.01 -12.11
CA GLY A 95 1.20 -14.56 -13.11
C GLY A 95 -0.20 -13.96 -13.04
N GLN A 96 -1.19 -14.71 -13.51
CA GLN A 96 -2.57 -14.25 -13.50
C GLN A 96 -2.97 -13.77 -12.10
N VAL A 97 -2.91 -14.67 -11.13
CA VAL A 97 -3.27 -14.33 -9.76
C VAL A 97 -2.15 -13.56 -9.08
N VAL A 98 -2.31 -12.24 -9.01
CA VAL A 98 -1.31 -11.38 -8.38
C VAL A 98 -1.86 -10.73 -7.12
N HIS A 99 -1.39 -11.19 -5.96
CA HIS A 99 -1.83 -10.64 -4.68
C HIS A 99 -0.94 -9.50 -4.23
N LEU A 100 -1.39 -8.28 -4.46
CA LEU A 100 -0.62 -7.09 -4.08
C LEU A 100 -0.80 -6.79 -2.60
N THR A 101 0.32 -6.59 -1.90
CA THR A 101 0.30 -6.30 -0.48
C THR A 101 0.62 -4.83 -0.21
N LEU A 102 -0.38 -4.08 0.20
CA LEU A 102 -0.22 -2.66 0.49
C LEU A 102 -0.57 -2.35 1.94
N VAL A 103 -0.12 -1.20 2.42
CA VAL A 103 -0.38 -0.78 3.79
C VAL A 103 -0.69 0.72 3.86
N ARG A 104 -1.96 1.03 4.11
CA ARG A 104 -2.40 2.43 4.20
C ARG A 104 -2.72 2.81 5.64
N ARG A 105 -2.81 4.10 5.90
CA ARG A 105 -3.11 4.59 7.24
C ARG A 105 -4.57 4.33 7.60
N LYS A 106 -4.79 3.78 8.79
CA LYS A 106 -6.14 3.47 9.26
C LYS A 106 -6.84 4.74 9.73
N THR A 107 -8.13 4.62 10.02
CA THR A 107 -8.93 5.75 10.49
C THR A 107 -9.19 5.66 12.00
N SER A 108 -9.41 6.80 12.62
CA SER A 108 -9.68 6.85 14.06
C SER A 108 -10.64 5.74 14.47
N SER A 109 -11.78 5.67 13.79
CA SER A 109 -12.79 4.67 14.08
C SER A 109 -12.15 3.28 14.21
N SER A 110 -12.67 2.48 15.14
CA SER A 110 -12.16 1.14 15.37
C SER A 110 -10.66 1.18 15.69
N THR A 111 -10.28 2.13 16.54
CA THR A 111 -8.89 2.28 16.93
C THR A 111 -8.45 1.13 17.84
N SER A 112 -7.15 0.84 17.85
CA SER A 112 -6.62 -0.23 18.68
C SER A 112 -7.21 -0.20 20.08
N PRO A 113 -7.44 -1.38 20.66
CA PRO A 113 -8.01 -1.51 22.00
C PRO A 113 -7.05 -1.05 23.09
N LEU A 114 -7.46 -1.22 24.35
CA LEU A 114 -6.64 -0.82 25.48
C LEU A 114 -5.42 -1.74 25.62
N GLU A 115 -5.66 -3.04 25.47
CA GLU A 115 -4.59 -4.02 25.57
C GLU A 115 -4.64 -5.01 24.41
N PRO A 116 -4.23 -4.54 23.22
CA PRO A 116 -4.22 -5.37 22.01
C PRO A 116 -3.15 -6.46 22.06
N PRO A 117 -3.25 -7.43 21.14
CA PRO A 117 -2.30 -8.53 21.05
C PRO A 117 -0.91 -8.09 20.59
N SER A 118 0.12 -8.56 21.29
CA SER A 118 1.50 -8.19 20.96
C SER A 118 1.70 -6.69 21.02
N ASP A 119 1.23 -6.09 22.12
CA ASP A 119 1.36 -4.65 22.30
C ASP A 119 2.73 -4.30 22.87
N ARG A 120 3.20 -3.08 22.57
CA ARG A 120 4.50 -2.63 23.05
C ARG A 120 4.68 -1.14 22.77
N GLY A 121 5.51 -0.48 23.59
CA GLY A 121 5.75 0.93 23.42
C GLY A 121 5.99 1.65 24.72
N THR A 122 5.10 1.45 25.68
CA THR A 122 5.22 2.07 26.99
C THR A 122 6.01 3.37 26.91
N VAL A 123 5.67 4.21 25.93
CA VAL A 123 6.34 5.49 25.75
C VAL A 123 5.68 6.58 26.57
N SER A 124 6.32 7.74 26.61
CA SER A 124 5.80 8.88 27.38
C SER A 124 4.78 9.65 26.56
N GLY A 125 3.53 9.64 27.03
CA GLY A 125 2.47 10.34 26.34
C GLY A 125 1.17 10.33 27.11
N PRO A 126 0.79 11.49 27.66
CA PRO A 126 -0.45 11.65 28.44
C PRO A 126 -1.70 11.55 27.57
N SER A 127 -1.50 11.67 26.26
CA SER A 127 -2.62 11.60 25.32
C SER A 127 -2.24 10.75 24.10
N SER A 128 -3.25 10.26 23.40
CA SER A 128 -3.03 9.44 22.21
C SER A 128 -3.06 10.28 20.95
N GLY A 129 -4.20 10.92 20.69
CA GLY A 129 -4.33 11.76 19.51
C GLY A 129 -5.71 11.67 18.89
#